data_8SBL
#
_entry.id   8SBL
#
_cell.length_a   109.512
_cell.length_b   76.193
_cell.length_c   111.779
_cell.angle_alpha   90.00
_cell.angle_beta   109.76
_cell.angle_gamma   90.00
#
_symmetry.space_group_name_H-M   'P 1 21 1'
#
loop_
_entity.id
_entity.type
_entity.pdbx_description
1 polymer 'MHC class I antigen'
2 polymer Beta-2-microglobulin
3 polymer LEU-TYR-LEU-PRO-VAL-ARG-VAL-LEU-ILE
#
loop_
_entity_poly.entity_id
_entity_poly.type
_entity_poly.pdbx_seq_one_letter_code
_entity_poly.pdbx_strand_id
1 'polypeptide(L)'
;MASGSHSMRYFSTSVSRPGRGEPRFIAVGYVDDTQFVRFDSDAASQRMEPRAPWIEQEGPEYWDEETGKVKAHSQTDREN
LRIALRYYNQSEAGSHTLQMMFGCDVGSDGRFLRGYHQYAYDGKDYIALKEDLRSWTAADMAAQITKRKWEAAHVAEQQR
AYLEGTCVDGLRRYLENGKETLQRTDPPKTHMTHHPISDHEATLRCWALGFYPAEITLTWQRDGEDQTQDTELVETRPAG
DGTFQKWAAVVVPSGEEQRYTCHVQHEGLPKPLTLRWEPSSQP
;
A,D,G,J
2 'polypeptide(L)'
;MIQRTPKIQVYSRHPAENGKSNFLNCYVSGFHPSDIEVDLLKNGERIEKVEHSDLSFSKDWSFYLLYYTEFTPTEKDEYA
CRVNHVTLSQPKIVKWDRDM
;
B,E,H,K
3 'polypeptide(L)' LYLPVRVLI C,F,I,L
#
# COMPACT_ATOMS: atom_id res chain seq x y z
N GLY A 4 -8.09 -58.13 -22.11
CA GLY A 4 -7.40 -57.04 -22.78
C GLY A 4 -8.06 -56.56 -24.07
N SER A 5 -9.36 -56.28 -23.97
CA SER A 5 -10.17 -55.72 -25.03
C SER A 5 -10.08 -54.19 -25.05
N HIS A 6 -10.40 -53.59 -26.19
CA HIS A 6 -10.27 -52.14 -26.38
C HIS A 6 -11.56 -51.57 -26.97
N SER A 7 -11.62 -50.24 -27.09
CA SER A 7 -12.84 -49.54 -27.50
C SER A 7 -12.50 -48.22 -28.18
N MET A 8 -13.35 -47.83 -29.13
CA MET A 8 -13.29 -46.53 -29.77
C MET A 8 -14.70 -45.97 -29.78
N ARG A 9 -14.83 -44.76 -29.26
CA ARG A 9 -16.17 -44.16 -29.09
C ARG A 9 -16.17 -42.75 -29.66
N TYR A 10 -17.34 -42.24 -29.98
CA TYR A 10 -17.48 -40.96 -30.64
C TYR A 10 -18.79 -40.35 -30.17
N PHE A 11 -18.71 -39.21 -29.50
CA PHE A 11 -19.85 -38.63 -28.81
C PHE A 11 -20.19 -37.28 -29.43
N SER A 12 -21.41 -37.15 -29.95
CA SER A 12 -21.84 -35.93 -30.58
C SER A 12 -23.02 -35.31 -29.83
N THR A 13 -23.11 -33.98 -29.87
CA THR A 13 -24.11 -33.23 -29.10
C THR A 13 -24.59 -32.06 -29.93
N SER A 14 -25.85 -32.11 -30.40
CA SER A 14 -26.46 -30.93 -31.02
C SER A 14 -27.39 -30.23 -30.05
N VAL A 15 -27.15 -28.94 -29.87
CA VAL A 15 -27.87 -28.09 -28.92
C VAL A 15 -28.42 -26.90 -29.71
N SER A 16 -29.72 -26.91 -29.97
CA SER A 16 -30.31 -25.80 -30.68
C SER A 16 -30.31 -24.57 -29.80
N ARG A 17 -30.18 -23.42 -30.42
CA ARG A 17 -30.23 -22.13 -29.73
C ARG A 17 -31.23 -21.26 -30.48
N PRO A 18 -32.52 -21.43 -30.20
CA PRO A 18 -33.53 -20.66 -30.94
C PRO A 18 -33.36 -19.18 -30.70
N GLY A 19 -33.64 -18.39 -31.74
CA GLY A 19 -33.46 -16.96 -31.69
C GLY A 19 -32.01 -16.57 -31.88
N ARG A 20 -31.10 -17.36 -31.27
CA ARG A 20 -29.65 -17.17 -31.39
C ARG A 20 -29.19 -17.85 -32.68
N GLY A 21 -27.99 -18.41 -32.70
CA GLY A 21 -27.42 -18.80 -33.98
C GLY A 21 -28.02 -20.04 -34.62
N GLU A 22 -27.21 -20.76 -35.38
CA GLU A 22 -27.54 -22.10 -35.83
C GLU A 22 -27.25 -23.04 -34.65
N PRO A 23 -27.71 -24.30 -34.69
CA PRO A 23 -27.46 -25.19 -33.54
C PRO A 23 -25.98 -25.50 -33.35
N ARG A 24 -25.52 -25.42 -32.10
CA ARG A 24 -24.13 -25.74 -31.79
C ARG A 24 -23.90 -27.24 -31.80
N PHE A 25 -22.75 -27.65 -32.31
CA PHE A 25 -22.43 -29.05 -32.52
C PHE A 25 -21.05 -29.31 -31.97
N ILE A 26 -20.99 -30.14 -30.94
CA ILE A 26 -19.67 -30.56 -30.41
C ILE A 26 -19.59 -32.07 -30.60
N ALA A 27 -18.39 -32.62 -30.75
CA ALA A 27 -18.15 -34.01 -31.11
C ALA A 27 -16.74 -34.37 -30.69
N VAL A 28 -16.57 -35.53 -30.06
CA VAL A 28 -15.30 -35.95 -29.47
C VAL A 28 -15.08 -37.43 -29.75
N GLY A 29 -13.82 -37.82 -29.97
CA GLY A 29 -13.47 -39.22 -30.22
C GLY A 29 -12.47 -39.77 -29.22
N TYR A 30 -12.70 -41.00 -28.78
CA TYR A 30 -11.88 -41.64 -27.77
C TYR A 30 -11.42 -43.03 -28.22
N VAL A 31 -10.19 -43.38 -27.88
CA VAL A 31 -9.78 -44.77 -27.86
C VAL A 31 -9.54 -45.07 -26.40
N ASP A 32 -10.27 -46.05 -25.87
CA ASP A 32 -10.31 -46.32 -24.43
C ASP A 32 -10.70 -45.02 -23.74
N ASP A 33 -9.98 -44.58 -22.72
CA ASP A 33 -10.26 -43.35 -21.98
C ASP A 33 -9.40 -42.18 -22.45
N THR A 34 -8.88 -42.22 -23.67
CA THR A 34 -8.00 -41.19 -24.20
C THR A 34 -8.69 -40.51 -25.37
N GLN A 35 -9.20 -39.29 -25.17
CA GLN A 35 -9.67 -38.50 -26.31
C GLN A 35 -8.54 -38.22 -27.27
N PHE A 36 -8.82 -38.33 -28.57
CA PHE A 36 -7.82 -38.02 -29.58
C PHE A 36 -8.26 -37.01 -30.62
N VAL A 37 -9.55 -36.74 -30.77
CA VAL A 37 -10.03 -35.76 -31.73
C VAL A 37 -11.18 -34.99 -31.10
N ARG A 38 -11.50 -33.86 -31.72
CA ARG A 38 -12.69 -33.10 -31.38
C ARG A 38 -13.03 -32.19 -32.55
N PHE A 39 -14.28 -31.74 -32.58
CA PHE A 39 -14.71 -30.77 -33.56
C PHE A 39 -15.82 -29.94 -32.96
N ASP A 40 -15.93 -28.69 -33.41
CA ASP A 40 -16.78 -27.72 -32.75
C ASP A 40 -17.32 -26.80 -33.82
N SER A 41 -18.64 -26.70 -33.88
CA SER A 41 -19.24 -25.87 -34.91
C SER A 41 -19.06 -24.39 -34.61
N ASP A 42 -18.74 -24.04 -33.37
CA ASP A 42 -18.39 -22.68 -32.99
C ASP A 42 -16.91 -22.36 -33.14
N ALA A 43 -16.11 -23.34 -33.51
CA ALA A 43 -14.68 -23.14 -33.65
C ALA A 43 -14.36 -22.39 -34.94
N ALA A 44 -13.30 -21.56 -34.86
CA ALA A 44 -12.81 -20.81 -36.02
C ALA A 44 -12.38 -21.74 -37.15
N SER A 45 -11.43 -22.65 -36.87
CA SER A 45 -10.84 -23.53 -37.88
C SER A 45 -11.88 -24.19 -38.77
N GLN A 46 -13.01 -24.64 -38.21
CA GLN A 46 -14.01 -25.44 -38.91
C GLN A 46 -13.42 -26.74 -39.40
N ARG A 47 -12.46 -27.28 -38.66
CA ARG A 47 -11.81 -28.54 -38.97
C ARG A 47 -11.99 -29.49 -37.81
N MET A 48 -11.99 -30.79 -38.12
CA MET A 48 -11.77 -31.81 -37.11
C MET A 48 -10.33 -31.66 -36.61
N GLU A 49 -10.14 -31.66 -35.29
CA GLU A 49 -8.86 -31.32 -34.71
C GLU A 49 -8.23 -32.48 -33.95
N PRO A 50 -6.91 -32.44 -33.70
CA PRO A 50 -6.27 -33.51 -32.94
C PRO A 50 -6.11 -33.14 -31.48
N ARG A 51 -6.20 -34.14 -30.58
CA ARG A 51 -6.09 -33.93 -29.14
C ARG A 51 -5.22 -34.97 -28.46
N ALA A 52 -4.47 -35.78 -29.22
CA ALA A 52 -3.53 -36.78 -28.73
C ALA A 52 -2.31 -36.76 -29.65
N PRO A 53 -1.13 -37.10 -29.13
CA PRO A 53 0.06 -37.05 -30.01
C PRO A 53 -0.05 -38.00 -31.19
N TRP A 54 -0.42 -39.26 -30.95
CA TRP A 54 -0.39 -40.35 -31.93
C TRP A 54 -1.35 -40.18 -33.08
N ILE A 55 -2.31 -39.27 -32.97
CA ILE A 55 -3.21 -38.99 -34.08
C ILE A 55 -2.59 -37.94 -34.99
N GLU A 56 -1.78 -37.03 -34.42
CA GLU A 56 -1.16 -35.96 -35.21
C GLU A 56 -0.36 -36.53 -36.38
N GLN A 57 0.23 -37.71 -36.21
CA GLN A 57 1.04 -38.30 -37.25
C GLN A 57 0.20 -38.85 -38.40
N GLU A 58 -0.95 -38.23 -38.65
CA GLU A 58 -1.88 -38.72 -39.66
C GLU A 58 -1.97 -37.73 -40.81
N GLY A 59 -2.05 -38.28 -42.03
CA GLY A 59 -1.90 -37.52 -43.24
C GLY A 59 -2.91 -36.40 -43.39
N PRO A 60 -2.60 -35.44 -44.25
CA PRO A 60 -3.63 -34.46 -44.61
C PRO A 60 -4.83 -35.11 -45.30
N GLU A 61 -4.63 -36.31 -45.86
CA GLU A 61 -5.75 -37.08 -46.38
C GLU A 61 -6.78 -37.29 -45.28
N TYR A 62 -6.32 -37.82 -44.14
CA TYR A 62 -7.14 -38.13 -42.97
C TYR A 62 -7.98 -36.94 -42.53
N TRP A 63 -7.30 -35.84 -42.21
CA TRP A 63 -7.99 -34.69 -41.62
C TRP A 63 -9.00 -34.09 -42.57
N ASP A 64 -8.72 -34.12 -43.87
CA ASP A 64 -9.71 -33.71 -44.86
C ASP A 64 -10.97 -34.56 -44.74
N GLU A 65 -10.82 -35.90 -44.74
CA GLU A 65 -11.97 -36.82 -44.76
C GLU A 65 -12.69 -36.83 -43.43
N GLU A 66 -11.94 -36.72 -42.34
CA GLU A 66 -12.59 -36.66 -41.04
C GLU A 66 -13.37 -35.36 -40.89
N THR A 67 -12.77 -34.23 -41.28
CA THR A 67 -13.53 -32.98 -41.31
C THR A 67 -14.77 -33.10 -42.18
N GLY A 68 -14.75 -33.94 -43.21
CA GLY A 68 -15.91 -34.07 -44.07
C GLY A 68 -17.08 -34.71 -43.36
N LYS A 69 -16.85 -35.87 -42.74
CA LYS A 69 -17.92 -36.65 -42.15
C LYS A 69 -18.47 -35.97 -40.90
N VAL A 70 -17.59 -35.37 -40.09
CA VAL A 70 -18.04 -34.62 -38.92
C VAL A 70 -18.85 -33.39 -39.34
N LYS A 71 -18.38 -32.66 -40.37
CA LYS A 71 -19.15 -31.51 -40.86
C LYS A 71 -20.51 -31.90 -41.41
N ALA A 72 -20.69 -33.18 -41.81
CA ALA A 72 -21.92 -33.65 -42.41
C ALA A 72 -22.82 -34.38 -41.43
N HIS A 73 -22.26 -34.98 -40.38
CA HIS A 73 -23.07 -35.27 -39.20
C HIS A 73 -23.58 -33.97 -38.57
N SER A 74 -22.74 -32.93 -38.59
CA SER A 74 -23.14 -31.58 -38.17
C SER A 74 -24.49 -31.19 -38.76
N GLN A 75 -24.58 -31.24 -40.09
CA GLN A 75 -25.74 -30.74 -40.79
C GLN A 75 -26.91 -31.70 -40.69
N THR A 76 -26.63 -33.01 -40.77
CA THR A 76 -27.68 -34.02 -40.62
C THR A 76 -28.36 -33.92 -39.26
N ASP A 77 -27.57 -33.84 -38.17
CA ASP A 77 -28.16 -33.68 -36.84
C ASP A 77 -28.86 -32.33 -36.64
N ARG A 78 -28.50 -31.28 -37.36
CA ARG A 78 -29.31 -30.05 -37.33
C ARG A 78 -30.74 -30.28 -37.83
N GLU A 79 -30.90 -31.02 -38.94
CA GLU A 79 -32.24 -31.37 -39.44
C GLU A 79 -32.90 -32.46 -38.59
N ASN A 80 -32.12 -33.40 -38.05
CA ASN A 80 -32.70 -34.38 -37.14
C ASN A 80 -33.22 -33.75 -35.86
N LEU A 81 -32.86 -32.50 -35.56
CA LEU A 81 -33.51 -31.75 -34.49
C LEU A 81 -34.83 -31.14 -34.96
N ARG A 82 -34.85 -30.58 -36.18
CA ARG A 82 -36.09 -30.04 -36.75
C ARG A 82 -37.15 -31.13 -36.89
N ILE A 83 -36.76 -32.29 -37.41
CA ILE A 83 -37.67 -33.44 -37.41
C ILE A 83 -38.19 -33.72 -36.01
N ALA A 84 -37.30 -33.75 -35.01
CA ALA A 84 -37.71 -34.08 -33.65
C ALA A 84 -38.87 -33.21 -33.17
N LEU A 85 -38.83 -31.91 -33.49
CA LEU A 85 -39.91 -31.01 -33.10
C LEU A 85 -41.24 -31.45 -33.69
N ARG A 86 -41.25 -31.66 -35.00
CA ARG A 86 -42.49 -32.02 -35.69
C ARG A 86 -43.06 -33.31 -35.10
N TYR A 87 -42.20 -34.30 -34.85
CA TYR A 87 -42.57 -35.53 -34.12
C TYR A 87 -43.31 -35.19 -32.83
N TYR A 88 -42.65 -34.44 -31.95
CA TYR A 88 -43.13 -34.18 -30.59
C TYR A 88 -44.04 -32.96 -30.51
N ASN A 89 -44.35 -32.32 -31.63
CA ASN A 89 -45.15 -31.05 -31.63
C ASN A 89 -44.55 -30.14 -30.57
N GLN A 90 -43.44 -29.48 -30.90
CA GLN A 90 -42.73 -28.70 -29.89
C GLN A 90 -42.47 -27.29 -30.38
N SER A 91 -42.45 -26.35 -29.43
CA SER A 91 -42.31 -24.94 -29.78
C SER A 91 -40.93 -24.66 -30.36
N GLU A 92 -40.91 -23.83 -31.39
CA GLU A 92 -39.64 -23.38 -31.96
C GLU A 92 -38.82 -22.64 -30.93
N ALA A 93 -39.44 -22.27 -29.80
CA ALA A 93 -38.78 -21.48 -28.79
C ALA A 93 -37.66 -22.24 -28.12
N GLY A 94 -37.84 -23.55 -27.91
CA GLY A 94 -37.04 -24.29 -26.94
C GLY A 94 -35.71 -24.81 -27.44
N SER A 95 -34.68 -24.65 -26.61
CA SER A 95 -33.41 -25.31 -26.83
C SER A 95 -33.59 -26.82 -26.64
N HIS A 96 -32.91 -27.60 -27.47
CA HIS A 96 -33.07 -29.04 -27.43
C HIS A 96 -31.73 -29.72 -27.68
N THR A 97 -31.54 -30.87 -27.04
CA THR A 97 -30.28 -31.61 -27.14
C THR A 97 -30.50 -32.95 -27.85
N LEU A 98 -29.74 -33.17 -28.92
CA LEU A 98 -29.67 -34.45 -29.62
C LEU A 98 -28.23 -34.97 -29.57
N GLN A 99 -28.02 -36.01 -28.76
CA GLN A 99 -26.76 -36.71 -28.68
C GLN A 99 -26.84 -38.02 -29.45
N MET A 100 -25.76 -38.35 -30.16
CA MET A 100 -25.54 -39.66 -30.78
C MET A 100 -24.26 -40.29 -30.27
N MET A 101 -24.26 -41.62 -30.15
CA MET A 101 -23.07 -42.39 -29.79
C MET A 101 -22.91 -43.59 -30.71
N PHE A 102 -21.77 -43.66 -31.41
CA PHE A 102 -21.40 -44.83 -32.22
C PHE A 102 -19.98 -45.25 -31.88
N GLY A 103 -19.69 -46.53 -32.05
CA GLY A 103 -18.37 -47.03 -31.73
C GLY A 103 -18.25 -48.52 -31.95
N CYS A 104 -17.19 -49.11 -31.43
CA CYS A 104 -16.93 -50.52 -31.69
C CYS A 104 -15.85 -51.02 -30.76
N ASP A 105 -16.00 -52.27 -30.32
CA ASP A 105 -15.08 -52.92 -29.40
C ASP A 105 -14.28 -53.96 -30.16
N VAL A 106 -12.98 -54.07 -29.85
CA VAL A 106 -12.15 -55.21 -30.25
C VAL A 106 -11.68 -55.93 -28.98
N GLY A 107 -11.33 -57.20 -29.14
CA GLY A 107 -10.73 -57.98 -28.08
C GLY A 107 -9.22 -57.97 -28.17
N SER A 108 -8.59 -58.70 -27.24
CA SER A 108 -7.14 -58.90 -27.27
C SER A 108 -6.61 -59.09 -28.69
N ASP A 109 -7.26 -59.99 -29.44
CA ASP A 109 -6.79 -60.37 -30.77
C ASP A 109 -6.90 -59.21 -31.77
N GLY A 110 -8.05 -58.54 -31.81
CA GLY A 110 -8.34 -57.60 -32.88
C GLY A 110 -9.60 -57.94 -33.64
N ARG A 111 -10.29 -59.01 -33.28
CA ARG A 111 -11.58 -59.30 -33.86
C ARG A 111 -12.62 -58.35 -33.27
N PHE A 112 -13.53 -57.92 -34.14
CA PHE A 112 -14.69 -57.14 -33.71
C PHE A 112 -15.37 -57.87 -32.56
N LEU A 113 -15.90 -57.12 -31.60
CA LEU A 113 -16.59 -57.74 -30.45
C LEU A 113 -18.01 -57.21 -30.36
N ARG A 114 -18.23 -55.93 -30.68
CA ARG A 114 -19.53 -55.35 -30.44
C ARG A 114 -19.54 -53.99 -31.13
N GLY A 115 -20.67 -53.64 -31.72
CA GLY A 115 -20.87 -52.31 -32.27
C GLY A 115 -21.95 -51.55 -31.51
N TYR A 116 -21.87 -50.23 -31.57
CA TYR A 116 -22.83 -49.34 -30.93
C TYR A 116 -23.15 -48.19 -31.86
N HIS A 117 -24.41 -47.80 -31.86
CA HIS A 117 -24.94 -46.72 -32.69
C HIS A 117 -26.29 -46.41 -32.08
N GLN A 118 -26.53 -45.15 -31.73
CA GLN A 118 -27.69 -44.80 -30.92
C GLN A 118 -27.81 -43.30 -30.78
N TYR A 119 -28.95 -42.88 -30.25
CA TYR A 119 -29.33 -41.49 -30.08
C TYR A 119 -30.00 -41.26 -28.73
N ALA A 120 -30.11 -39.98 -28.39
CA ALA A 120 -30.83 -39.53 -27.21
C ALA A 120 -31.32 -38.11 -27.42
N TYR A 121 -32.64 -37.92 -27.39
CA TYR A 121 -33.25 -36.60 -27.42
C TYR A 121 -33.52 -36.12 -25.99
N ASP A 122 -32.98 -34.95 -25.66
CA ASP A 122 -33.25 -34.28 -24.40
C ASP A 122 -33.01 -35.22 -23.22
N GLY A 123 -31.83 -35.84 -23.20
CA GLY A 123 -31.40 -36.64 -22.07
C GLY A 123 -31.90 -38.06 -22.02
N LYS A 124 -33.00 -38.36 -22.68
CA LYS A 124 -33.64 -39.66 -22.61
C LYS A 124 -33.24 -40.45 -23.86
N ASP A 125 -33.12 -41.77 -23.73
CA ASP A 125 -32.90 -42.60 -24.90
C ASP A 125 -33.87 -42.22 -26.01
N TYR A 126 -33.41 -42.31 -27.25
CA TYR A 126 -34.29 -42.23 -28.42
C TYR A 126 -34.35 -43.56 -29.15
N ILE A 127 -33.30 -43.88 -29.92
CA ILE A 127 -33.18 -45.15 -30.63
C ILE A 127 -31.77 -45.68 -30.44
N ALA A 128 -31.63 -47.00 -30.53
CA ALA A 128 -30.31 -47.60 -30.38
C ALA A 128 -30.26 -48.81 -31.27
N LEU A 129 -29.05 -49.12 -31.76
CA LEU A 129 -28.87 -50.35 -32.54
C LEU A 129 -28.65 -51.44 -31.52
N LYS A 130 -29.40 -52.52 -31.62
CA LYS A 130 -29.23 -53.65 -30.72
C LYS A 130 -27.96 -54.41 -31.05
N GLU A 131 -27.64 -55.41 -30.23
CA GLU A 131 -26.38 -56.10 -30.40
C GLU A 131 -26.33 -56.86 -31.72
N ASP A 132 -27.47 -57.39 -32.18
CA ASP A 132 -27.41 -58.22 -33.37
C ASP A 132 -26.96 -57.46 -34.62
N LEU A 133 -26.87 -56.12 -34.55
CA LEU A 133 -26.53 -55.28 -35.70
C LEU A 133 -27.53 -55.45 -36.85
N ARG A 134 -28.78 -55.77 -36.50
CA ARG A 134 -29.80 -56.00 -37.52
C ARG A 134 -31.19 -55.59 -37.02
N SER A 135 -31.29 -54.80 -35.95
CA SER A 135 -32.60 -54.41 -35.41
C SER A 135 -32.42 -53.24 -34.47
N TRP A 136 -33.51 -52.51 -34.23
CA TRP A 136 -33.43 -51.30 -33.42
C TRP A 136 -34.19 -51.48 -32.10
N THR A 137 -33.91 -50.58 -31.15
CA THR A 137 -34.65 -50.48 -29.88
C THR A 137 -35.24 -49.08 -29.78
N ALA A 138 -36.53 -48.94 -30.04
CA ALA A 138 -37.18 -47.64 -30.09
C ALA A 138 -37.69 -47.29 -28.70
N ALA A 139 -37.09 -46.26 -28.07
CA ALA A 139 -37.39 -45.95 -26.68
C ALA A 139 -38.88 -45.69 -26.47
N ASP A 140 -39.43 -44.70 -27.16
CA ASP A 140 -40.85 -44.38 -27.01
C ASP A 140 -41.61 -44.59 -28.31
N MET A 141 -42.58 -43.73 -28.60
CA MET A 141 -43.43 -43.88 -29.82
C MET A 141 -42.91 -43.03 -30.97
N ALA A 142 -42.45 -41.80 -30.70
CA ALA A 142 -41.81 -41.09 -31.79
C ALA A 142 -40.67 -41.90 -32.37
N ALA A 143 -39.79 -42.43 -31.50
CA ALA A 143 -38.68 -43.24 -31.98
C ALA A 143 -39.13 -44.41 -32.83
N GLN A 144 -40.39 -44.85 -32.66
CA GLN A 144 -40.91 -45.97 -33.44
C GLN A 144 -41.25 -45.55 -34.85
N ILE A 145 -41.46 -44.25 -35.09
CA ILE A 145 -41.49 -43.75 -36.47
C ILE A 145 -40.14 -44.00 -37.13
N THR A 146 -39.06 -43.50 -36.52
CA THR A 146 -37.71 -43.68 -37.02
C THR A 146 -37.38 -45.16 -37.21
N LYS A 147 -37.76 -45.99 -36.22
CA LYS A 147 -37.53 -47.43 -36.28
C LYS A 147 -38.09 -48.04 -37.56
N ARG A 148 -39.41 -47.88 -37.80
CA ARG A 148 -40.03 -48.46 -39.00
C ARG A 148 -39.42 -47.92 -40.28
N LYS A 149 -38.83 -46.72 -40.22
CA LYS A 149 -38.24 -46.05 -41.37
C LYS A 149 -36.82 -46.54 -41.60
N TRP A 150 -36.04 -46.64 -40.53
CA TRP A 150 -34.64 -47.13 -40.61
C TRP A 150 -34.64 -48.64 -40.89
N GLU A 151 -35.75 -49.31 -40.68
CA GLU A 151 -35.92 -50.71 -41.00
C GLU A 151 -36.27 -50.86 -42.47
N ALA A 152 -37.25 -50.09 -42.94
CA ALA A 152 -37.59 -50.09 -44.36
C ALA A 152 -36.39 -49.72 -45.23
N ALA A 153 -35.47 -48.92 -44.71
CA ALA A 153 -34.34 -48.44 -45.49
C ALA A 153 -33.08 -49.24 -45.26
N HIS A 154 -33.19 -50.36 -44.54
CA HIS A 154 -32.05 -51.22 -44.23
C HIS A 154 -30.86 -50.39 -43.74
N VAL A 155 -31.14 -49.45 -42.84
CA VAL A 155 -30.09 -48.58 -42.30
C VAL A 155 -29.17 -49.36 -41.36
N ALA A 156 -29.71 -50.35 -40.64
CA ALA A 156 -28.85 -51.19 -39.80
C ALA A 156 -27.81 -51.94 -40.62
N GLU A 157 -28.18 -52.39 -41.83
CA GLU A 157 -27.19 -52.97 -42.74
C GLU A 157 -26.01 -52.04 -42.95
N GLN A 158 -26.32 -50.78 -43.27
CA GLN A 158 -25.28 -49.81 -43.57
C GLN A 158 -24.39 -49.56 -42.35
N GLN A 159 -24.99 -49.42 -41.17
CA GLN A 159 -24.16 -49.25 -39.97
C GLN A 159 -23.24 -50.45 -39.81
N ARG A 160 -23.78 -51.66 -39.97
CA ARG A 160 -23.04 -52.88 -39.69
C ARG A 160 -21.78 -52.99 -40.55
N ALA A 161 -21.77 -52.32 -41.71
CA ALA A 161 -20.59 -52.33 -42.59
C ALA A 161 -19.49 -51.37 -42.14
N TYR A 162 -19.86 -50.24 -41.53
CA TYR A 162 -18.87 -49.46 -40.81
C TYR A 162 -18.40 -50.17 -39.55
N LEU A 163 -19.34 -50.62 -38.73
CA LEU A 163 -19.03 -51.14 -37.40
C LEU A 163 -18.08 -52.33 -37.48
N GLU A 164 -18.43 -53.33 -38.27
CA GLU A 164 -17.61 -54.53 -38.32
C GLU A 164 -16.41 -54.37 -39.23
N GLY A 165 -16.44 -53.34 -40.07
CA GLY A 165 -15.33 -53.03 -40.96
C GLY A 165 -14.49 -51.82 -40.58
N THR A 166 -14.91 -50.65 -41.08
CA THR A 166 -14.06 -49.46 -41.02
C THR A 166 -13.71 -49.10 -39.59
N CYS A 167 -14.71 -49.10 -38.71
CA CYS A 167 -14.49 -48.77 -37.32
C CYS A 167 -13.36 -49.61 -36.75
N VAL A 168 -13.47 -50.94 -36.93
CA VAL A 168 -12.56 -51.90 -36.31
C VAL A 168 -11.15 -51.66 -36.79
N ASP A 169 -11.02 -51.34 -38.07
CA ASP A 169 -9.74 -50.99 -38.67
C ASP A 169 -9.08 -49.81 -37.97
N GLY A 170 -9.78 -48.68 -37.93
CA GLY A 170 -9.25 -47.53 -37.25
C GLY A 170 -8.84 -47.85 -35.83
N LEU A 171 -9.60 -48.71 -35.15
CA LEU A 171 -9.23 -49.07 -33.80
C LEU A 171 -7.90 -49.80 -33.79
N ARG A 172 -7.77 -50.85 -34.62
CA ARG A 172 -6.49 -51.55 -34.71
C ARG A 172 -5.37 -50.58 -35.06
N ARG A 173 -5.65 -49.60 -35.93
CA ARG A 173 -4.60 -48.68 -36.35
C ARG A 173 -4.19 -47.75 -35.21
N TYR A 174 -5.11 -46.90 -34.73
CA TYR A 174 -4.90 -46.06 -33.56
C TYR A 174 -4.14 -46.81 -32.47
N LEU A 175 -4.56 -48.04 -32.22
CA LEU A 175 -3.96 -48.87 -31.19
C LEU A 175 -2.49 -49.17 -31.47
N GLU A 176 -2.04 -49.07 -32.72
CA GLU A 176 -0.62 -49.24 -33.00
C GLU A 176 0.13 -47.91 -33.09
N ASN A 177 -0.35 -46.97 -33.91
CA ASN A 177 0.30 -45.67 -34.01
C ASN A 177 0.57 -45.10 -32.63
N GLY A 178 -0.40 -45.22 -31.72
CA GLY A 178 -0.18 -44.82 -30.35
C GLY A 178 -0.11 -45.96 -29.36
N LYS A 179 0.73 -46.96 -29.60
CA LYS A 179 0.73 -48.18 -28.74
C LYS A 179 1.42 -47.96 -27.39
N GLU A 180 1.79 -46.74 -27.06
CA GLU A 180 2.37 -46.50 -25.73
C GLU A 180 1.47 -45.66 -24.85
N THR A 181 0.86 -44.62 -25.40
CA THR A 181 -0.27 -43.95 -24.75
C THR A 181 -1.38 -44.94 -24.41
N LEU A 182 -1.87 -45.66 -25.41
CA LEU A 182 -3.11 -46.46 -25.24
C LEU A 182 -2.90 -47.86 -24.64
N GLN A 183 -1.69 -48.41 -24.73
CA GLN A 183 -1.43 -49.73 -24.17
C GLN A 183 -0.44 -49.72 -23.02
N ARG A 184 -0.20 -48.55 -22.40
CA ARG A 184 0.38 -48.53 -21.06
C ARG A 184 -0.76 -48.74 -20.08
N THR A 185 -0.51 -49.51 -19.03
CA THR A 185 -1.41 -49.55 -17.88
C THR A 185 -0.62 -49.01 -16.68
N ASP A 186 -0.77 -47.71 -16.46
CA ASP A 186 -0.08 -47.04 -15.34
C ASP A 186 -0.75 -47.47 -14.05
N PRO A 187 -0.04 -48.06 -13.06
CA PRO A 187 -0.66 -48.55 -11.84
C PRO A 187 -0.99 -47.42 -10.87
N PRO A 188 -1.97 -47.62 -9.96
CA PRO A 188 -2.33 -46.59 -9.01
C PRO A 188 -1.32 -46.35 -7.89
N LYS A 189 -1.15 -45.09 -7.50
CA LYS A 189 -0.21 -44.75 -6.40
C LYS A 189 -1.03 -44.72 -5.11
N THR A 190 -0.61 -45.48 -4.10
CA THR A 190 -1.46 -45.62 -2.90
C THR A 190 -0.82 -45.04 -1.63
N HIS A 191 -1.66 -44.52 -0.74
CA HIS A 191 -1.24 -43.99 0.56
C HIS A 191 -2.50 -43.66 1.33
N MET A 192 -2.42 -43.65 2.66
CA MET A 192 -3.59 -43.36 3.46
C MET A 192 -3.40 -42.07 4.24
N THR A 193 -4.50 -41.43 4.59
CA THR A 193 -4.45 -40.25 5.43
C THR A 193 -5.41 -40.44 6.59
N HIS A 194 -5.26 -39.58 7.59
CA HIS A 194 -5.88 -39.79 8.89
C HIS A 194 -6.20 -38.45 9.55
N HIS A 195 -7.48 -38.10 9.63
CA HIS A 195 -7.89 -36.79 10.17
C HIS A 195 -8.68 -37.01 11.44
N PRO A 196 -8.08 -36.79 12.60
CA PRO A 196 -8.86 -36.95 13.83
C PRO A 196 -10.04 -35.99 13.84
N ILE A 197 -11.25 -36.50 13.63
CA ILE A 197 -12.46 -35.62 13.55
C ILE A 197 -12.86 -35.25 14.98
N SER A 198 -13.94 -35.80 15.53
CA SER A 198 -14.24 -35.65 16.95
C SER A 198 -13.16 -36.31 17.80
N ASP A 199 -13.23 -36.18 19.11
CA ASP A 199 -12.24 -36.88 19.93
C ASP A 199 -12.67 -38.29 20.31
N HIS A 200 -13.59 -38.91 19.57
CA HIS A 200 -13.72 -40.37 19.62
C HIS A 200 -13.81 -41.01 18.24
N GLU A 201 -13.58 -40.25 17.16
CA GLU A 201 -13.60 -40.81 15.81
C GLU A 201 -12.45 -40.25 14.99
N ALA A 202 -12.18 -40.96 13.90
CA ALA A 202 -11.13 -40.61 12.97
C ALA A 202 -11.62 -40.95 11.57
N THR A 203 -10.94 -40.40 10.56
CA THR A 203 -11.22 -40.68 9.17
C THR A 203 -9.96 -41.18 8.52
N LEU A 204 -10.02 -42.39 7.95
CA LEU A 204 -9.01 -42.93 7.05
C LEU A 204 -9.42 -42.69 5.61
N ARG A 205 -8.57 -42.06 4.82
CA ARG A 205 -8.85 -41.89 3.39
C ARG A 205 -7.86 -42.70 2.58
N CYS A 206 -8.39 -43.54 1.70
CA CYS A 206 -7.58 -44.37 0.83
C CYS A 206 -7.46 -43.64 -0.50
N TRP A 207 -6.23 -43.26 -0.85
CA TRP A 207 -5.96 -42.53 -2.07
C TRP A 207 -5.40 -43.46 -3.13
N ALA A 208 -5.87 -43.29 -4.36
CA ALA A 208 -5.39 -44.04 -5.53
C ALA A 208 -5.18 -43.02 -6.65
N LEU A 209 -3.93 -42.63 -6.88
CA LEU A 209 -3.62 -41.55 -7.80
C LEU A 209 -2.72 -41.98 -8.96
N GLY A 210 -2.98 -41.42 -10.14
CA GLY A 210 -2.05 -41.50 -11.25
C GLY A 210 -2.20 -42.69 -12.16
N PHE A 211 -3.43 -43.16 -12.32
CA PHE A 211 -3.61 -44.43 -13.05
C PHE A 211 -4.33 -44.33 -14.38
N TYR A 212 -3.96 -45.22 -15.30
CA TYR A 212 -4.68 -45.37 -16.58
C TYR A 212 -4.74 -46.89 -16.76
N PRO A 213 -5.90 -47.50 -17.08
CA PRO A 213 -7.10 -46.76 -17.40
C PRO A 213 -7.90 -46.34 -16.18
N ALA A 214 -9.14 -45.91 -16.36
CA ALA A 214 -9.94 -45.39 -15.23
C ALA A 214 -10.49 -46.50 -14.38
N GLU A 215 -10.84 -47.63 -14.97
CA GLU A 215 -11.48 -48.67 -14.17
C GLU A 215 -10.61 -49.08 -12.99
N ILE A 216 -11.05 -48.74 -11.78
CA ILE A 216 -10.35 -49.09 -10.55
C ILE A 216 -11.40 -49.40 -9.48
N THR A 217 -11.12 -50.39 -8.64
CA THR A 217 -12.02 -50.78 -7.56
C THR A 217 -11.37 -50.49 -6.22
N LEU A 218 -12.11 -49.82 -5.34
CA LEU A 218 -11.59 -49.47 -4.00
C LEU A 218 -12.63 -49.89 -2.95
N THR A 219 -12.38 -50.95 -2.20
CA THR A 219 -13.30 -51.33 -1.12
C THR A 219 -12.59 -51.29 0.24
N TRP A 220 -13.39 -51.06 1.27
CA TRP A 220 -12.92 -51.01 2.64
C TRP A 220 -13.39 -52.25 3.38
N GLN A 221 -12.62 -52.65 4.39
CA GLN A 221 -12.87 -53.86 5.14
C GLN A 221 -12.57 -53.65 6.62
N ARG A 222 -13.59 -53.82 7.46
CA ARG A 222 -13.43 -53.88 8.92
C ARG A 222 -13.40 -55.35 9.31
N ASP A 223 -12.18 -55.86 9.56
CA ASP A 223 -11.91 -57.27 9.90
C ASP A 223 -12.19 -58.20 8.71
N GLY A 224 -11.69 -57.83 7.53
CA GLY A 224 -11.90 -58.65 6.35
C GLY A 224 -13.28 -58.54 5.73
N GLU A 225 -14.29 -58.24 6.53
CA GLU A 225 -15.63 -58.05 6.00
C GLU A 225 -15.74 -56.66 5.35
N ASP A 226 -16.24 -56.62 4.12
CA ASP A 226 -16.32 -55.36 3.37
C ASP A 226 -17.36 -54.44 4.00
N GLN A 227 -17.08 -53.15 3.90
CA GLN A 227 -17.92 -52.18 4.63
C GLN A 227 -18.55 -51.15 3.70
N THR A 228 -19.84 -51.31 3.46
CA THR A 228 -20.58 -50.28 2.76
C THR A 228 -21.06 -49.22 3.73
N GLN A 229 -20.80 -49.40 5.03
CA GLN A 229 -21.40 -48.52 6.07
C GLN A 229 -20.81 -47.12 6.14
N ASP A 230 -20.09 -46.75 7.18
CA ASP A 230 -19.68 -45.31 7.28
C ASP A 230 -18.57 -45.05 6.26
N THR A 231 -18.91 -45.01 4.96
CA THR A 231 -17.94 -44.91 3.89
C THR A 231 -18.37 -43.81 2.92
N GLU A 232 -17.39 -43.18 2.30
CA GLU A 232 -17.58 -42.19 1.24
C GLU A 232 -16.62 -42.54 0.12
N LEU A 233 -17.15 -42.66 -1.09
CA LEU A 233 -16.41 -43.15 -2.24
C LEU A 233 -16.69 -42.19 -3.38
N VAL A 234 -15.70 -41.34 -3.71
CA VAL A 234 -15.88 -40.34 -4.76
C VAL A 234 -15.75 -40.99 -6.12
N GLU A 235 -16.48 -40.47 -7.11
CA GLU A 235 -16.34 -41.00 -8.46
C GLU A 235 -14.89 -40.92 -8.90
N THR A 236 -14.40 -41.98 -9.58
CA THR A 236 -13.18 -41.85 -10.37
C THR A 236 -13.25 -40.54 -11.13
N ARG A 237 -12.14 -39.84 -11.18
CA ARG A 237 -12.13 -38.49 -11.74
C ARG A 237 -10.85 -38.28 -12.53
N PRO A 238 -10.86 -37.40 -13.54
CA PRO A 238 -9.63 -37.08 -14.28
C PRO A 238 -8.65 -36.20 -13.50
N ALA A 239 -7.37 -36.44 -13.70
CA ALA A 239 -6.40 -35.54 -13.10
C ALA A 239 -6.06 -34.38 -14.02
N GLY A 240 -6.26 -34.53 -15.32
CA GLY A 240 -5.96 -33.51 -16.30
C GLY A 240 -4.95 -33.96 -17.35
N ASP A 241 -4.05 -34.87 -17.00
CA ASP A 241 -2.97 -35.32 -17.87
C ASP A 241 -3.18 -36.76 -18.35
N GLY A 242 -4.39 -37.29 -18.21
CA GLY A 242 -4.67 -38.62 -18.67
C GLY A 242 -4.61 -39.68 -17.60
N THR A 243 -3.93 -39.41 -16.50
CA THR A 243 -4.09 -40.25 -15.32
C THR A 243 -5.39 -39.93 -14.61
N PHE A 244 -5.84 -40.89 -13.81
CA PHE A 244 -7.07 -40.76 -13.05
C PHE A 244 -6.76 -40.86 -11.56
N GLN A 245 -7.71 -40.42 -10.74
CA GLN A 245 -7.59 -40.50 -9.30
C GLN A 245 -8.94 -40.88 -8.74
N LYS A 246 -8.95 -41.74 -7.73
CA LYS A 246 -10.14 -41.97 -6.94
C LYS A 246 -9.72 -42.03 -5.48
N TRP A 247 -10.65 -41.76 -4.58
CA TRP A 247 -10.40 -42.04 -3.18
C TRP A 247 -11.66 -42.63 -2.55
N ALA A 248 -11.43 -43.43 -1.48
CA ALA A 248 -12.45 -44.03 -0.63
C ALA A 248 -12.06 -43.84 0.82
N ALA A 249 -13.05 -43.54 1.66
CA ALA A 249 -12.73 -43.19 3.02
C ALA A 249 -13.83 -43.66 3.97
N VAL A 250 -13.38 -43.94 5.19
CA VAL A 250 -14.30 -44.50 6.21
C VAL A 250 -14.16 -43.75 7.52
N VAL A 251 -15.27 -43.56 8.21
CA VAL A 251 -15.25 -43.09 9.59
C VAL A 251 -15.02 -44.30 10.46
N VAL A 252 -14.05 -44.22 11.34
CA VAL A 252 -13.65 -45.36 12.13
C VAL A 252 -13.73 -44.89 13.57
N PRO A 253 -14.04 -45.76 14.51
CA PRO A 253 -13.93 -45.39 15.92
C PRO A 253 -12.46 -45.14 16.26
N SER A 254 -12.24 -44.19 17.17
CA SER A 254 -10.88 -43.77 17.46
C SER A 254 -10.16 -44.84 18.29
N GLY A 255 -8.95 -45.20 17.85
CA GLY A 255 -8.27 -46.37 18.39
C GLY A 255 -8.29 -47.61 17.52
N GLU A 256 -9.40 -47.87 16.84
CA GLU A 256 -9.50 -49.03 15.96
C GLU A 256 -9.12 -48.70 14.52
N GLU A 257 -8.02 -47.97 14.33
CA GLU A 257 -7.62 -47.62 12.98
C GLU A 257 -7.24 -48.85 12.15
N GLN A 258 -6.56 -49.83 12.76
CA GLN A 258 -6.02 -50.98 12.04
C GLN A 258 -6.96 -52.17 12.15
N ARG A 259 -8.25 -51.91 12.24
CA ARG A 259 -9.21 -53.01 12.08
C ARG A 259 -9.66 -52.82 10.63
N TYR A 260 -9.24 -51.71 10.00
CA TYR A 260 -9.69 -51.37 8.65
C TYR A 260 -8.61 -51.51 7.59
N THR A 261 -8.94 -52.24 6.52
CA THR A 261 -8.06 -52.48 5.39
C THR A 261 -8.68 -51.95 4.10
N CYS A 262 -7.86 -51.41 3.24
CA CYS A 262 -8.31 -50.85 1.97
C CYS A 262 -7.85 -51.74 0.83
N HIS A 263 -8.68 -51.89 -0.19
CA HIS A 263 -8.46 -52.90 -1.24
C HIS A 263 -8.55 -52.31 -2.63
N VAL A 264 -7.40 -51.84 -3.14
CA VAL A 264 -7.28 -51.26 -4.46
C VAL A 264 -7.05 -52.36 -5.48
N GLN A 265 -7.97 -52.49 -6.42
CA GLN A 265 -7.88 -53.50 -7.47
C GLN A 265 -7.95 -52.73 -8.79
N HIS A 266 -6.80 -52.60 -9.46
CA HIS A 266 -6.64 -51.98 -10.75
C HIS A 266 -5.94 -53.00 -11.63
N GLU A 267 -5.89 -52.76 -12.94
CA GLU A 267 -5.26 -53.74 -13.82
C GLU A 267 -3.78 -53.52 -14.02
N GLY A 268 -3.27 -52.33 -13.72
CA GLY A 268 -1.82 -52.11 -13.65
C GLY A 268 -1.16 -52.69 -12.41
N LEU A 269 -1.95 -53.32 -11.53
CA LEU A 269 -1.41 -53.94 -10.33
C LEU A 269 -1.28 -55.43 -10.55
N PRO A 270 -0.12 -56.05 -10.28
CA PRO A 270 -0.01 -57.51 -10.45
C PRO A 270 -0.96 -58.26 -9.55
N LYS A 271 -0.89 -58.01 -8.25
CA LYS A 271 -1.88 -58.48 -7.28
C LYS A 271 -2.64 -57.28 -6.70
N PRO A 272 -3.85 -57.49 -6.20
CA PRO A 272 -4.55 -56.42 -5.50
C PRO A 272 -3.79 -55.94 -4.27
N LEU A 273 -3.99 -54.68 -3.93
CA LEU A 273 -3.25 -53.99 -2.88
C LEU A 273 -4.08 -53.97 -1.61
N THR A 274 -3.52 -54.50 -0.52
CA THR A 274 -4.09 -54.27 0.81
C THR A 274 -3.38 -53.09 1.46
N LEU A 275 -4.13 -52.24 2.15
CA LEU A 275 -3.54 -51.12 2.84
C LEU A 275 -4.08 -51.03 4.26
N ARG A 276 -3.20 -50.64 5.19
CA ARG A 276 -3.51 -50.55 6.60
C ARG A 276 -2.99 -49.20 7.09
N TRP A 277 -3.41 -48.77 8.28
CA TRP A 277 -3.06 -47.39 8.73
C TRP A 277 -1.55 -47.21 8.91
N GLU A 278 -0.98 -47.46 10.10
CA GLU A 278 0.49 -47.34 10.32
C GLU A 278 1.06 -45.92 10.28
N PRO A 279 1.29 -45.21 11.40
CA PRO A 279 2.03 -43.94 11.41
C PRO A 279 3.53 -44.12 11.07
N MET B 1 -37.69 -31.93 -19.35
CA MET B 1 -37.38 -32.83 -20.47
C MET B 1 -36.58 -34.03 -19.92
N ILE B 2 -35.54 -33.73 -19.14
CA ILE B 2 -34.74 -34.71 -18.40
C ILE B 2 -33.89 -34.05 -17.34
N GLN B 3 -33.79 -32.72 -17.38
CA GLN B 3 -32.93 -31.90 -16.53
C GLN B 3 -32.22 -32.69 -15.42
N ARG B 4 -30.89 -32.71 -15.42
CA ARG B 4 -30.17 -33.52 -14.44
C ARG B 4 -29.14 -32.67 -13.73
N THR B 5 -29.17 -32.70 -12.39
CA THR B 5 -28.38 -31.76 -11.58
C THR B 5 -26.90 -32.12 -11.50
N PRO B 6 -26.00 -31.11 -11.74
CA PRO B 6 -24.56 -31.34 -11.73
C PRO B 6 -23.84 -31.75 -10.45
N LYS B 7 -22.85 -32.63 -10.59
CA LYS B 7 -22.05 -33.04 -9.45
C LYS B 7 -20.63 -32.49 -9.59
N ILE B 8 -20.15 -31.82 -8.55
CA ILE B 8 -18.93 -31.03 -8.56
C ILE B 8 -17.89 -31.67 -7.65
N GLN B 9 -16.71 -31.90 -8.19
CA GLN B 9 -15.54 -32.22 -7.38
C GLN B 9 -14.53 -31.10 -7.60
N VAL B 10 -13.92 -30.63 -6.52
CA VAL B 10 -12.79 -29.71 -6.58
C VAL B 10 -11.58 -30.45 -6.04
N TYR B 11 -10.51 -30.50 -6.81
CA TYR B 11 -9.28 -31.15 -6.35
C TYR B 11 -8.07 -30.46 -6.98
N SER B 12 -6.92 -31.11 -6.92
CA SER B 12 -5.68 -30.68 -7.56
C SER B 12 -5.05 -31.86 -8.29
N ARG B 13 -4.21 -31.56 -9.28
CA ARG B 13 -3.64 -32.64 -10.09
C ARG B 13 -2.65 -33.48 -9.28
N HIS B 14 -1.76 -32.84 -8.56
CA HIS B 14 -0.82 -33.53 -7.69
C HIS B 14 -1.17 -33.31 -6.24
N PRO B 15 -0.66 -34.14 -5.34
CA PRO B 15 -0.74 -33.81 -3.91
C PRO B 15 -0.29 -32.37 -3.67
N ALA B 16 -1.10 -31.60 -2.95
CA ALA B 16 -0.83 -30.18 -2.78
C ALA B 16 0.33 -29.97 -1.81
N GLU B 17 1.37 -29.28 -2.26
CA GLU B 17 2.44 -28.80 -1.38
C GLU B 17 2.63 -27.32 -1.63
N ASN B 18 2.66 -26.53 -0.56
CA ASN B 18 2.68 -25.08 -0.68
C ASN B 18 3.91 -24.59 -1.44
N GLY B 19 3.73 -23.47 -2.15
CA GLY B 19 4.78 -22.90 -2.96
C GLY B 19 5.20 -23.72 -4.17
N LYS B 20 4.68 -24.94 -4.32
CA LYS B 20 5.03 -25.82 -5.44
C LYS B 20 3.87 -25.83 -6.44
N SER B 21 4.20 -25.57 -7.71
CA SER B 21 3.15 -25.32 -8.71
C SER B 21 2.35 -26.58 -9.00
N ASN B 22 1.09 -26.37 -9.34
CA ASN B 22 0.12 -27.46 -9.45
C ASN B 22 -0.97 -27.05 -10.44
N PHE B 23 -2.04 -27.83 -10.47
CA PHE B 23 -3.24 -27.45 -11.21
C PHE B 23 -4.45 -27.64 -10.32
N LEU B 24 -5.34 -26.68 -10.36
CA LEU B 24 -6.64 -26.79 -9.72
C LEU B 24 -7.61 -27.27 -10.78
N ASN B 25 -8.36 -28.33 -10.47
CA ASN B 25 -9.36 -28.84 -11.39
C ASN B 25 -10.73 -28.63 -10.77
N CYS B 26 -11.74 -28.47 -11.62
CA CYS B 26 -13.14 -28.60 -11.20
C CYS B 26 -13.82 -29.59 -12.16
N TYR B 27 -14.32 -30.70 -11.62
CA TYR B 27 -14.91 -31.77 -12.45
C TYR B 27 -16.42 -31.79 -12.23
N VAL B 28 -17.17 -31.26 -13.19
CA VAL B 28 -18.64 -31.27 -13.14
C VAL B 28 -19.18 -32.45 -13.95
N SER B 29 -19.94 -33.36 -13.32
CA SER B 29 -20.33 -34.58 -14.00
C SER B 29 -21.83 -34.82 -13.89
N GLY B 30 -22.34 -35.68 -14.77
CA GLY B 30 -23.71 -36.17 -14.66
C GLY B 30 -24.82 -35.14 -14.79
N PHE B 31 -24.57 -33.99 -15.40
CA PHE B 31 -25.62 -33.00 -15.58
C PHE B 31 -26.28 -33.10 -16.94
N HIS B 32 -27.32 -32.29 -17.14
CA HIS B 32 -28.04 -32.23 -18.44
C HIS B 32 -29.18 -31.22 -18.27
N PRO B 33 -29.25 -30.06 -18.95
CA PRO B 33 -28.57 -29.80 -20.22
C PRO B 33 -27.07 -29.46 -20.19
N SER B 34 -26.45 -29.35 -21.38
CA SER B 34 -24.99 -29.15 -21.48
C SER B 34 -24.58 -27.76 -21.02
N ASP B 35 -25.42 -26.77 -21.31
CA ASP B 35 -25.04 -25.37 -21.01
C ASP B 35 -24.84 -25.22 -19.52
N ILE B 36 -23.60 -24.98 -19.12
CA ILE B 36 -23.25 -24.85 -17.71
C ILE B 36 -22.16 -23.78 -17.54
N GLU B 37 -22.12 -23.16 -16.35
CA GLU B 37 -21.14 -22.15 -15.98
C GLU B 37 -20.24 -22.67 -14.86
N VAL B 38 -18.92 -22.46 -14.98
CA VAL B 38 -17.96 -23.01 -14.02
C VAL B 38 -16.81 -22.02 -13.84
N ASP B 39 -16.76 -21.35 -12.68
CA ASP B 39 -15.70 -20.41 -12.37
C ASP B 39 -14.81 -20.99 -11.30
N LEU B 40 -13.50 -20.79 -11.43
CA LEU B 40 -12.55 -21.23 -10.42
C LEU B 40 -12.20 -20.01 -9.61
N LEU B 41 -12.44 -20.08 -8.30
CA LEU B 41 -12.27 -18.89 -7.45
C LEU B 41 -11.04 -18.92 -6.57
N LYS B 42 -10.18 -17.92 -6.69
CA LYS B 42 -9.07 -17.68 -5.77
C LYS B 42 -9.50 -16.61 -4.76
N ASN B 43 -9.85 -17.04 -3.55
CA ASN B 43 -10.23 -16.16 -2.46
C ASN B 43 -11.49 -15.37 -2.80
N GLY B 44 -12.51 -16.09 -3.26
CA GLY B 44 -13.76 -15.44 -3.58
C GLY B 44 -13.71 -14.54 -4.78
N GLU B 45 -12.57 -14.47 -5.45
CA GLU B 45 -12.42 -13.66 -6.64
C GLU B 45 -12.13 -14.60 -7.82
N ARG B 46 -12.70 -14.27 -8.96
CA ARG B 46 -12.84 -15.21 -10.06
C ARG B 46 -11.58 -15.24 -10.90
N ILE B 47 -11.03 -16.44 -11.13
CA ILE B 47 -9.89 -16.63 -12.03
C ILE B 47 -10.36 -16.57 -13.49
N GLU B 48 -9.53 -15.95 -14.32
CA GLU B 48 -9.85 -15.71 -15.73
C GLU B 48 -9.16 -16.66 -16.69
N LYS B 49 -7.99 -17.16 -16.32
CA LYS B 49 -7.16 -17.94 -17.25
C LYS B 49 -7.54 -19.41 -17.21
N VAL B 50 -8.84 -19.70 -17.35
CA VAL B 50 -9.42 -20.98 -16.95
C VAL B 50 -9.79 -21.76 -18.20
N GLU B 51 -9.13 -22.90 -18.39
CA GLU B 51 -9.34 -23.82 -19.51
C GLU B 51 -10.27 -24.95 -19.11
N HIS B 52 -10.88 -25.57 -20.13
CA HIS B 52 -11.85 -26.63 -19.90
C HIS B 52 -11.81 -27.65 -21.02
N SER B 53 -12.20 -28.88 -20.69
CA SER B 53 -12.20 -29.98 -21.63
C SER B 53 -13.38 -29.88 -22.60
N ASP B 54 -13.27 -30.60 -23.72
CA ASP B 54 -14.31 -30.66 -24.74
C ASP B 54 -15.54 -31.43 -24.24
N LEU B 55 -16.74 -30.94 -24.60
CA LEU B 55 -17.99 -31.51 -24.09
C LEU B 55 -18.11 -32.97 -24.46
N SER B 56 -18.12 -33.83 -23.44
CA SER B 56 -18.32 -35.27 -23.57
C SER B 56 -19.47 -35.70 -22.64
N PHE B 57 -19.89 -36.97 -22.74
CA PHE B 57 -20.97 -37.46 -21.88
C PHE B 57 -20.81 -38.95 -21.59
N SER B 58 -21.39 -39.39 -20.47
CA SER B 58 -21.28 -40.76 -19.97
C SER B 58 -22.35 -41.64 -20.63
N LYS B 59 -22.29 -42.96 -20.40
CA LYS B 59 -23.17 -43.81 -21.19
C LYS B 59 -24.65 -43.56 -20.88
N ASP B 60 -24.99 -42.89 -19.78
CA ASP B 60 -26.37 -42.50 -19.53
C ASP B 60 -26.72 -41.14 -20.13
N TRP B 61 -25.88 -40.64 -21.03
CA TRP B 61 -26.14 -39.40 -21.82
C TRP B 61 -26.04 -38.12 -20.98
N SER B 62 -25.38 -38.16 -19.83
CA SER B 62 -25.21 -36.96 -19.04
C SER B 62 -23.75 -36.50 -19.09
N PHE B 63 -23.53 -35.18 -19.17
CA PHE B 63 -22.27 -34.61 -19.63
C PHE B 63 -21.23 -34.47 -18.52
N TYR B 64 -19.97 -34.28 -18.93
CA TYR B 64 -18.89 -34.07 -17.98
C TYR B 64 -17.83 -33.13 -18.55
N LEU B 65 -17.43 -32.15 -17.74
CA LEU B 65 -16.42 -31.17 -18.13
C LEU B 65 -15.35 -31.02 -17.07
N LEU B 66 -14.08 -31.00 -17.50
CA LEU B 66 -12.99 -30.72 -16.53
C LEU B 66 -12.43 -29.34 -16.77
N TYR B 67 -12.85 -28.39 -15.96
CA TYR B 67 -12.23 -27.07 -15.92
C TYR B 67 -10.98 -27.11 -15.05
N TYR B 68 -9.92 -26.47 -15.52
CA TYR B 68 -8.63 -26.55 -14.87
C TYR B 68 -7.87 -25.27 -15.13
N THR B 69 -7.16 -24.80 -14.11
CA THR B 69 -6.19 -23.73 -14.25
C THR B 69 -4.94 -24.09 -13.46
N GLU B 70 -3.85 -23.36 -13.70
CA GLU B 70 -2.61 -23.56 -12.92
C GLU B 70 -2.74 -22.85 -11.58
N PHE B 71 -2.19 -23.43 -10.52
CA PHE B 71 -2.23 -22.75 -9.19
C PHE B 71 -1.05 -23.19 -8.36
N THR B 72 -0.53 -22.27 -7.57
CA THR B 72 0.54 -22.62 -6.61
C THR B 72 -0.15 -22.57 -5.25
N PRO B 73 -0.47 -23.73 -4.65
CA PRO B 73 -1.19 -23.76 -3.40
C PRO B 73 -0.45 -23.14 -2.21
N THR B 74 -1.18 -22.53 -1.29
CA THR B 74 -0.55 -22.03 -0.03
C THR B 74 -1.42 -22.49 1.14
N GLU B 75 -1.05 -22.13 2.37
CA GLU B 75 -1.81 -22.57 3.56
C GLU B 75 -2.86 -21.52 3.91
N LYS B 76 -2.71 -20.33 3.36
CA LYS B 76 -3.63 -19.22 3.70
C LYS B 76 -4.63 -19.03 2.57
N ASP B 77 -4.21 -19.25 1.31
CA ASP B 77 -5.15 -18.95 0.23
C ASP B 77 -6.24 -20.01 0.11
N GLU B 78 -7.42 -19.58 -0.33
CA GLU B 78 -8.62 -20.41 -0.37
C GLU B 78 -9.13 -20.54 -1.79
N TYR B 79 -9.31 -21.77 -2.26
CA TYR B 79 -9.81 -21.99 -3.60
C TYR B 79 -11.14 -22.74 -3.62
N ALA B 80 -11.94 -22.44 -4.62
CA ALA B 80 -13.28 -22.97 -4.70
C ALA B 80 -13.68 -23.10 -6.15
N CYS B 81 -14.84 -23.70 -6.38
CA CYS B 81 -15.42 -23.82 -7.70
C CYS B 81 -16.83 -23.30 -7.64
N ARG B 82 -17.16 -22.34 -8.53
CA ARG B 82 -18.56 -21.81 -8.63
C ARG B 82 -19.23 -22.41 -9.86
N VAL B 83 -20.17 -23.32 -9.64
CA VAL B 83 -20.92 -24.00 -10.69
C VAL B 83 -22.34 -23.44 -10.69
N ASN B 84 -22.86 -23.19 -11.90
CA ASN B 84 -24.21 -22.69 -12.09
C ASN B 84 -24.82 -23.41 -13.27
N HIS B 85 -26.05 -23.86 -13.09
CA HIS B 85 -26.78 -24.68 -14.04
C HIS B 85 -28.26 -24.39 -13.87
N VAL B 86 -29.03 -24.70 -14.92
CA VAL B 86 -30.46 -24.44 -14.91
C VAL B 86 -31.11 -25.14 -13.72
N THR B 87 -30.65 -26.35 -13.41
CA THR B 87 -31.16 -27.12 -12.28
C THR B 87 -30.75 -26.53 -10.93
N LEU B 88 -29.78 -25.63 -10.88
CA LEU B 88 -29.43 -24.95 -9.62
C LEU B 88 -30.29 -23.70 -9.47
N SER B 89 -31.11 -23.67 -8.42
CA SER B 89 -31.90 -22.49 -8.10
C SER B 89 -31.01 -21.29 -7.78
N GLN B 90 -29.76 -21.52 -7.43
CA GLN B 90 -28.75 -20.48 -7.25
C GLN B 90 -27.36 -21.14 -7.38
N PRO B 91 -26.33 -20.37 -7.74
CA PRO B 91 -25.01 -20.97 -8.01
C PRO B 91 -24.42 -21.69 -6.80
N LYS B 92 -23.69 -22.77 -7.10
CA LYS B 92 -23.24 -23.73 -6.10
C LYS B 92 -21.73 -23.66 -5.96
N ILE B 93 -21.26 -23.33 -4.77
CA ILE B 93 -19.83 -23.17 -4.48
C ILE B 93 -19.35 -24.34 -3.66
N VAL B 94 -18.22 -24.92 -4.07
CA VAL B 94 -17.65 -26.14 -3.51
C VAL B 94 -16.19 -25.82 -3.22
N LYS B 95 -15.85 -25.75 -1.94
CA LYS B 95 -14.48 -25.30 -1.58
C LYS B 95 -13.44 -26.39 -1.86
N TRP B 96 -12.25 -25.95 -2.24
CA TRP B 96 -11.17 -26.89 -2.49
C TRP B 96 -10.61 -27.37 -1.16
N ASP B 97 -10.70 -28.67 -0.93
CA ASP B 97 -10.09 -29.27 0.24
C ASP B 97 -8.81 -29.97 -0.17
N ARG B 98 -7.74 -29.65 0.55
CA ARG B 98 -6.43 -30.22 0.26
C ARG B 98 -6.42 -31.75 0.33
N ASP B 99 -7.23 -32.36 1.21
CA ASP B 99 -7.28 -33.83 1.23
C ASP B 99 -8.56 -34.40 0.63
N MET B 100 -9.15 -33.72 -0.34
CA MET B 100 -10.31 -34.24 -1.05
C MET B 100 -10.28 -33.79 -2.49
N LEU C 1 -12.00 -43.43 -36.90
CA LEU C 1 -12.65 -42.99 -38.12
C LEU C 1 -14.11 -42.69 -37.85
N TYR C 2 -14.51 -41.46 -38.14
CA TYR C 2 -15.89 -41.07 -37.97
C TYR C 2 -16.80 -41.89 -38.86
N LEU C 3 -18.03 -42.07 -38.39
CA LEU C 3 -19.02 -42.89 -39.14
C LEU C 3 -19.37 -42.15 -40.41
N PRO C 4 -19.32 -42.85 -41.54
CA PRO C 4 -19.72 -42.26 -42.81
C PRO C 4 -21.20 -41.95 -42.90
N VAL C 5 -22.08 -42.94 -42.66
CA VAL C 5 -23.52 -42.80 -42.85
C VAL C 5 -24.04 -41.53 -42.17
N ARG C 6 -25.07 -40.90 -42.77
CA ARG C 6 -25.81 -39.78 -42.16
C ARG C 6 -27.28 -39.94 -42.55
N VAL C 7 -28.01 -40.76 -41.79
CA VAL C 7 -29.45 -40.89 -42.01
C VAL C 7 -30.20 -39.90 -41.13
N LEU C 8 -31.50 -39.79 -41.41
CA LEU C 8 -32.34 -38.82 -40.70
C LEU C 8 -33.45 -39.55 -39.96
N ILE C 9 -33.74 -39.13 -38.72
CA ILE C 9 -34.76 -39.81 -37.86
C ILE C 9 -36.16 -39.68 -38.48
N GLY D 4 22.87 -31.70 0.13
CA GLY D 4 21.60 -31.48 0.81
C GLY D 4 21.53 -30.33 1.83
N SER D 5 22.45 -29.38 1.68
CA SER D 5 22.74 -28.36 2.68
C SER D 5 22.10 -26.99 2.35
N HIS D 6 22.48 -25.97 3.13
CA HIS D 6 22.03 -24.60 2.92
C HIS D 6 23.15 -23.65 3.31
N SER D 7 23.03 -22.42 2.82
CA SER D 7 24.18 -21.52 2.84
C SER D 7 23.67 -20.10 2.97
N MET D 8 24.31 -19.34 3.85
CA MET D 8 24.00 -17.93 3.99
C MET D 8 25.28 -17.17 3.68
N ARG D 9 25.15 -16.14 2.84
CA ARG D 9 26.25 -15.34 2.38
C ARG D 9 25.83 -13.89 2.34
N TYR D 10 26.77 -13.02 2.69
CA TYR D 10 26.57 -11.56 2.54
C TYR D 10 27.78 -11.07 1.75
N PHE D 11 27.59 -10.18 0.78
CA PHE D 11 28.67 -9.69 -0.08
C PHE D 11 28.74 -8.17 0.00
N SER D 12 29.90 -7.62 0.37
CA SER D 12 30.02 -6.17 0.38
C SER D 12 30.92 -5.70 -0.76
N THR D 13 30.67 -4.49 -1.25
CA THR D 13 31.57 -3.84 -2.18
C THR D 13 31.76 -2.41 -1.74
N SER D 14 32.99 -2.10 -1.34
CA SER D 14 33.37 -0.73 -0.98
C SER D 14 34.26 -0.21 -2.11
N VAL D 15 33.79 0.77 -2.87
CA VAL D 15 34.51 1.30 -4.01
C VAL D 15 34.76 2.79 -3.78
N SER D 16 36.03 3.17 -3.73
CA SER D 16 36.42 4.56 -3.56
C SER D 16 36.13 5.35 -4.83
N ARG D 17 35.62 6.57 -4.65
CA ARG D 17 35.49 7.58 -5.70
C ARG D 17 36.24 8.81 -5.23
N PRO D 18 37.54 8.90 -5.48
CA PRO D 18 38.33 10.03 -4.98
C PRO D 18 37.78 11.35 -5.50
N GLY D 19 37.89 12.38 -4.64
CA GLY D 19 37.50 13.72 -4.98
C GLY D 19 36.01 13.95 -4.95
N ARG D 20 35.23 12.98 -5.45
CA ARG D 20 33.78 12.97 -5.39
C ARG D 20 33.31 12.70 -3.97
N GLY D 21 32.31 11.84 -3.82
CA GLY D 21 31.80 11.54 -2.50
C GLY D 21 32.76 10.80 -1.57
N GLU D 22 32.13 10.01 -0.70
CA GLU D 22 32.85 9.09 0.19
C GLU D 22 32.68 7.76 -0.54
N PRO D 23 33.45 6.70 -0.27
CA PRO D 23 33.38 5.47 -1.07
C PRO D 23 31.94 4.97 -1.15
N ARG D 24 31.64 4.34 -2.27
CA ARG D 24 30.30 3.73 -2.45
C ARG D 24 30.35 2.33 -1.85
N PHE D 25 29.29 1.97 -1.19
CA PHE D 25 29.22 0.72 -0.46
C PHE D 25 27.86 0.10 -0.73
N ILE D 26 27.88 -1.13 -1.21
CA ILE D 26 26.68 -1.89 -1.50
C ILE D 26 26.85 -3.25 -0.87
N ALA D 27 25.81 -3.74 -0.23
CA ALA D 27 25.85 -5.03 0.42
C ALA D 27 24.56 -5.80 0.14
N VAL D 28 24.72 -7.09 -0.19
CA VAL D 28 23.61 -7.98 -0.51
C VAL D 28 23.69 -9.23 0.37
N GLY D 29 22.53 -9.73 0.74
CA GLY D 29 22.42 -10.97 1.50
C GLY D 29 21.75 -12.03 0.67
N TYR D 30 22.30 -13.24 0.75
CA TYR D 30 21.78 -14.35 -0.07
C TYR D 30 21.62 -15.60 0.76
N VAL D 31 20.39 -16.09 0.91
CA VAL D 31 20.19 -17.40 1.49
C VAL D 31 20.09 -18.36 0.32
N ASP D 32 21.06 -19.27 0.22
CA ASP D 32 21.24 -20.10 -0.99
C ASP D 32 21.29 -19.15 -2.19
N ASP D 33 20.52 -19.40 -3.25
CA ASP D 33 20.54 -18.56 -4.44
C ASP D 33 19.42 -17.51 -4.40
N THR D 34 18.66 -17.45 -3.30
CA THR D 34 17.65 -16.42 -3.12
C THR D 34 18.26 -15.25 -2.34
N GLN D 35 18.13 -14.03 -2.89
CA GLN D 35 18.56 -12.80 -2.22
C GLN D 35 17.44 -12.22 -1.35
N PHE D 36 17.80 -11.71 -0.16
CA PHE D 36 16.76 -11.27 0.81
C PHE D 36 16.94 -9.85 1.35
N VAL D 37 18.14 -9.28 1.34
CA VAL D 37 18.31 -7.90 1.80
C VAL D 37 19.24 -7.16 0.84
N ARG D 38 19.45 -5.88 1.15
CA ARG D 38 20.36 -5.03 0.33
C ARG D 38 20.66 -3.73 1.08
N PHE D 39 21.92 -3.32 1.09
CA PHE D 39 22.24 -1.98 1.62
C PHE D 39 23.00 -1.25 0.53
N ASP D 40 22.59 -0.02 0.24
CA ASP D 40 23.29 0.85 -0.69
C ASP D 40 23.50 2.18 0.00
N SER D 41 24.77 2.58 0.14
CA SER D 41 25.07 3.84 0.84
C SER D 41 24.53 5.05 0.09
N ASP D 42 24.51 5.00 -1.23
CA ASP D 42 23.95 6.09 -1.99
C ASP D 42 22.44 6.09 -1.98
N ALA D 43 21.82 5.05 -1.42
CA ALA D 43 20.38 4.88 -1.55
C ALA D 43 19.65 5.80 -0.58
N ALA D 44 18.39 6.06 -0.91
CA ALA D 44 17.64 7.07 -0.20
C ALA D 44 17.27 6.63 1.21
N SER D 45 17.02 5.33 1.43
CA SER D 45 16.55 4.92 2.75
C SER D 45 17.62 5.13 3.81
N GLN D 46 18.88 4.78 3.50
CA GLN D 46 19.94 4.65 4.50
C GLN D 46 19.53 3.51 5.41
N ARG D 47 18.74 2.60 4.87
CA ARG D 47 18.43 1.46 5.75
C ARG D 47 18.76 0.16 5.03
N MET D 48 18.69 -0.94 5.75
CA MET D 48 18.92 -2.28 5.15
C MET D 48 17.52 -2.60 4.65
N GLU D 49 17.37 -2.73 3.34
CA GLU D 49 16.06 -2.88 2.73
C GLU D 49 15.79 -4.34 2.50
N PRO D 50 14.50 -4.75 2.48
CA PRO D 50 14.17 -6.15 2.24
C PRO D 50 13.84 -6.46 0.79
N ARG D 51 14.46 -7.52 0.30
CA ARG D 51 14.47 -7.90 -1.11
C ARG D 51 13.84 -9.25 -1.36
N ALA D 52 13.21 -9.84 -0.36
CA ALA D 52 12.46 -11.08 -0.42
C ALA D 52 11.15 -10.83 0.30
N PRO D 53 10.15 -11.68 0.09
CA PRO D 53 8.95 -11.57 0.93
C PRO D 53 9.22 -11.93 2.38
N TRP D 54 9.52 -13.22 2.61
CA TRP D 54 9.68 -13.81 3.94
C TRP D 54 10.62 -13.07 4.87
N ILE D 55 11.23 -11.99 4.41
CA ILE D 55 12.04 -11.18 5.31
C ILE D 55 11.35 -9.89 5.70
N GLU D 56 10.42 -9.38 4.88
CA GLU D 56 9.59 -8.22 5.25
C GLU D 56 8.85 -8.47 6.55
N GLN D 57 8.55 -9.74 6.86
CA GLN D 57 7.87 -10.13 8.10
C GLN D 57 8.81 -10.16 9.30
N GLU D 58 9.78 -9.24 9.34
CA GLU D 58 10.69 -9.08 10.47
C GLU D 58 10.43 -7.73 11.12
N GLY D 59 10.69 -7.67 12.42
CA GLY D 59 10.32 -6.52 13.21
C GLY D 59 11.27 -5.36 13.04
N PRO D 60 10.81 -4.14 13.33
CA PRO D 60 11.71 -3.00 13.20
C PRO D 60 12.91 -3.12 14.12
N GLU D 61 12.85 -3.97 15.11
CA GLU D 61 14.06 -4.19 15.94
C GLU D 61 15.07 -4.91 15.04
N TYR D 62 14.64 -5.88 14.22
CA TYR D 62 15.54 -6.52 13.27
C TYR D 62 16.13 -5.50 12.31
N TRP D 63 15.27 -4.70 11.69
CA TRP D 63 15.75 -3.80 10.66
C TRP D 63 16.64 -2.70 11.22
N ASP D 64 16.28 -2.13 12.38
CA ASP D 64 17.16 -1.17 13.03
C ASP D 64 18.55 -1.76 13.29
N GLU D 65 18.60 -3.04 13.70
CA GLU D 65 19.83 -3.71 14.10
C GLU D 65 20.62 -4.19 12.90
N GLU D 66 19.94 -4.46 11.81
CA GLU D 66 20.68 -4.75 10.60
C GLU D 66 21.20 -3.47 9.97
N THR D 67 20.42 -2.39 9.99
CA THR D 67 20.92 -1.10 9.57
C THR D 67 22.06 -0.63 10.46
N GLY D 68 22.00 -0.95 11.74
CA GLY D 68 23.10 -0.61 12.61
C GLY D 68 24.44 -1.12 12.15
N LYS D 69 24.57 -2.44 11.99
CA LYS D 69 25.85 -3.08 11.69
C LYS D 69 26.32 -2.80 10.27
N VAL D 70 25.43 -2.88 9.29
CA VAL D 70 25.93 -2.73 7.93
C VAL D 70 26.46 -1.31 7.72
N LYS D 71 25.83 -0.31 8.37
CA LYS D 71 26.35 1.05 8.27
C LYS D 71 27.72 1.17 8.93
N ALA D 72 27.86 0.58 10.12
CA ALA D 72 29.17 0.53 10.75
C ALA D 72 30.19 -0.20 9.87
N HIS D 73 29.76 -1.24 9.16
CA HIS D 73 30.66 -1.90 8.21
C HIS D 73 31.12 -0.90 7.14
N SER D 74 30.18 -0.21 6.49
CA SER D 74 30.43 0.91 5.59
C SER D 74 31.61 1.77 6.03
N GLN D 75 31.56 2.26 7.27
CA GLN D 75 32.66 3.06 7.81
C GLN D 75 33.95 2.27 7.85
N THR D 76 33.89 1.05 8.40
CA THR D 76 35.09 0.26 8.64
C THR D 76 35.84 -0.03 7.35
N ASP D 77 35.12 -0.31 6.28
CA ASP D 77 35.77 -0.67 4.99
C ASP D 77 36.21 0.59 4.26
N ARG D 78 35.58 1.73 4.53
CA ARG D 78 36.01 3.05 3.98
C ARG D 78 37.38 3.36 4.58
N GLU D 79 37.57 3.05 5.86
CA GLU D 79 38.90 3.21 6.50
C GLU D 79 39.83 2.16 5.91
N ASN D 80 39.35 0.94 5.76
CA ASN D 80 40.23 -0.10 5.21
C ASN D 80 40.81 0.28 3.86
N LEU D 81 39.99 0.85 2.98
CA LEU D 81 40.48 1.40 1.71
C LEU D 81 41.59 2.43 1.91
N ARG D 82 41.50 3.25 2.97
CA ARG D 82 42.57 4.18 3.34
C ARG D 82 43.82 3.42 3.77
N ILE D 83 43.64 2.38 4.57
CA ILE D 83 44.78 1.66 5.12
C ILE D 83 45.45 0.82 4.05
N ALA D 84 44.73 0.51 2.97
CA ALA D 84 45.31 -0.26 1.86
C ALA D 84 46.07 0.64 0.87
N LEU D 85 45.57 1.87 0.64
CA LEU D 85 46.37 2.87 -0.07
C LEU D 85 47.70 3.05 0.62
N ARG D 86 47.73 2.89 1.94
CA ARG D 86 49.00 2.97 2.64
C ARG D 86 49.84 1.71 2.45
N TYR D 87 49.21 0.53 2.53
CA TYR D 87 49.96 -0.73 2.46
C TYR D 87 50.48 -1.00 1.07
N TYR D 88 49.88 -0.36 0.06
CA TYR D 88 50.25 -0.49 -1.35
C TYR D 88 50.83 0.80 -1.90
N ASN D 89 50.99 1.82 -1.06
CA ASN D 89 51.61 3.08 -1.41
C ASN D 89 51.04 3.67 -2.69
N GLN D 90 49.72 3.82 -2.72
CA GLN D 90 49.04 4.25 -3.93
C GLN D 90 48.49 5.65 -3.77
N SER D 91 48.27 6.32 -4.89
CA SER D 91 47.91 7.74 -4.84
C SER D 91 46.48 7.93 -4.36
N GLU D 92 46.27 9.08 -3.73
CA GLU D 92 44.97 9.47 -3.19
C GLU D 92 43.87 9.45 -4.25
N ALA D 93 44.21 9.57 -5.52
CA ALA D 93 43.22 9.82 -6.57
C ALA D 93 42.94 8.59 -7.41
N GLY D 94 43.53 7.45 -7.08
CA GLY D 94 43.11 6.21 -7.69
C GLY D 94 41.81 5.73 -7.07
N SER D 95 40.95 5.14 -7.91
CA SER D 95 39.74 4.46 -7.44
C SER D 95 40.07 3.01 -7.15
N HIS D 96 39.84 2.57 -5.91
CA HIS D 96 40.11 1.18 -5.55
C HIS D 96 38.86 0.49 -5.01
N THR D 97 38.91 -0.84 -4.95
CA THR D 97 37.75 -1.65 -4.57
C THR D 97 38.07 -2.52 -3.36
N LEU D 98 37.22 -2.49 -2.33
CA LEU D 98 37.37 -3.42 -1.19
C LEU D 98 36.12 -4.31 -1.10
N GLN D 99 36.31 -5.60 -1.26
CA GLN D 99 35.23 -6.58 -1.24
C GLN D 99 35.41 -7.50 -0.06
N MET D 100 34.31 -7.67 0.71
CA MET D 100 34.27 -8.62 1.85
C MET D 100 33.11 -9.59 1.69
N MET D 101 33.38 -10.87 1.83
CA MET D 101 32.38 -11.92 1.86
C MET D 101 32.43 -12.65 3.20
N PHE D 102 31.27 -13.00 3.74
CA PHE D 102 31.14 -13.68 5.03
C PHE D 102 29.81 -14.41 5.11
N GLY D 103 29.75 -15.38 6.01
CA GLY D 103 28.61 -16.28 6.08
C GLY D 103 29.03 -17.67 6.52
N CYS D 104 28.17 -18.64 6.22
CA CYS D 104 28.28 -19.97 6.79
C CYS D 104 27.43 -20.94 5.99
N ASP D 105 27.76 -22.23 6.15
CA ASP D 105 26.98 -23.34 5.61
C ASP D 105 26.42 -24.13 6.79
N VAL D 106 25.20 -24.67 6.63
CA VAL D 106 24.63 -25.64 7.57
C VAL D 106 24.32 -26.93 6.82
N GLY D 107 24.48 -28.05 7.49
CA GLY D 107 24.04 -29.31 6.93
C GLY D 107 22.54 -29.50 7.05
N SER D 108 22.04 -30.52 6.33
CA SER D 108 20.62 -30.88 6.34
C SER D 108 20.06 -31.09 7.73
N ASP D 109 20.92 -31.33 8.72
CA ASP D 109 20.49 -31.51 10.09
C ASP D 109 20.56 -30.23 10.88
N GLY D 110 20.84 -29.11 10.22
CA GLY D 110 20.87 -27.82 10.88
C GLY D 110 22.17 -27.49 11.55
N ARG D 111 23.08 -28.44 11.65
CA ARG D 111 24.33 -28.21 12.34
C ARG D 111 25.23 -27.27 11.51
N PHE D 112 26.09 -26.53 12.22
CA PHE D 112 27.14 -25.77 11.56
C PHE D 112 27.95 -26.68 10.65
N LEU D 113 28.35 -26.15 9.49
CA LEU D 113 29.24 -26.88 8.58
C LEU D 113 30.58 -26.20 8.38
N ARG D 114 30.57 -24.89 8.15
CA ARG D 114 31.77 -24.22 7.67
C ARG D 114 31.47 -22.72 7.69
N GLY D 115 32.44 -21.93 8.14
CA GLY D 115 32.27 -20.50 8.19
C GLY D 115 33.02 -19.83 7.06
N TYR D 116 32.69 -18.56 6.78
CA TYR D 116 33.33 -17.82 5.70
C TYR D 116 33.52 -16.37 6.09
N HIS D 117 34.69 -15.84 5.73
CA HIS D 117 35.10 -14.50 6.11
C HIS D 117 36.37 -14.18 5.34
N GLN D 118 36.27 -13.30 4.34
CA GLN D 118 37.37 -13.07 3.42
C GLN D 118 37.23 -11.74 2.69
N TYR D 119 38.35 -11.04 2.59
CA TYR D 119 38.41 -9.74 1.90
C TYR D 119 39.18 -9.88 0.59
N ALA D 120 39.12 -8.84 -0.23
CA ALA D 120 39.79 -8.80 -1.52
C ALA D 120 39.96 -7.35 -1.96
N TYR D 121 41.20 -6.94 -2.16
CA TYR D 121 41.53 -5.59 -2.58
C TYR D 121 41.74 -5.56 -4.09
N ASP D 122 41.01 -4.70 -4.78
CA ASP D 122 41.22 -4.43 -6.21
C ASP D 122 41.23 -5.73 -7.03
N GLY D 123 40.25 -6.58 -6.77
CA GLY D 123 40.13 -7.81 -7.52
C GLY D 123 40.84 -9.02 -7.00
N LYS D 124 42.08 -8.89 -6.51
CA LYS D 124 42.84 -10.00 -5.95
C LYS D 124 42.42 -10.29 -4.50
N ASP D 125 42.71 -11.50 -4.02
CA ASP D 125 42.54 -11.80 -2.60
C ASP D 125 43.42 -10.89 -1.77
N TYR D 126 42.89 -10.48 -0.62
CA TYR D 126 43.73 -9.81 0.38
C TYR D 126 44.04 -10.81 1.50
N ILE D 127 43.03 -11.17 2.29
CA ILE D 127 43.24 -12.08 3.43
C ILE D 127 41.98 -12.92 3.59
N ALA D 128 42.13 -14.16 4.08
CA ALA D 128 40.95 -14.98 4.29
C ALA D 128 41.16 -15.90 5.47
N LEU D 129 40.04 -16.27 6.10
CA LEU D 129 40.00 -17.10 7.31
C LEU D 129 39.93 -18.58 6.95
N LYS D 130 40.96 -19.33 7.33
CA LYS D 130 41.08 -20.72 6.92
C LYS D 130 39.97 -21.55 7.54
N GLU D 131 39.68 -22.66 6.87
CA GLU D 131 38.50 -23.48 7.14
C GLU D 131 38.23 -23.70 8.61
N ASP D 132 39.27 -23.66 9.44
CA ASP D 132 39.12 -23.98 10.85
C ASP D 132 38.88 -22.76 11.76
N LEU D 133 38.68 -21.57 11.19
CA LEU D 133 38.30 -20.39 11.98
C LEU D 133 39.40 -20.11 13.01
N ARG D 134 40.63 -20.49 12.69
CA ARG D 134 41.68 -20.28 13.72
C ARG D 134 42.90 -19.58 13.11
N SER D 135 43.12 -19.71 11.80
CA SER D 135 44.25 -19.07 11.15
C SER D 135 43.83 -18.39 9.85
N TRP D 136 44.72 -17.55 9.33
CA TRP D 136 44.47 -16.70 8.17
C TRP D 136 45.34 -17.10 7.00
N THR D 137 44.86 -16.87 5.78
CA THR D 137 45.67 -17.02 4.57
C THR D 137 45.89 -15.66 3.95
N ALA D 138 47.17 -15.25 3.84
CA ALA D 138 47.55 -13.87 3.55
C ALA D 138 48.19 -13.81 2.17
N ALA D 139 47.43 -13.31 1.20
CA ALA D 139 47.74 -13.52 -0.22
C ALA D 139 49.10 -12.96 -0.61
N ASP D 140 49.40 -11.72 -0.23
CA ASP D 140 50.67 -11.15 -0.67
C ASP D 140 51.32 -10.47 0.54
N MET D 141 52.43 -9.77 0.34
CA MET D 141 53.20 -9.22 1.50
C MET D 141 52.41 -8.18 2.30
N ALA D 142 51.59 -7.36 1.65
CA ALA D 142 50.77 -6.41 2.38
C ALA D 142 49.83 -7.11 3.35
N ALA D 143 49.21 -8.19 2.90
CA ALA D 143 48.25 -8.90 3.74
C ALA D 143 48.91 -9.46 4.99
N GLN D 144 50.23 -9.60 5.01
CA GLN D 144 50.81 -10.32 6.13
C GLN D 144 50.96 -9.40 7.33
N ILE D 145 51.05 -8.09 7.11
CA ILE D 145 50.87 -7.14 8.20
C ILE D 145 49.52 -7.37 8.89
N THR D 146 48.45 -7.50 8.09
CA THR D 146 47.14 -7.82 8.65
C THR D 146 47.15 -9.17 9.35
N LYS D 147 47.76 -10.18 8.72
CA LYS D 147 47.75 -11.52 9.30
C LYS D 147 48.37 -11.50 10.68
N ARG D 148 49.55 -10.90 10.81
CA ARG D 148 50.19 -10.83 12.12
C ARG D 148 49.43 -9.90 13.06
N LYS D 149 48.87 -8.82 12.52
CA LYS D 149 48.10 -7.89 13.36
C LYS D 149 46.86 -8.57 13.91
N TRP D 150 46.15 -9.31 13.05
CA TRP D 150 44.93 -10.02 13.44
C TRP D 150 45.22 -11.30 14.21
N GLU D 151 46.41 -11.86 14.03
CA GLU D 151 46.82 -12.94 14.91
C GLU D 151 46.99 -12.43 16.34
N ALA D 152 47.52 -11.20 16.50
CA ALA D 152 47.79 -10.65 17.83
C ALA D 152 46.50 -10.32 18.56
N ALA D 153 45.69 -9.45 17.98
CA ALA D 153 44.39 -9.09 18.52
C ALA D 153 43.41 -10.25 18.66
N HIS D 154 43.78 -11.48 18.29
CA HIS D 154 42.83 -12.60 18.32
C HIS D 154 41.54 -12.22 17.60
N VAL D 155 41.66 -11.92 16.32
CA VAL D 155 40.48 -11.55 15.55
C VAL D 155 39.79 -12.80 15.04
N ALA D 156 40.54 -13.86 14.76
CA ALA D 156 39.90 -15.09 14.29
C ALA D 156 38.86 -15.57 15.27
N GLU D 157 39.23 -15.71 16.54
CA GLU D 157 38.32 -16.27 17.52
C GLU D 157 37.06 -15.42 17.68
N GLN D 158 37.17 -14.12 17.40
CA GLN D 158 36.02 -13.22 17.52
C GLN D 158 34.97 -13.50 16.44
N GLN D 159 35.37 -13.46 15.15
CA GLN D 159 34.44 -13.83 14.08
C GLN D 159 33.88 -15.25 14.28
N ARG D 160 34.60 -16.09 15.03
CA ARG D 160 34.26 -17.49 15.18
C ARG D 160 32.94 -17.68 15.93
N ALA D 161 32.69 -16.89 16.98
CA ALA D 161 31.39 -16.97 17.66
C ALA D 161 30.23 -16.71 16.71
N TYR D 162 30.41 -15.81 15.73
CA TYR D 162 29.33 -15.47 14.81
C TYR D 162 29.14 -16.57 13.76
N LEU D 163 30.21 -16.88 13.03
CA LEU D 163 30.15 -17.92 12.00
C LEU D 163 29.63 -19.23 12.56
N GLU D 164 30.08 -19.58 13.77
CA GLU D 164 29.72 -20.91 14.33
C GLU D 164 28.45 -20.84 15.17
N GLY D 165 27.94 -19.65 15.47
CA GLY D 165 26.69 -19.53 16.19
C GLY D 165 25.64 -18.66 15.52
N THR D 166 25.74 -17.34 15.71
CA THR D 166 24.72 -16.37 15.21
C THR D 166 24.46 -16.57 13.72
N CYS D 167 25.51 -16.74 12.91
CA CYS D 167 25.31 -17.06 11.51
C CYS D 167 24.43 -18.30 11.35
N VAL D 168 24.81 -19.38 12.04
CA VAL D 168 24.05 -20.63 12.00
C VAL D 168 22.61 -20.38 12.39
N ASP D 169 22.39 -19.70 13.52
CA ASP D 169 21.02 -19.53 13.98
C ASP D 169 20.24 -18.62 13.05
N GLY D 170 20.85 -17.56 12.55
CA GLY D 170 20.18 -16.77 11.53
C GLY D 170 19.62 -17.65 10.43
N LEU D 171 20.47 -18.55 9.90
CA LEU D 171 20.12 -19.34 8.73
C LEU D 171 18.99 -20.34 9.03
N ARG D 172 19.07 -21.03 10.17
CA ARG D 172 17.99 -21.97 10.57
C ARG D 172 16.67 -21.21 10.69
N ARG D 173 16.69 -20.02 11.29
CA ARG D 173 15.49 -19.19 11.38
C ARG D 173 14.98 -18.84 10.00
N TYR D 174 15.86 -18.29 9.15
CA TYR D 174 15.47 -17.89 7.81
C TYR D 174 14.83 -19.04 7.06
N LEU D 175 15.34 -20.25 7.22
CA LEU D 175 14.80 -21.37 6.42
C LEU D 175 13.38 -21.68 6.90
N GLU D 176 13.16 -21.73 8.21
CA GLU D 176 11.81 -21.94 8.74
C GLU D 176 10.90 -20.79 8.34
N ASN D 177 11.31 -19.55 8.65
CA ASN D 177 10.50 -18.36 8.38
C ASN D 177 10.19 -18.13 6.90
N GLY D 178 10.82 -18.87 5.98
CA GLY D 178 10.52 -18.76 4.56
C GLY D 178 10.63 -20.07 3.80
N LYS D 179 10.10 -21.16 4.37
CA LYS D 179 10.33 -22.51 3.87
C LYS D 179 9.81 -22.71 2.45
N GLU D 180 8.74 -22.01 2.06
CA GLU D 180 8.24 -22.19 0.68
C GLU D 180 9.15 -21.52 -0.34
N THR D 181 9.62 -20.30 -0.08
CA THR D 181 10.60 -19.67 -0.95
C THR D 181 11.82 -20.56 -1.12
N LEU D 182 12.30 -21.11 -0.01
CA LEU D 182 13.69 -21.54 0.14
C LEU D 182 13.85 -23.04 -0.07
N GLN D 183 13.15 -23.85 0.73
CA GLN D 183 13.23 -25.30 0.62
C GLN D 183 12.38 -25.83 -0.50
N ARG D 184 12.26 -25.02 -1.54
CA ARG D 184 11.53 -25.49 -2.74
C ARG D 184 12.54 -25.85 -3.83
N THR D 185 12.19 -26.82 -4.66
CA THR D 185 13.04 -27.25 -5.78
C THR D 185 12.18 -27.14 -7.03
N ASP D 186 12.29 -26.02 -7.76
CA ASP D 186 11.51 -25.83 -9.00
C ASP D 186 12.16 -26.69 -10.08
N PRO D 187 11.48 -27.74 -10.57
CA PRO D 187 12.08 -28.61 -11.55
C PRO D 187 12.26 -27.85 -12.87
N PRO D 188 13.37 -28.05 -13.60
CA PRO D 188 13.58 -27.33 -14.83
C PRO D 188 12.53 -27.68 -15.89
N LYS D 189 12.10 -26.67 -16.66
CA LYS D 189 11.17 -26.92 -17.77
C LYS D 189 12.02 -27.11 -19.03
N THR D 190 12.04 -28.31 -19.59
CA THR D 190 12.97 -28.61 -20.69
C THR D 190 12.30 -28.81 -22.07
N HIS D 191 13.08 -28.71 -23.14
CA HIS D 191 12.63 -28.94 -24.51
C HIS D 191 13.82 -28.82 -25.45
N MET D 192 13.59 -29.02 -26.73
CA MET D 192 14.69 -29.01 -27.69
C MET D 192 14.30 -28.22 -28.93
N THR D 193 15.31 -27.67 -29.57
CA THR D 193 15.10 -26.96 -30.81
C THR D 193 15.97 -27.62 -31.89
N HIS D 194 15.75 -27.21 -33.14
CA HIS D 194 16.45 -27.83 -34.25
C HIS D 194 16.54 -26.82 -35.39
N HIS D 195 17.67 -26.12 -35.48
CA HIS D 195 17.88 -25.37 -36.71
C HIS D 195 18.85 -26.12 -37.59
N PRO D 196 18.56 -26.22 -38.89
CA PRO D 196 19.56 -26.76 -39.83
C PRO D 196 20.46 -25.64 -40.31
N ILE D 197 21.76 -25.81 -40.08
CA ILE D 197 22.74 -24.74 -40.42
C ILE D 197 23.09 -24.91 -41.90
N SER D 198 23.86 -25.94 -42.25
CA SER D 198 24.05 -26.27 -43.66
C SER D 198 23.16 -27.47 -43.97
N ASP D 199 23.30 -28.04 -45.16
CA ASP D 199 22.49 -29.22 -45.48
C ASP D 199 23.22 -30.52 -45.13
N HIS D 200 24.42 -30.45 -44.58
CA HIS D 200 25.12 -31.61 -44.09
C HIS D 200 25.27 -31.57 -42.58
N GLU D 201 24.74 -30.53 -41.94
CA GLU D 201 25.02 -30.17 -40.55
C GLU D 201 23.72 -29.63 -39.95
N ALA D 202 23.33 -30.12 -38.77
CA ALA D 202 22.16 -29.56 -38.10
C ALA D 202 22.50 -29.33 -36.63
N THR D 203 21.72 -28.47 -35.98
CA THR D 203 22.00 -28.02 -34.62
C THR D 203 20.85 -28.40 -33.71
N LEU D 204 21.17 -29.10 -32.61
CA LEU D 204 20.23 -29.43 -31.55
C LEU D 204 20.53 -28.58 -30.32
N ARG D 205 19.53 -27.89 -29.77
CA ARG D 205 19.70 -27.07 -28.57
C ARG D 205 18.74 -27.55 -27.49
N CYS D 206 19.31 -28.00 -26.36
CA CYS D 206 18.53 -28.50 -25.19
C CYS D 206 18.36 -27.38 -24.18
N TRP D 207 17.14 -26.96 -23.95
CA TRP D 207 16.88 -25.80 -23.06
C TRP D 207 16.38 -26.23 -21.69
N ALA D 208 16.81 -25.55 -20.64
CA ALA D 208 16.30 -25.76 -19.29
C ALA D 208 15.92 -24.39 -18.76
N LEU D 209 14.67 -24.24 -18.35
CA LEU D 209 14.19 -22.91 -17.95
C LEU D 209 13.37 -22.95 -16.66
N GLY D 210 13.55 -21.96 -15.80
CA GLY D 210 12.72 -21.77 -14.62
C GLY D 210 13.00 -22.67 -13.44
N PHE D 211 14.25 -23.07 -13.24
CA PHE D 211 14.60 -23.94 -12.14
C PHE D 211 15.24 -23.15 -11.01
N TYR D 212 15.12 -23.68 -9.81
CA TYR D 212 15.82 -23.16 -8.62
C TYR D 212 16.08 -24.40 -7.76
N PRO D 213 17.30 -24.72 -7.28
CA PRO D 213 18.46 -23.81 -7.33
C PRO D 213 19.18 -23.67 -8.67
N ALA D 214 20.33 -23.01 -8.69
CA ALA D 214 21.07 -22.76 -9.95
C ALA D 214 21.82 -24.00 -10.42
N GLU D 215 21.97 -24.98 -9.53
CA GLU D 215 22.77 -26.16 -9.91
C GLU D 215 21.99 -26.97 -10.91
N ILE D 216 22.57 -27.22 -12.08
CA ILE D 216 21.96 -28.05 -13.10
C ILE D 216 23.12 -28.69 -13.85
N THR D 217 22.86 -29.69 -14.70
CA THR D 217 23.98 -30.21 -15.48
C THR D 217 23.48 -30.72 -16.83
N LEU D 218 23.75 -29.94 -17.85
CA LEU D 218 23.31 -30.32 -19.22
C LEU D 218 24.48 -31.02 -19.92
N THR D 219 24.34 -32.32 -20.21
CA THR D 219 25.35 -33.07 -20.94
C THR D 219 24.68 -33.75 -22.14
N TRP D 220 25.42 -33.86 -23.23
CA TRP D 220 24.96 -34.55 -24.42
C TRP D 220 25.61 -35.93 -24.49
N GLN D 221 25.05 -36.76 -25.39
CA GLN D 221 25.46 -38.15 -25.51
C GLN D 221 25.11 -38.65 -26.92
N ARG D 222 26.14 -38.86 -27.74
CA ARG D 222 26.02 -39.65 -28.97
C ARG D 222 25.92 -41.12 -28.60
N ASP D 223 24.80 -41.75 -28.94
CA ASP D 223 24.51 -43.13 -28.58
C ASP D 223 24.54 -43.27 -27.06
N GLY D 224 25.73 -43.43 -26.49
CA GLY D 224 25.84 -43.57 -25.04
C GLY D 224 26.94 -42.69 -24.47
N GLU D 225 28.15 -42.79 -25.02
CA GLU D 225 29.26 -41.95 -24.57
C GLU D 225 28.89 -40.46 -24.54
N ASP D 226 29.62 -39.69 -23.74
CA ASP D 226 29.44 -38.25 -23.73
C ASP D 226 29.89 -37.66 -25.06
N GLN D 227 29.04 -36.81 -25.64
CA GLN D 227 29.47 -35.88 -26.70
C GLN D 227 29.91 -34.55 -26.10
N THR D 228 31.20 -34.27 -26.18
CA THR D 228 31.68 -32.96 -25.81
C THR D 228 32.35 -32.25 -26.97
N GLN D 229 32.33 -32.84 -28.15
CA GLN D 229 33.14 -32.26 -29.26
C GLN D 229 32.48 -31.04 -29.89
N ASP D 230 31.45 -31.18 -30.70
CA ASP D 230 30.92 -29.97 -31.39
C ASP D 230 29.76 -29.47 -30.54
N THR D 231 30.08 -28.92 -29.37
CA THR D 231 29.14 -28.52 -28.34
C THR D 231 29.30 -27.06 -28.00
N GLU D 232 28.24 -26.47 -27.48
CA GLU D 232 28.28 -25.16 -26.84
C GLU D 232 27.42 -25.22 -25.58
N LEU D 233 27.75 -24.39 -24.58
CA LEU D 233 27.12 -24.48 -23.26
C LEU D 233 27.16 -23.11 -22.59
N VAL D 234 26.00 -22.47 -22.45
CA VAL D 234 25.97 -21.13 -21.85
C VAL D 234 26.16 -21.22 -20.35
N GLU D 235 26.53 -20.09 -19.78
CA GLU D 235 26.67 -20.06 -18.32
C GLU D 235 25.30 -19.85 -17.72
N THR D 236 24.90 -20.73 -16.82
CA THR D 236 23.66 -20.59 -16.07
C THR D 236 23.39 -19.12 -15.72
N ARG D 237 22.23 -18.63 -16.11
CA ARG D 237 21.88 -17.22 -16.02
C ARG D 237 20.52 -17.03 -15.36
N PRO D 238 20.23 -15.82 -14.85
CA PRO D 238 18.95 -15.57 -14.20
C PRO D 238 17.89 -15.01 -15.14
N ALA D 239 16.64 -15.36 -14.83
CA ALA D 239 15.50 -14.85 -15.58
C ALA D 239 14.98 -13.51 -15.09
N GLY D 240 15.06 -13.26 -13.78
CA GLY D 240 14.52 -12.05 -13.19
C GLY D 240 13.41 -12.33 -12.21
N ASP D 241 12.85 -13.53 -12.22
CA ASP D 241 11.88 -13.92 -11.21
C ASP D 241 12.49 -14.82 -10.15
N GLY D 242 13.82 -14.91 -10.07
CA GLY D 242 14.46 -15.74 -9.08
C GLY D 242 14.70 -17.16 -9.53
N THR D 243 14.33 -17.51 -10.75
CA THR D 243 14.65 -18.80 -11.31
C THR D 243 15.73 -18.63 -12.39
N PHE D 244 16.18 -19.74 -12.95
CA PHE D 244 17.36 -19.73 -13.80
C PHE D 244 17.14 -20.48 -15.10
N GLN D 245 17.98 -20.15 -16.09
CA GLN D 245 18.01 -20.77 -17.40
C GLN D 245 19.41 -21.34 -17.62
N LYS D 246 19.50 -22.22 -18.62
CA LYS D 246 20.76 -22.72 -19.15
C LYS D 246 20.38 -23.51 -20.38
N TRP D 247 21.35 -23.72 -21.26
CA TRP D 247 21.14 -24.58 -22.43
C TRP D 247 22.49 -25.07 -22.95
N ALA D 248 22.48 -26.30 -23.46
CA ALA D 248 23.56 -26.85 -24.26
C ALA D 248 23.10 -27.02 -25.71
N ALA D 249 24.07 -26.97 -26.63
CA ALA D 249 23.81 -27.18 -28.04
C ALA D 249 24.92 -28.03 -28.64
N VAL D 250 24.55 -28.99 -29.52
CA VAL D 250 25.49 -29.74 -30.36
C VAL D 250 25.11 -29.55 -31.82
N VAL D 251 26.14 -29.55 -32.70
CA VAL D 251 25.90 -29.67 -34.14
C VAL D 251 26.27 -31.09 -34.57
N VAL D 252 25.46 -31.62 -35.46
CA VAL D 252 25.39 -33.05 -35.74
C VAL D 252 25.33 -33.25 -37.24
N PRO D 253 25.73 -34.45 -37.73
CA PRO D 253 25.39 -34.83 -39.10
C PRO D 253 23.90 -34.73 -39.33
N SER D 254 23.51 -33.83 -40.23
CA SER D 254 22.12 -33.61 -40.62
C SER D 254 21.53 -34.94 -41.00
N GLY D 255 20.60 -35.45 -40.21
CA GLY D 255 20.03 -36.77 -40.44
C GLY D 255 20.31 -37.79 -39.35
N GLU D 256 21.25 -37.52 -38.42
CA GLU D 256 21.54 -38.42 -37.31
C GLU D 256 21.19 -37.83 -35.94
N GLU D 257 20.23 -36.88 -35.92
CA GLU D 257 19.78 -36.27 -34.67
C GLU D 257 19.42 -37.33 -33.63
N GLN D 258 18.98 -38.51 -34.08
CA GLN D 258 18.34 -39.50 -33.23
C GLN D 258 19.33 -40.39 -32.53
N ARG D 259 20.63 -40.20 -32.75
CA ARG D 259 21.63 -40.77 -31.87
C ARG D 259 22.09 -39.80 -30.78
N TYR D 260 21.62 -38.54 -30.82
CA TYR D 260 22.03 -37.53 -29.86
C TYR D 260 20.96 -37.37 -28.80
N THR D 261 21.38 -37.42 -27.53
CA THR D 261 20.50 -37.25 -26.39
C THR D 261 21.14 -36.28 -25.39
N CYS D 262 20.28 -35.52 -24.70
CA CYS D 262 20.67 -34.50 -23.75
C CYS D 262 20.14 -34.84 -22.37
N HIS D 263 21.03 -34.91 -21.38
CA HIS D 263 20.66 -35.26 -20.01
C HIS D 263 20.64 -34.02 -19.13
N VAL D 264 19.54 -33.84 -18.42
CA VAL D 264 19.34 -32.74 -17.49
C VAL D 264 19.39 -33.31 -16.06
N GLN D 265 20.26 -32.75 -15.22
CA GLN D 265 20.35 -33.12 -13.81
C GLN D 265 19.92 -31.93 -12.96
N HIS D 266 19.21 -32.22 -11.87
CA HIS D 266 18.75 -31.19 -10.96
C HIS D 266 18.19 -31.88 -9.73
N GLU D 267 18.24 -31.25 -8.56
CA GLU D 267 17.65 -31.86 -7.33
C GLU D 267 16.13 -31.73 -7.32
N GLY D 268 15.57 -30.91 -8.21
CA GLY D 268 14.10 -30.75 -8.30
C GLY D 268 13.51 -31.81 -9.20
N LEU D 269 14.39 -32.55 -9.88
CA LEU D 269 13.94 -33.62 -10.78
C LEU D 269 13.97 -34.94 -10.01
N PRO D 270 12.86 -35.71 -9.99
CA PRO D 270 12.86 -37.02 -9.36
C PRO D 270 14.00 -37.89 -9.90
N LYS D 271 14.20 -37.88 -11.22
CA LYS D 271 15.30 -38.64 -11.86
C LYS D 271 15.86 -37.82 -13.01
N PRO D 272 17.13 -38.01 -13.39
CA PRO D 272 17.70 -37.31 -14.53
C PRO D 272 16.86 -37.49 -15.81
N LEU D 273 16.72 -36.42 -16.59
CA LEU D 273 15.89 -36.44 -17.82
C LEU D 273 16.76 -36.73 -19.05
N THR D 274 16.22 -37.44 -20.04
CA THR D 274 16.95 -37.69 -21.32
C THR D 274 16.05 -37.32 -22.50
N LEU D 275 16.39 -36.27 -23.25
CA LEU D 275 15.63 -35.78 -24.38
C LEU D 275 16.22 -36.25 -25.70
N ARG D 276 15.35 -36.44 -26.68
CA ARG D 276 15.80 -36.79 -28.05
C ARG D 276 14.92 -35.97 -28.99
N TRP D 277 15.44 -35.59 -30.16
CA TRP D 277 14.68 -34.67 -31.05
C TRP D 277 13.30 -35.22 -31.40
N GLU D 278 12.32 -34.34 -31.58
CA GLU D 278 10.95 -34.72 -32.02
C GLU D 278 10.90 -34.62 -33.54
N PRO D 279 11.28 -35.63 -34.34
CA PRO D 279 11.33 -35.48 -35.78
C PRO D 279 9.94 -35.67 -36.42
N MET E 1 45.92 -3.31 -9.28
CA MET E 1 44.51 -3.54 -9.70
C MET E 1 44.51 -4.59 -10.82
N ILE E 2 43.71 -5.64 -10.67
CA ILE E 2 43.64 -6.71 -11.69
C ILE E 2 42.27 -6.63 -12.37
N GLN E 3 42.26 -6.28 -13.66
CA GLN E 3 40.97 -6.10 -14.37
C GLN E 3 40.44 -7.40 -14.97
N ARG E 4 39.16 -7.41 -15.34
CA ARG E 4 38.50 -8.63 -15.89
C ARG E 4 37.47 -8.16 -16.90
N THR E 5 37.33 -8.86 -18.02
CA THR E 5 36.45 -8.42 -19.13
C THR E 5 35.04 -8.94 -18.93
N PRO E 6 34.02 -8.09 -19.09
CA PRO E 6 32.63 -8.50 -18.95
C PRO E 6 32.13 -9.56 -19.92
N LYS E 7 31.50 -10.62 -19.42
CA LYS E 7 30.85 -11.63 -20.29
C LYS E 7 29.39 -11.21 -20.40
N ILE E 8 28.76 -11.39 -21.55
CA ILE E 8 27.40 -10.83 -21.76
C ILE E 8 26.45 -11.84 -22.41
N GLN E 9 25.20 -11.86 -21.92
CA GLN E 9 24.13 -12.74 -22.46
C GLN E 9 22.87 -11.88 -22.56
N VAL E 10 22.28 -11.75 -23.75
CA VAL E 10 21.02 -10.96 -23.97
C VAL E 10 19.89 -11.93 -24.29
N TYR E 11 18.85 -11.96 -23.45
CA TYR E 11 17.79 -12.98 -23.60
C TYR E 11 16.45 -12.49 -23.05
N SER E 12 15.51 -13.39 -22.85
CA SER E 12 14.15 -13.01 -22.42
C SER E 12 13.71 -13.88 -21.24
N ARG E 13 13.03 -13.30 -20.25
CA ARG E 13 12.63 -14.05 -19.05
C ARG E 13 11.93 -15.34 -19.45
N HIS E 14 10.98 -15.25 -20.37
CA HIS E 14 10.20 -16.44 -20.78
C HIS E 14 10.34 -16.65 -22.28
N PRO E 15 10.15 -17.89 -22.77
CA PRO E 15 10.16 -18.14 -24.21
C PRO E 15 9.44 -17.04 -24.99
N ALA E 16 10.12 -16.48 -25.98
CA ALA E 16 9.56 -15.34 -26.75
C ALA E 16 8.34 -15.72 -27.56
N GLU E 17 7.31 -14.87 -27.51
CA GLU E 17 6.10 -15.08 -28.33
C GLU E 17 5.67 -13.69 -28.78
N ASN E 18 5.84 -13.39 -30.06
CA ASN E 18 5.56 -12.03 -30.58
C ASN E 18 4.15 -11.61 -30.20
N GLY E 19 3.99 -10.39 -29.69
CA GLY E 19 2.66 -9.89 -29.34
C GLY E 19 2.30 -10.21 -27.92
N LYS E 20 3.19 -10.91 -27.23
CA LYS E 20 2.96 -11.26 -25.81
C LYS E 20 4.03 -10.52 -24.99
N SER E 21 3.67 -10.11 -23.78
CA SER E 21 4.61 -9.33 -22.94
C SER E 21 5.70 -10.21 -22.37
N ASN E 22 6.93 -9.72 -22.40
CA ASN E 22 8.04 -10.47 -21.75
C ASN E 22 8.95 -9.48 -21.06
N PHE E 23 10.08 -9.97 -20.57
CA PHE E 23 11.11 -9.09 -19.99
C PHE E 23 12.39 -9.37 -20.77
N LEU E 24 13.10 -8.34 -21.22
CA LEU E 24 14.41 -8.54 -21.89
C LEU E 24 15.52 -8.39 -20.86
N ASN E 25 16.31 -9.43 -20.67
CA ASN E 25 17.39 -9.39 -19.67
C ASN E 25 18.78 -9.32 -20.34
N CYS E 26 19.72 -8.56 -19.77
CA CYS E 26 21.12 -8.56 -20.24
C CYS E 26 21.98 -8.90 -19.02
N TYR E 27 22.47 -10.14 -18.95
CA TYR E 27 23.32 -10.59 -17.84
C TYR E 27 24.78 -10.24 -18.10
N VAL E 28 25.30 -9.26 -17.36
CA VAL E 28 26.73 -8.90 -17.47
C VAL E 28 27.44 -9.65 -16.35
N SER E 29 28.37 -10.55 -16.70
CA SER E 29 29.03 -11.43 -15.71
C SER E 29 30.55 -11.35 -15.83
N GLY E 30 31.25 -11.84 -14.82
CA GLY E 30 32.72 -11.95 -14.89
C GLY E 30 33.51 -10.68 -15.07
N PHE E 31 33.10 -9.59 -14.44
CA PHE E 31 33.83 -8.33 -14.70
C PHE E 31 34.50 -7.84 -13.42
N HIS E 32 35.38 -6.86 -13.55
CA HIS E 32 36.07 -6.25 -12.41
C HIS E 32 37.02 -5.21 -13.01
N PRO E 33 36.96 -3.89 -12.70
CA PRO E 33 36.25 -3.32 -11.56
C PRO E 33 34.73 -3.20 -11.76
N SER E 34 34.03 -2.94 -10.64
CA SER E 34 32.57 -2.95 -10.59
C SER E 34 31.92 -1.98 -11.54
N ASP E 35 32.65 -1.02 -12.06
CA ASP E 35 32.06 0.09 -12.80
C ASP E 35 31.69 -0.38 -14.21
N ILE E 36 30.44 -0.18 -14.61
CA ILE E 36 30.00 -0.68 -15.91
C ILE E 36 28.82 0.14 -16.40
N GLU E 37 28.79 0.35 -17.73
CA GLU E 37 27.70 0.96 -18.48
C GLU E 37 26.96 -0.15 -19.22
N VAL E 38 25.66 -0.27 -18.99
CA VAL E 38 24.83 -1.22 -19.73
C VAL E 38 23.60 -0.50 -20.24
N ASP E 39 23.29 -0.68 -21.53
CA ASP E 39 22.14 -0.07 -22.16
C ASP E 39 21.35 -1.16 -22.89
N LEU E 40 20.04 -1.03 -22.87
CA LEU E 40 19.16 -1.90 -23.64
C LEU E 40 18.69 -1.15 -24.87
N LEU E 41 18.73 -1.78 -26.03
CA LEU E 41 18.47 -1.12 -27.29
C LEU E 41 17.21 -1.68 -27.91
N LYS E 42 16.31 -0.82 -28.36
CA LYS E 42 15.22 -1.26 -29.23
C LYS E 42 15.44 -0.63 -30.59
N ASN E 43 15.58 -1.49 -31.60
CA ASN E 43 15.89 -1.05 -32.96
C ASN E 43 16.97 0.02 -32.89
N GLY E 44 18.07 -0.33 -32.22
CA GLY E 44 19.27 0.48 -32.21
C GLY E 44 19.20 1.78 -31.47
N GLU E 45 18.05 2.04 -30.84
CA GLU E 45 17.87 3.25 -30.00
C GLU E 45 17.82 2.80 -28.55
N ARG E 46 18.06 3.69 -27.61
CA ARG E 46 18.22 3.32 -26.20
C ARG E 46 16.89 3.40 -25.43
N ILE E 47 16.56 2.33 -24.66
CA ILE E 47 15.36 2.27 -23.81
C ILE E 47 15.64 2.92 -22.45
N GLU E 48 14.69 3.73 -21.97
CA GLU E 48 14.93 4.44 -20.72
C GLU E 48 14.19 3.81 -19.54
N LYS E 49 13.40 2.79 -19.78
CA LYS E 49 12.67 2.13 -18.70
C LYS E 49 13.45 0.95 -18.14
N VAL E 50 14.77 1.09 -17.97
CA VAL E 50 15.67 -0.02 -17.72
C VAL E 50 16.07 0.00 -16.25
N GLU E 51 15.56 -0.96 -15.48
CA GLU E 51 16.05 -1.20 -14.13
C GLU E 51 17.20 -2.20 -14.19
N HIS E 52 17.88 -2.36 -13.06
CA HIS E 52 18.94 -3.34 -12.97
C HIS E 52 19.04 -3.90 -11.55
N SER E 53 19.85 -4.94 -11.41
CA SER E 53 19.92 -5.72 -10.18
C SER E 53 20.95 -5.18 -9.19
N ASP E 54 20.85 -5.62 -7.95
CA ASP E 54 21.77 -5.19 -6.89
C ASP E 54 23.14 -5.82 -7.10
N LEU E 55 24.20 -5.07 -6.82
CA LEU E 55 25.52 -5.51 -7.22
C LEU E 55 25.93 -6.70 -6.38
N SER E 56 26.03 -7.87 -6.98
CA SER E 56 26.64 -9.01 -6.32
C SER E 56 27.90 -9.42 -7.08
N PHE E 57 28.66 -10.36 -6.50
CA PHE E 57 29.85 -10.88 -7.12
C PHE E 57 29.96 -12.39 -6.85
N SER E 58 30.89 -13.02 -7.58
CA SER E 58 31.03 -14.47 -7.62
C SER E 58 32.16 -14.94 -6.70
N LYS E 59 32.37 -16.25 -6.66
CA LYS E 59 33.37 -16.81 -5.77
C LYS E 59 34.76 -16.34 -6.11
N ASP E 60 34.98 -15.86 -7.33
CA ASP E 60 36.28 -15.33 -7.75
C ASP E 60 36.30 -13.83 -7.78
N TRP E 61 35.41 -13.20 -7.02
CA TRP E 61 35.29 -11.76 -6.79
C TRP E 61 34.86 -10.98 -8.02
N SER E 62 34.62 -11.62 -9.17
CA SER E 62 34.14 -10.86 -10.33
C SER E 62 32.65 -10.62 -10.20
N PHE E 63 32.24 -9.44 -10.66
CA PHE E 63 30.87 -8.98 -10.45
C PHE E 63 29.87 -9.54 -11.44
N TYR E 64 28.59 -9.30 -11.17
CA TYR E 64 27.49 -9.80 -12.03
C TYR E 64 26.23 -8.94 -11.78
N LEU E 65 25.60 -8.49 -12.85
CA LEU E 65 24.38 -7.67 -12.74
C LEU E 65 23.35 -8.14 -13.77
N LEU E 66 22.08 -7.80 -13.57
CA LEU E 66 21.04 -8.13 -14.56
C LEU E 66 20.22 -6.90 -14.91
N TYR E 67 20.47 -6.34 -16.08
CA TYR E 67 19.67 -5.27 -16.64
C TYR E 67 18.44 -5.87 -17.31
N TYR E 68 17.26 -5.40 -16.93
CA TYR E 68 16.01 -5.93 -17.46
C TYR E 68 15.03 -4.80 -17.73
N THR E 69 14.14 -5.05 -18.67
CA THR E 69 13.04 -4.14 -18.96
C THR E 69 11.88 -4.99 -19.45
N GLU E 70 10.67 -4.52 -19.17
CA GLU E 70 9.54 -5.19 -19.78
C GLU E 70 9.54 -4.86 -21.26
N PHE E 71 8.88 -5.69 -22.04
CA PHE E 71 8.76 -5.39 -23.46
C PHE E 71 7.83 -6.39 -24.12
N THR E 72 7.52 -6.08 -25.38
CA THR E 72 6.68 -6.93 -26.22
C THR E 72 7.43 -7.14 -27.52
N PRO E 73 7.96 -8.33 -27.75
CA PRO E 73 8.67 -8.58 -29.01
C PRO E 73 7.77 -8.49 -30.22
N THR E 74 8.38 -8.67 -31.38
CA THR E 74 7.67 -8.90 -32.62
C THR E 74 8.54 -9.84 -33.43
N GLU E 75 8.17 -10.02 -34.70
CA GLU E 75 9.18 -10.46 -35.64
C GLU E 75 9.82 -9.28 -36.33
N LYS E 76 9.23 -8.09 -36.20
CA LYS E 76 9.80 -6.88 -36.80
C LYS E 76 10.81 -6.17 -35.89
N ASP E 77 10.54 -6.02 -34.60
CA ASP E 77 11.43 -5.26 -33.71
C ASP E 77 12.76 -6.01 -33.53
N GLU E 78 13.80 -5.26 -33.12
CA GLU E 78 15.13 -5.83 -32.97
C GLU E 78 15.83 -5.22 -31.76
N TYR E 79 16.21 -6.05 -30.80
CA TYR E 79 16.79 -5.59 -29.55
C TYR E 79 18.25 -6.01 -29.43
N ALA E 80 18.95 -5.30 -28.55
CA ALA E 80 20.38 -5.50 -28.36
C ALA E 80 20.75 -4.89 -27.02
N CYS E 81 21.95 -5.23 -26.58
CA CYS E 81 22.49 -4.76 -25.32
C CYS E 81 23.83 -4.10 -25.62
N ARG E 82 24.00 -2.88 -25.10
CA ARG E 82 25.28 -2.13 -25.27
C ARG E 82 25.99 -2.08 -23.92
N VAL E 83 27.08 -2.81 -23.83
CA VAL E 83 27.88 -2.94 -22.61
C VAL E 83 29.21 -2.24 -22.83
N ASN E 84 29.50 -1.23 -22.01
CA ASN E 84 30.77 -0.53 -22.07
C ASN E 84 31.47 -0.71 -20.74
N HIS E 85 32.79 -0.88 -20.79
CA HIS E 85 33.62 -1.17 -19.62
C HIS E 85 35.00 -0.58 -19.87
N VAL E 86 35.77 -0.42 -18.80
CA VAL E 86 37.17 -0.02 -18.95
C VAL E 86 37.93 -1.05 -19.77
N THR E 87 37.74 -2.33 -19.47
CA THR E 87 38.45 -3.39 -20.17
C THR E 87 38.12 -3.45 -21.67
N LEU E 88 37.07 -2.75 -22.11
CA LEU E 88 36.63 -2.76 -23.48
C LEU E 88 37.22 -1.54 -24.18
N SER E 89 37.94 -1.78 -25.26
CA SER E 89 38.44 -0.71 -26.10
C SER E 89 37.31 0.13 -26.69
N GLN E 90 36.07 -0.36 -26.64
CA GLN E 90 34.92 0.32 -27.22
C GLN E 90 33.65 -0.48 -26.91
N PRO E 91 32.47 0.14 -26.96
CA PRO E 91 31.28 -0.55 -26.43
C PRO E 91 31.03 -1.85 -27.16
N LYS E 92 30.52 -2.83 -26.43
CA LYS E 92 30.20 -4.14 -26.98
C LYS E 92 28.70 -4.24 -27.14
N ILE E 93 28.25 -4.53 -28.36
CA ILE E 93 26.84 -4.77 -28.64
C ILE E 93 26.62 -6.25 -28.89
N VAL E 94 25.52 -6.78 -28.33
CA VAL E 94 25.11 -8.16 -28.48
C VAL E 94 23.61 -8.19 -28.77
N LYS E 95 23.26 -8.40 -30.03
CA LYS E 95 21.87 -8.37 -30.46
C LYS E 95 21.11 -9.50 -29.78
N TRP E 96 19.78 -9.33 -29.60
CA TRP E 96 18.96 -10.34 -28.96
C TRP E 96 18.46 -11.38 -29.97
N ASP E 97 18.81 -12.65 -29.75
CA ASP E 97 18.36 -13.77 -30.57
C ASP E 97 17.32 -14.57 -29.79
N ARG E 98 16.14 -14.74 -30.37
CA ARG E 98 15.05 -15.41 -29.64
C ARG E 98 15.36 -16.88 -29.38
N ASP E 99 16.52 -17.37 -29.81
CA ASP E 99 16.89 -18.78 -29.51
C ASP E 99 18.35 -18.85 -29.10
N MET E 100 18.79 -17.97 -28.22
CA MET E 100 20.17 -18.05 -27.68
C MET E 100 20.12 -17.46 -26.26
N LEU F 1 21.16 -12.16 9.31
CA LEU F 1 21.92 -11.69 10.49
C LEU F 1 23.31 -11.31 10.01
N TYR F 2 23.66 -10.03 10.10
CA TYR F 2 24.96 -9.53 9.59
C TYR F 2 26.04 -9.81 10.62
N LEU F 3 27.28 -9.67 10.21
CA LEU F 3 28.42 -9.86 11.13
C LEU F 3 28.79 -8.51 11.69
N PRO F 4 28.91 -8.36 13.02
CA PRO F 4 29.46 -7.14 13.57
C PRO F 4 30.92 -7.13 13.12
N VAL F 5 31.29 -6.25 12.19
CA VAL F 5 32.67 -6.21 11.61
C VAL F 5 33.68 -5.56 12.57
N ARG F 6 33.93 -4.26 12.45
CA ARG F 6 34.80 -3.49 13.39
C ARG F 6 36.31 -3.60 13.12
N VAL F 7 36.82 -4.76 12.70
CA VAL F 7 38.30 -4.95 12.59
C VAL F 7 38.88 -4.26 11.36
N LEU F 8 40.05 -3.63 11.54
CA LEU F 8 40.70 -2.89 10.46
C LEU F 8 41.93 -3.66 10.00
N ILE F 9 42.35 -3.49 8.74
CA ILE F 9 43.43 -4.30 8.13
C ILE F 9 44.82 -3.82 8.56
N GLY G 4 -26.43 31.76 -3.50
CA GLY G 4 -26.71 31.70 -2.07
C GLY G 4 -27.39 30.39 -1.67
N SER G 5 -27.44 29.50 -2.66
CA SER G 5 -28.12 28.21 -2.70
C SER G 5 -27.32 27.11 -2.00
N HIS G 6 -27.96 25.94 -1.87
CA HIS G 6 -27.42 24.81 -1.11
C HIS G 6 -28.06 23.52 -1.61
N SER G 7 -27.43 22.39 -1.30
CA SER G 7 -27.82 21.12 -1.90
C SER G 7 -27.54 19.98 -0.94
N MET G 8 -28.37 18.94 -1.05
CA MET G 8 -28.20 17.72 -0.25
C MET G 8 -28.17 16.52 -1.19
N ARG G 9 -27.08 15.75 -1.13
CA ARG G 9 -26.89 14.59 -1.98
C ARG G 9 -26.49 13.38 -1.15
N TYR G 10 -27.14 12.26 -1.50
CA TYR G 10 -26.78 10.94 -0.92
C TYR G 10 -26.44 10.04 -2.11
N PHE G 11 -25.33 9.32 -2.07
CA PHE G 11 -24.79 8.54 -3.16
C PHE G 11 -24.76 7.07 -2.73
N SER G 12 -25.57 6.22 -3.37
CA SER G 12 -25.48 4.80 -3.03
C SER G 12 -24.71 4.06 -4.10
N THR G 13 -24.14 2.94 -3.71
CA THR G 13 -23.32 2.16 -4.63
C THR G 13 -23.42 0.70 -4.22
N SER G 14 -24.05 -0.10 -5.07
CA SER G 14 -24.46 -1.45 -4.75
C SER G 14 -23.72 -2.33 -5.74
N VAL G 15 -22.91 -3.27 -5.23
CA VAL G 15 -21.91 -3.95 -6.04
C VAL G 15 -21.95 -5.44 -5.71
N SER G 16 -22.35 -6.26 -6.67
CA SER G 16 -22.37 -7.70 -6.47
C SER G 16 -20.96 -8.28 -6.49
N ARG G 17 -20.73 -9.30 -5.65
CA ARG G 17 -19.46 -10.02 -5.60
C ARG G 17 -19.72 -11.53 -5.60
N PRO G 18 -20.01 -12.11 -6.77
CA PRO G 18 -20.34 -13.55 -6.84
C PRO G 18 -19.19 -14.41 -6.36
N GLY G 19 -19.45 -15.19 -5.32
CA GLY G 19 -18.38 -15.95 -4.72
C GLY G 19 -18.08 -15.50 -3.31
N ARG G 20 -17.77 -14.22 -3.13
CA ARG G 20 -17.72 -13.68 -1.78
C ARG G 20 -19.13 -13.59 -1.23
N GLY G 21 -19.40 -12.55 -0.44
CA GLY G 21 -20.67 -12.51 0.28
C GLY G 21 -21.88 -12.01 -0.48
N GLU G 22 -22.64 -11.14 0.16
CA GLU G 22 -23.69 -10.40 -0.50
C GLU G 22 -23.08 -9.17 -1.17
N PRO G 23 -23.81 -8.51 -2.07
CA PRO G 23 -23.26 -7.30 -2.69
C PRO G 23 -22.92 -6.28 -1.62
N ARG G 24 -21.79 -5.60 -1.82
CA ARG G 24 -21.36 -4.58 -0.87
C ARG G 24 -22.08 -3.27 -1.15
N PHE G 25 -22.56 -2.62 -0.09
CA PHE G 25 -23.29 -1.38 -0.21
C PHE G 25 -22.59 -0.31 0.59
N ILE G 26 -22.27 0.82 -0.06
CA ILE G 26 -21.60 1.95 0.57
C ILE G 26 -22.32 3.23 0.19
N ALA G 27 -22.97 3.87 1.16
CA ALA G 27 -23.65 5.14 0.93
C ALA G 27 -22.98 6.25 1.72
N VAL G 28 -22.89 7.40 1.05
CA VAL G 28 -22.27 8.61 1.67
C VAL G 28 -23.32 9.71 1.61
N GLY G 29 -23.36 10.57 2.62
CA GLY G 29 -24.27 11.72 2.62
C GLY G 29 -23.47 13.01 2.55
N TYR G 30 -23.91 13.95 1.72
CA TYR G 30 -23.16 15.22 1.55
C TYR G 30 -24.06 16.45 1.56
N VAL G 31 -23.76 17.45 2.38
CA VAL G 31 -24.49 18.75 2.29
C VAL G 31 -23.51 19.68 1.60
N ASP G 32 -23.75 19.94 0.32
CA ASP G 32 -22.78 20.73 -0.48
C ASP G 32 -21.51 19.90 -0.57
N ASP G 33 -20.34 20.52 -0.60
CA ASP G 33 -19.13 19.69 -0.76
C ASP G 33 -18.66 19.03 0.53
N THR G 34 -19.47 19.00 1.57
CA THR G 34 -19.08 18.50 2.89
C THR G 34 -19.81 17.19 3.18
N GLN G 35 -19.06 16.09 3.34
CA GLN G 35 -19.66 14.81 3.67
C GLN G 35 -19.99 14.77 5.16
N PHE G 36 -21.16 14.21 5.51
CA PHE G 36 -21.60 14.23 6.91
C PHE G 36 -22.08 12.89 7.51
N VAL G 37 -22.47 11.89 6.71
CA VAL G 37 -22.79 10.56 7.24
C VAL G 37 -22.35 9.52 6.23
N ARG G 38 -22.33 8.26 6.67
CA ARG G 38 -21.99 7.16 5.79
C ARG G 38 -22.39 5.83 6.43
N PHE G 39 -22.74 4.86 5.58
CA PHE G 39 -23.03 3.49 5.95
C PHE G 39 -22.19 2.57 5.06
N ASP G 40 -22.02 1.32 5.50
CA ASP G 40 -21.11 0.35 4.86
C ASP G 40 -21.50 -1.05 5.29
N SER G 41 -21.93 -1.89 4.35
CA SER G 41 -22.40 -3.21 4.72
C SER G 41 -21.28 -4.08 5.28
N ASP G 42 -20.04 -3.84 4.87
CA ASP G 42 -18.96 -4.65 5.41
C ASP G 42 -18.56 -4.24 6.82
N ALA G 43 -18.84 -3.00 7.22
CA ALA G 43 -18.28 -2.43 8.44
C ALA G 43 -18.97 -2.97 9.71
N ALA G 44 -18.19 -2.99 10.78
CA ALA G 44 -18.63 -3.59 12.03
C ALA G 44 -19.95 -3.00 12.53
N SER G 45 -20.11 -1.67 12.48
CA SER G 45 -21.19 -1.08 13.25
C SER G 45 -22.57 -1.47 12.71
N GLN G 46 -22.73 -1.63 11.39
CA GLN G 46 -24.04 -1.87 10.80
C GLN G 46 -25.01 -0.76 11.20
N ARG G 47 -24.52 0.47 11.15
CA ARG G 47 -25.23 1.67 11.58
C ARG G 47 -24.73 2.81 10.72
N MET G 48 -25.61 3.76 10.42
CA MET G 48 -25.18 4.95 9.66
C MET G 48 -24.31 5.85 10.54
N GLU G 49 -23.08 6.05 10.15
CA GLU G 49 -22.16 6.71 11.05
C GLU G 49 -22.08 8.22 10.79
N PRO G 50 -21.73 9.00 11.79
CA PRO G 50 -21.52 10.43 11.58
C PRO G 50 -20.12 10.66 11.04
N ARG G 51 -20.00 11.73 10.26
CA ARG G 51 -18.76 12.06 9.54
C ARG G 51 -18.61 13.56 9.38
N ALA G 52 -19.28 14.35 10.22
CA ALA G 52 -18.97 15.77 10.26
C ALA G 52 -19.35 16.29 11.64
N PRO G 53 -18.51 17.13 12.24
CA PRO G 53 -18.78 17.68 13.57
C PRO G 53 -20.25 17.87 13.91
N TRP G 54 -20.90 18.80 13.19
CA TRP G 54 -22.27 19.27 13.48
C TRP G 54 -23.41 18.26 13.31
N ILE G 55 -23.09 17.03 12.96
CA ILE G 55 -24.14 16.03 12.83
C ILE G 55 -24.18 15.09 14.03
N GLU G 56 -23.11 15.03 14.83
CA GLU G 56 -23.11 14.16 15.99
C GLU G 56 -24.19 14.58 16.97
N GLN G 57 -24.45 15.88 17.04
CA GLN G 57 -25.58 16.42 17.79
C GLN G 57 -26.92 15.99 17.20
N GLU G 58 -27.10 14.70 16.93
CA GLU G 58 -28.40 14.19 16.51
C GLU G 58 -28.81 13.11 17.50
N GLY G 59 -30.09 13.14 17.87
CA GLY G 59 -30.62 12.25 18.87
C GLY G 59 -30.53 10.79 18.45
N PRO G 60 -30.36 9.90 19.41
CA PRO G 60 -30.37 8.48 19.07
C PRO G 60 -31.49 8.08 18.13
N GLU G 61 -32.68 8.64 18.30
CA GLU G 61 -33.78 8.35 17.38
C GLU G 61 -33.38 8.63 15.93
N TYR G 62 -32.57 9.66 15.67
CA TYR G 62 -32.09 9.95 14.31
C TYR G 62 -31.26 8.80 13.75
N TRP G 63 -30.21 8.46 14.45
CA TRP G 63 -29.32 7.41 13.93
C TRP G 63 -30.14 6.14 13.69
N ASP G 64 -30.93 5.73 14.66
CA ASP G 64 -31.82 4.57 14.44
C ASP G 64 -32.64 4.73 13.18
N GLU G 65 -33.37 5.85 13.07
CA GLU G 65 -34.28 6.08 11.93
C GLU G 65 -33.53 6.10 10.61
N GLU G 66 -32.31 6.65 10.62
CA GLU G 66 -31.50 6.71 9.41
C GLU G 66 -30.84 5.37 9.11
N THR G 67 -30.38 4.67 10.17
CA THR G 67 -29.84 3.32 10.00
C THR G 67 -30.92 2.38 9.49
N GLY G 68 -32.13 2.51 10.02
CA GLY G 68 -33.22 1.69 9.50
C GLY G 68 -33.41 1.85 8.02
N LYS G 69 -33.20 3.07 7.48
CA LYS G 69 -33.46 3.41 6.09
C LYS G 69 -32.37 2.91 5.15
N VAL G 70 -31.11 3.24 5.45
CA VAL G 70 -30.02 2.88 4.56
C VAL G 70 -29.84 1.38 4.52
N LYS G 71 -30.17 0.70 5.62
CA LYS G 71 -30.16 -0.76 5.64
C LYS G 71 -31.29 -1.33 4.79
N ALA G 72 -32.46 -0.68 4.78
CA ALA G 72 -33.51 -1.11 3.86
C ALA G 72 -33.09 -0.84 2.42
N HIS G 73 -32.54 0.34 2.17
CA HIS G 73 -32.01 0.61 0.84
C HIS G 73 -31.00 -0.47 0.46
N SER G 74 -30.07 -0.76 1.36
CA SER G 74 -29.12 -1.87 1.27
C SER G 74 -29.74 -3.07 0.57
N GLN G 75 -30.68 -3.74 1.25
CA GLN G 75 -31.31 -4.96 0.75
C GLN G 75 -32.12 -4.71 -0.52
N THR G 76 -32.55 -3.48 -0.76
CA THR G 76 -33.43 -3.22 -1.93
C THR G 76 -32.59 -3.21 -3.20
N ASP G 77 -31.50 -2.46 -3.20
CA ASP G 77 -30.64 -2.47 -4.38
C ASP G 77 -30.00 -3.83 -4.62
N ARG G 78 -29.79 -4.63 -3.56
CA ARG G 78 -29.38 -6.02 -3.75
C ARG G 78 -30.36 -6.77 -4.65
N GLU G 79 -31.67 -6.59 -4.41
CA GLU G 79 -32.66 -7.22 -5.28
C GLU G 79 -32.70 -6.57 -6.66
N ASN G 80 -32.32 -5.29 -6.76
CA ASN G 80 -32.39 -4.61 -8.04
C ASN G 80 -31.23 -5.00 -8.94
N LEU G 81 -30.08 -5.29 -8.33
CA LEU G 81 -29.02 -6.01 -9.04
C LEU G 81 -29.53 -7.34 -9.62
N ARG G 82 -30.28 -8.09 -8.84
CA ARG G 82 -30.82 -9.39 -9.32
C ARG G 82 -31.72 -9.11 -10.52
N ILE G 83 -32.71 -8.24 -10.37
CA ILE G 83 -33.64 -7.96 -11.45
C ILE G 83 -32.89 -7.45 -12.68
N ALA G 84 -31.73 -6.83 -12.46
CA ALA G 84 -30.93 -6.24 -13.53
C ALA G 84 -30.31 -7.30 -14.42
N LEU G 85 -29.76 -8.34 -13.82
CA LEU G 85 -29.17 -9.43 -14.64
C LEU G 85 -30.24 -9.96 -15.57
N ARG G 86 -31.45 -10.14 -15.05
CA ARG G 86 -32.54 -10.72 -15.83
C ARG G 86 -32.89 -9.81 -16.99
N TYR G 87 -33.16 -8.53 -16.72
CA TYR G 87 -33.45 -7.57 -17.78
C TYR G 87 -32.41 -7.62 -18.89
N TYR G 88 -31.15 -7.86 -18.55
CA TYR G 88 -30.03 -7.75 -19.48
C TYR G 88 -29.52 -9.11 -19.93
N ASN G 89 -30.10 -10.19 -19.43
CA ASN G 89 -29.77 -11.56 -19.85
C ASN G 89 -28.32 -11.88 -19.52
N GLN G 90 -27.91 -11.51 -18.31
CA GLN G 90 -26.52 -11.44 -17.91
C GLN G 90 -26.17 -12.59 -16.98
N SER G 91 -24.88 -12.86 -16.86
CA SER G 91 -24.39 -13.98 -16.07
C SER G 91 -24.56 -13.74 -14.58
N GLU G 92 -25.10 -14.74 -13.88
CA GLU G 92 -25.11 -14.77 -12.42
C GLU G 92 -23.72 -14.55 -11.84
N ALA G 93 -22.67 -14.82 -12.64
CA ALA G 93 -21.30 -14.99 -12.19
C ALA G 93 -20.42 -13.76 -12.36
N GLY G 94 -20.82 -12.77 -13.16
CA GLY G 94 -20.05 -11.54 -13.27
C GLY G 94 -20.52 -10.48 -12.27
N SER G 95 -19.56 -9.71 -11.75
CA SER G 95 -19.88 -8.59 -10.86
C SER G 95 -20.41 -7.40 -11.62
N HIS G 96 -21.41 -6.74 -11.03
CA HIS G 96 -22.11 -5.59 -11.59
C HIS G 96 -22.28 -4.55 -10.50
N THR G 97 -22.29 -3.27 -10.89
CA THR G 97 -22.44 -2.13 -10.00
C THR G 97 -23.79 -1.44 -10.25
N LEU G 98 -24.50 -1.09 -9.17
CA LEU G 98 -25.76 -0.36 -9.25
C LEU G 98 -25.70 0.86 -8.33
N GLN G 99 -25.47 2.03 -8.92
CA GLN G 99 -25.43 3.29 -8.18
C GLN G 99 -26.75 4.02 -8.29
N MET G 100 -27.11 4.66 -7.18
CA MET G 100 -28.29 5.51 -7.13
C MET G 100 -27.84 6.83 -6.54
N MET G 101 -28.53 7.91 -6.88
CA MET G 101 -28.26 9.23 -6.38
C MET G 101 -29.60 9.93 -6.18
N PHE G 102 -29.82 10.42 -4.97
CA PHE G 102 -31.02 11.18 -4.65
C PHE G 102 -30.62 12.41 -3.82
N GLY G 103 -31.46 13.45 -3.89
CA GLY G 103 -31.14 14.69 -3.20
C GLY G 103 -32.03 15.82 -3.64
N CYS G 104 -31.62 17.05 -3.28
CA CYS G 104 -32.45 18.23 -3.51
C CYS G 104 -31.67 19.54 -3.29
N ASP G 105 -32.19 20.63 -3.87
CA ASP G 105 -31.58 21.95 -3.84
C ASP G 105 -32.52 22.99 -3.24
N VAL G 106 -31.94 23.98 -2.56
CA VAL G 106 -32.68 25.13 -2.05
C VAL G 106 -31.94 26.40 -2.45
N GLY G 107 -32.69 27.46 -2.74
CA GLY G 107 -32.12 28.79 -2.87
C GLY G 107 -31.74 29.36 -1.51
N SER G 108 -31.25 30.60 -1.51
CA SER G 108 -30.83 31.21 -0.24
C SER G 108 -32.01 31.38 0.72
N ASP G 109 -33.22 31.65 0.20
CA ASP G 109 -34.41 31.65 1.03
C ASP G 109 -34.75 30.27 1.58
N GLY G 110 -34.07 29.22 1.14
CA GLY G 110 -34.28 27.91 1.72
C GLY G 110 -35.53 27.18 1.28
N ARG G 111 -36.28 27.79 0.38
CA ARG G 111 -37.45 27.09 -0.18
C ARG G 111 -36.90 26.08 -1.18
N PHE G 112 -37.76 25.18 -1.65
CA PHE G 112 -37.35 24.10 -2.54
C PHE G 112 -36.98 24.65 -3.92
N LEU G 113 -36.22 23.85 -4.68
CA LEU G 113 -35.81 24.25 -6.03
C LEU G 113 -35.76 23.07 -6.99
N ARG G 114 -35.22 21.96 -6.53
CA ARG G 114 -34.97 20.86 -7.43
C ARG G 114 -34.86 19.58 -6.61
N GLY G 115 -35.44 18.51 -7.13
CA GLY G 115 -35.28 17.19 -6.56
C GLY G 115 -34.60 16.26 -7.54
N TYR G 116 -33.99 15.18 -7.04
CA TYR G 116 -33.11 14.28 -7.79
C TYR G 116 -33.32 12.83 -7.37
N HIS G 117 -33.36 11.92 -8.33
CA HIS G 117 -33.52 10.50 -8.00
C HIS G 117 -33.19 9.62 -9.20
N GLN G 118 -31.96 9.09 -9.17
CA GLN G 118 -31.47 8.40 -10.37
C GLN G 118 -30.75 7.09 -10.09
N TYR G 119 -30.75 6.20 -11.06
CA TYR G 119 -30.10 4.90 -11.04
C TYR G 119 -29.24 4.73 -12.28
N ALA G 120 -28.01 4.25 -12.06
CA ALA G 120 -27.11 3.83 -13.12
C ALA G 120 -26.67 2.40 -12.83
N TYR G 121 -26.62 1.57 -13.87
CA TYR G 121 -26.17 0.18 -13.81
C TYR G 121 -24.96 -0.01 -14.71
N ASP G 122 -23.90 -0.60 -14.16
CA ASP G 122 -22.64 -0.83 -14.87
C ASP G 122 -22.06 0.46 -15.47
N GLY G 123 -22.33 1.61 -14.84
CA GLY G 123 -21.69 2.86 -15.18
C GLY G 123 -22.47 3.75 -16.12
N LYS G 124 -23.59 3.25 -16.64
CA LYS G 124 -24.43 3.96 -17.61
C LYS G 124 -25.72 4.35 -16.94
N ASP G 125 -26.22 5.54 -17.29
CA ASP G 125 -27.53 5.99 -16.80
C ASP G 125 -28.56 4.88 -17.05
N TYR G 126 -29.42 4.66 -16.07
CA TYR G 126 -30.52 3.71 -16.23
C TYR G 126 -31.87 4.39 -16.26
N ILE G 127 -32.25 5.11 -15.20
CA ILE G 127 -33.56 5.75 -15.17
C ILE G 127 -33.44 6.99 -14.29
N ALA G 128 -34.17 8.04 -14.63
CA ALA G 128 -34.05 9.27 -13.86
C ALA G 128 -35.40 9.94 -13.76
N LEU G 129 -35.70 10.53 -12.61
CA LEU G 129 -36.88 11.36 -12.49
C LEU G 129 -36.58 12.71 -13.12
N LYS G 130 -37.54 13.26 -13.83
CA LYS G 130 -37.29 14.51 -14.57
C LYS G 130 -37.48 15.71 -13.65
N GLU G 131 -37.24 16.90 -14.19
CA GLU G 131 -37.30 18.08 -13.34
C GLU G 131 -38.74 18.33 -12.88
N ASP G 132 -39.71 18.12 -13.77
CA ASP G 132 -41.11 18.27 -13.37
C ASP G 132 -41.51 17.30 -12.26
N LEU G 133 -40.67 16.30 -11.96
CA LEU G 133 -40.90 15.30 -10.91
C LEU G 133 -42.21 14.54 -11.11
N ARG G 134 -42.63 14.34 -12.35
CA ARG G 134 -43.85 13.59 -12.59
C ARG G 134 -43.60 12.46 -13.58
N SER G 135 -42.71 12.69 -14.54
CA SER G 135 -42.38 11.69 -15.53
C SER G 135 -40.98 11.13 -15.27
N TRP G 136 -40.66 10.09 -16.02
CA TRP G 136 -39.36 9.43 -15.93
C TRP G 136 -38.65 9.50 -17.26
N THR G 137 -37.31 9.52 -17.20
CA THR G 137 -36.42 9.43 -18.37
C THR G 137 -35.66 8.10 -18.28
N ALA G 138 -36.22 7.08 -18.94
CA ALA G 138 -35.57 5.79 -19.14
C ALA G 138 -34.47 5.92 -20.19
N ALA G 139 -33.39 5.17 -19.98
CA ALA G 139 -32.19 5.31 -20.79
C ALA G 139 -32.09 4.27 -21.88
N ASP G 140 -32.68 3.09 -21.70
CA ASP G 140 -32.61 2.04 -22.70
C ASP G 140 -33.86 1.18 -22.57
N MET G 141 -33.79 -0.01 -23.14
CA MET G 141 -34.97 -0.84 -23.30
C MET G 141 -35.34 -1.48 -21.97
N ALA G 142 -34.35 -2.04 -21.27
CA ALA G 142 -34.63 -2.57 -19.93
C ALA G 142 -35.16 -1.47 -19.01
N ALA G 143 -34.64 -0.23 -19.16
CA ALA G 143 -35.06 0.87 -18.30
C ALA G 143 -36.52 1.25 -18.52
N GLN G 144 -37.03 1.05 -19.74
CA GLN G 144 -38.42 1.33 -20.03
C GLN G 144 -39.36 0.29 -19.42
N ILE G 145 -38.86 -0.90 -19.12
CA ILE G 145 -39.62 -1.84 -18.30
C ILE G 145 -39.82 -1.27 -16.92
N THR G 146 -38.74 -0.83 -16.30
CA THR G 146 -38.85 -0.08 -15.04
C THR G 146 -39.66 1.20 -15.24
N LYS G 147 -39.54 1.84 -16.40
CA LYS G 147 -40.26 3.09 -16.61
C LYS G 147 -41.76 2.88 -16.61
N ARG G 148 -42.25 1.87 -17.36
CA ARG G 148 -43.66 1.52 -17.28
C ARG G 148 -44.04 1.02 -15.90
N LYS G 149 -43.14 0.31 -15.21
CA LYS G 149 -43.49 -0.24 -13.91
C LYS G 149 -43.73 0.89 -12.91
N TRP G 150 -42.83 1.84 -12.86
CA TRP G 150 -42.89 2.93 -11.88
C TRP G 150 -43.94 3.97 -12.26
N GLU G 151 -44.33 4.00 -13.52
CA GLU G 151 -45.38 4.92 -13.95
C GLU G 151 -46.74 4.36 -13.58
N ALA G 152 -46.90 3.02 -13.68
CA ALA G 152 -48.15 2.36 -13.32
C ALA G 152 -48.36 2.34 -11.80
N ALA G 153 -47.29 2.07 -11.04
CA ALA G 153 -47.28 2.13 -9.58
C ALA G 153 -47.17 3.57 -9.05
N HIS G 154 -47.28 4.56 -9.93
CA HIS G 154 -47.22 5.98 -9.55
C HIS G 154 -46.14 6.20 -8.48
N VAL G 155 -44.94 5.69 -8.77
CA VAL G 155 -43.84 5.86 -7.82
C VAL G 155 -43.40 7.32 -7.80
N ALA G 156 -43.22 7.94 -8.97
CA ALA G 156 -42.71 9.31 -9.11
C ALA G 156 -43.23 10.25 -8.02
N GLU G 157 -44.48 10.05 -7.59
CA GLU G 157 -45.05 10.96 -6.61
C GLU G 157 -44.64 10.64 -5.17
N GLN G 158 -44.46 9.38 -4.80
CA GLN G 158 -43.95 9.10 -3.47
C GLN G 158 -42.58 9.71 -3.27
N GLN G 159 -41.87 9.91 -4.37
CA GLN G 159 -40.52 10.49 -4.25
C GLN G 159 -40.68 12.00 -4.07
N ARG G 160 -41.70 12.59 -4.68
CA ARG G 160 -41.90 14.06 -4.61
C ARG G 160 -42.11 14.52 -3.17
N ALA G 161 -42.67 13.66 -2.33
CA ALA G 161 -42.97 14.06 -0.94
C ALA G 161 -41.69 14.18 -0.15
N TYR G 162 -40.73 13.30 -0.42
CA TYR G 162 -39.43 13.40 0.26
C TYR G 162 -38.69 14.59 -0.32
N LEU G 163 -38.69 14.68 -1.64
CA LEU G 163 -37.89 15.75 -2.28
C LEU G 163 -38.47 17.11 -1.91
N GLU G 164 -39.78 17.30 -2.07
CA GLU G 164 -40.36 18.65 -1.86
C GLU G 164 -40.70 18.90 -0.40
N GLY G 165 -40.23 18.05 0.51
CA GLY G 165 -40.45 18.28 1.95
C GLY G 165 -39.35 17.73 2.82
N THR G 166 -39.33 16.41 3.05
CA THR G 166 -38.34 15.79 3.98
C THR G 166 -36.92 16.25 3.60
N CYS G 167 -36.52 16.02 2.37
CA CYS G 167 -35.23 16.49 1.91
C CYS G 167 -35.02 17.99 2.19
N VAL G 168 -35.99 18.82 1.81
CA VAL G 168 -35.84 20.27 1.98
C VAL G 168 -35.84 20.65 3.47
N ASP G 169 -36.63 19.95 4.27
CA ASP G 169 -36.64 20.21 5.72
C ASP G 169 -35.31 19.81 6.35
N GLY G 170 -34.70 18.72 5.88
CA GLY G 170 -33.49 18.19 6.45
C GLY G 170 -32.28 18.96 6.00
N LEU G 171 -32.27 19.37 4.73
CA LEU G 171 -31.23 20.29 4.31
C LEU G 171 -31.23 21.56 5.16
N ARG G 172 -32.38 22.23 5.27
CA ARG G 172 -32.46 23.48 6.02
C ARG G 172 -31.99 23.30 7.46
N ARG G 173 -32.32 22.17 8.11
CA ARG G 173 -31.87 21.93 9.47
C ARG G 173 -30.36 21.80 9.53
N TYR G 174 -29.81 20.87 8.75
CA TYR G 174 -28.38 20.67 8.65
C TYR G 174 -27.64 22.00 8.43
N LEU G 175 -28.28 22.95 7.75
CA LEU G 175 -27.63 24.24 7.50
C LEU G 175 -27.60 25.09 8.77
N GLU G 176 -28.68 25.08 9.56
CA GLU G 176 -28.70 25.78 10.83
C GLU G 176 -27.68 25.20 11.80
N ASN G 177 -27.77 23.90 12.04
CA ASN G 177 -26.94 23.25 13.04
C ASN G 177 -25.46 23.21 12.64
N GLY G 178 -25.14 23.49 11.38
CA GLY G 178 -23.77 23.59 10.95
C GLY G 178 -23.52 24.88 10.23
N LYS G 179 -24.20 25.96 10.63
CA LYS G 179 -24.13 27.23 9.89
C LYS G 179 -22.72 27.79 9.79
N GLU G 180 -21.75 27.25 10.54
CA GLU G 180 -20.39 27.75 10.53
C GLU G 180 -19.47 26.91 9.65
N THR G 181 -19.76 25.62 9.53
CA THR G 181 -19.06 24.77 8.57
C THR G 181 -19.55 25.02 7.17
N LEU G 182 -20.88 24.93 6.97
CA LEU G 182 -21.53 24.80 5.67
C LEU G 182 -21.86 26.14 5.03
N GLN G 183 -22.24 27.15 5.82
CA GLN G 183 -22.48 28.49 5.33
C GLN G 183 -21.23 29.36 5.36
N ARG G 184 -20.10 28.77 5.69
CA ARG G 184 -18.80 29.42 5.55
C ARG G 184 -18.31 29.36 4.11
N THR G 185 -17.36 30.23 3.78
CA THR G 185 -16.60 30.12 2.54
C THR G 185 -15.15 30.45 2.87
N ASP G 186 -14.33 29.44 2.98
CA ASP G 186 -12.90 29.67 3.09
C ASP G 186 -12.36 30.15 1.76
N PRO G 187 -11.90 31.39 1.64
CA PRO G 187 -11.34 31.85 0.37
C PRO G 187 -9.95 31.25 0.15
N PRO G 188 -9.44 31.31 -1.08
CA PRO G 188 -8.17 30.65 -1.37
C PRO G 188 -6.97 31.47 -0.93
N LYS G 189 -5.89 30.72 -0.71
CA LYS G 189 -4.61 31.36 -0.40
C LYS G 189 -3.77 31.11 -1.65
N THR G 190 -3.36 32.16 -2.33
CA THR G 190 -2.68 32.10 -3.59
C THR G 190 -1.17 32.24 -3.40
N HIS G 191 -0.43 32.00 -4.48
CA HIS G 191 1.00 32.27 -4.59
C HIS G 191 1.46 31.70 -5.94
N MET G 192 2.56 32.26 -6.41
CA MET G 192 3.12 31.82 -7.71
C MET G 192 4.55 31.33 -7.51
N THR G 193 4.84 30.17 -8.11
CA THR G 193 6.17 29.57 -8.09
C THR G 193 6.79 29.73 -9.48
N HIS G 194 8.10 29.94 -9.57
CA HIS G 194 8.80 30.14 -10.83
C HIS G 194 9.93 29.13 -10.94
N HIS G 195 9.72 28.08 -11.72
CA HIS G 195 10.79 27.18 -12.09
C HIS G 195 11.23 27.51 -13.49
N PRO G 196 12.50 27.84 -13.75
CA PRO G 196 13.00 27.89 -15.14
C PRO G 196 13.27 26.49 -15.68
N ILE G 197 12.78 26.20 -16.87
CA ILE G 197 12.81 24.85 -17.41
C ILE G 197 14.00 24.63 -18.33
N SER G 198 14.26 25.58 -19.21
CA SER G 198 15.37 25.58 -20.15
C SER G 198 15.99 26.96 -20.10
N ASP G 199 17.09 27.13 -20.82
CA ASP G 199 17.75 28.41 -20.70
C ASP G 199 17.06 29.53 -21.47
N HIS G 200 15.94 29.24 -22.14
CA HIS G 200 15.21 30.27 -22.88
C HIS G 200 13.78 30.45 -22.40
N GLU G 201 13.37 29.75 -21.35
CA GLU G 201 11.97 29.61 -20.99
C GLU G 201 11.85 29.45 -19.47
N ALA G 202 10.62 29.43 -18.98
CA ALA G 202 10.38 29.09 -17.57
C ALA G 202 8.92 28.67 -17.42
N THR G 203 8.56 28.21 -16.21
CA THR G 203 7.19 27.84 -15.84
C THR G 203 6.72 28.69 -14.67
N LEU G 204 5.52 29.27 -14.79
CA LEU G 204 4.85 30.02 -13.73
C LEU G 204 3.66 29.21 -13.24
N ARG G 205 3.67 28.81 -11.97
CA ARG G 205 2.56 28.04 -11.40
C ARG G 205 1.79 28.88 -10.38
N CYS G 206 0.53 29.14 -10.68
CA CYS G 206 -0.34 29.90 -9.81
C CYS G 206 -1.16 28.92 -8.97
N TRP G 207 -1.07 29.04 -7.64
CA TRP G 207 -1.65 28.07 -6.72
C TRP G 207 -2.85 28.64 -5.99
N ALA G 208 -3.72 27.75 -5.53
CA ALA G 208 -4.89 28.15 -4.75
C ALA G 208 -5.19 27.02 -3.77
N LEU G 209 -4.99 27.27 -2.48
CA LEU G 209 -5.14 26.21 -1.50
C LEU G 209 -6.05 26.63 -0.34
N GLY G 210 -6.62 25.63 0.30
CA GLY G 210 -7.42 25.85 1.50
C GLY G 210 -8.77 26.51 1.32
N PHE G 211 -9.45 26.26 0.21
CA PHE G 211 -10.68 26.97 -0.13
C PHE G 211 -11.89 26.04 -0.14
N TYR G 212 -13.01 26.50 0.41
CA TYR G 212 -14.28 25.73 0.32
C TYR G 212 -15.35 26.79 0.08
N PRO G 213 -16.34 26.58 -0.81
CA PRO G 213 -16.59 25.31 -1.54
C PRO G 213 -15.61 25.01 -2.68
N ALA G 214 -15.81 23.94 -3.44
CA ALA G 214 -14.81 23.53 -4.42
C ALA G 214 -14.84 24.37 -5.69
N GLU G 215 -15.89 25.15 -5.92
CA GLU G 215 -15.95 25.95 -7.13
C GLU G 215 -14.82 26.97 -7.17
N ILE G 216 -14.11 27.01 -8.29
CA ILE G 216 -13.04 27.99 -8.49
C ILE G 216 -12.74 28.09 -9.98
N THR G 217 -12.08 29.17 -10.39
CA THR G 217 -11.77 29.41 -11.80
C THR G 217 -10.40 30.06 -11.92
N LEU G 218 -9.38 29.28 -12.25
CA LEU G 218 -8.05 29.80 -12.50
C LEU G 218 -7.87 30.00 -13.99
N THR G 219 -7.57 31.25 -14.39
CA THR G 219 -7.30 31.59 -15.78
C THR G 219 -6.11 32.53 -15.86
N TRP G 220 -5.30 32.34 -16.92
CA TRP G 220 -4.07 33.07 -17.17
C TRP G 220 -4.29 34.15 -18.20
N GLN G 221 -3.49 35.21 -18.14
CA GLN G 221 -3.65 36.36 -19.03
C GLN G 221 -2.29 36.92 -19.43
N ARG G 222 -1.95 36.76 -20.72
CA ARG G 222 -0.84 37.48 -21.36
C ARG G 222 -1.40 38.80 -21.86
N ASP G 223 -1.12 39.86 -21.11
CA ASP G 223 -1.42 41.26 -21.43
C ASP G 223 -2.90 41.60 -21.38
N GLY G 224 -3.75 40.77 -20.79
CA GLY G 224 -5.17 41.02 -20.70
C GLY G 224 -6.01 40.09 -21.54
N GLU G 225 -5.40 39.45 -22.55
CA GLU G 225 -6.01 38.34 -23.28
C GLU G 225 -5.82 36.99 -22.58
N ASP G 226 -6.91 36.26 -22.40
CA ASP G 226 -6.81 34.95 -21.82
C ASP G 226 -5.90 34.08 -22.66
N GLN G 227 -5.12 33.26 -21.96
CA GLN G 227 -4.14 32.37 -22.63
C GLN G 227 -4.45 30.92 -22.26
N THR G 228 -5.08 30.19 -23.17
CA THR G 228 -5.34 28.75 -22.95
C THR G 228 -4.17 27.96 -23.50
N GLN G 229 -3.25 28.61 -24.23
CA GLN G 229 -2.17 27.91 -24.97
C GLN G 229 -1.27 27.04 -24.10
N ASP G 230 -0.03 27.46 -23.87
CA ASP G 230 0.92 26.59 -23.14
C ASP G 230 0.51 26.59 -21.67
N THR G 231 -0.69 26.09 -21.37
CA THR G 231 -1.25 26.15 -20.00
C THR G 231 -1.53 24.76 -19.47
N GLU G 232 -1.25 24.52 -18.19
CA GLU G 232 -1.64 23.24 -17.53
C GLU G 232 -2.54 23.63 -16.36
N LEU G 233 -3.76 23.10 -16.33
CA LEU G 233 -4.67 23.36 -15.19
C LEU G 233 -5.01 22.01 -14.59
N VAL G 234 -4.67 21.80 -13.33
CA VAL G 234 -5.04 20.52 -12.64
C VAL G 234 -6.53 20.54 -12.34
N GLU G 235 -7.03 19.52 -11.66
CA GLU G 235 -8.47 19.44 -11.37
C GLU G 235 -8.68 19.71 -9.88
N THR G 236 -9.81 20.31 -9.53
CA THR G 236 -10.08 20.67 -8.15
C THR G 236 -10.00 19.41 -7.30
N ARG G 237 -9.04 19.35 -6.39
CA ARG G 237 -8.76 18.14 -5.64
C ARG G 237 -8.85 18.40 -4.13
N PRO G 238 -9.27 17.41 -3.35
CA PRO G 238 -9.36 17.60 -1.90
C PRO G 238 -7.99 17.76 -1.26
N ALA G 239 -7.88 18.75 -0.39
CA ALA G 239 -6.70 18.83 0.48
C ALA G 239 -6.75 17.79 1.59
N GLY G 240 -7.92 17.24 1.89
CA GLY G 240 -8.02 16.21 2.88
C GLY G 240 -8.54 16.70 4.21
N ASP G 241 -8.58 18.02 4.43
CA ASP G 241 -9.12 18.59 5.66
C ASP G 241 -10.39 19.39 5.43
N GLY G 242 -11.17 19.05 4.41
CA GLY G 242 -12.40 19.78 4.13
C GLY G 242 -12.23 20.98 3.22
N THR G 243 -11.01 21.40 2.95
CA THR G 243 -10.78 22.41 1.94
C THR G 243 -10.47 21.71 0.62
N PHE G 244 -10.08 22.52 -0.38
CA PHE G 244 -9.77 22.06 -1.72
C PHE G 244 -8.60 22.86 -2.27
N GLN G 245 -7.84 22.23 -3.16
CA GLN G 245 -6.71 22.81 -3.85
C GLN G 245 -6.95 22.89 -5.34
N LYS G 246 -6.19 23.77 -6.00
CA LYS G 246 -6.15 23.83 -7.46
C LYS G 246 -5.03 24.75 -7.88
N TRP G 247 -4.39 24.44 -9.01
CA TRP G 247 -3.39 25.34 -9.56
C TRP G 247 -3.49 25.33 -11.07
N ALA G 248 -3.01 26.42 -11.69
CA ALA G 248 -2.84 26.53 -13.13
C ALA G 248 -1.43 27.03 -13.45
N ALA G 249 -0.95 26.66 -14.64
CA ALA G 249 0.43 26.91 -14.98
C ALA G 249 0.52 27.39 -16.43
N VAL G 250 1.63 28.08 -16.74
CA VAL G 250 2.07 28.39 -18.10
C VAL G 250 3.57 28.18 -18.18
N VAL G 251 4.07 27.94 -19.40
CA VAL G 251 5.49 28.11 -19.73
C VAL G 251 5.64 29.38 -20.53
N VAL G 252 6.56 30.24 -20.13
CA VAL G 252 6.62 31.58 -20.69
C VAL G 252 8.03 31.84 -21.23
N PRO G 253 8.13 32.51 -22.39
CA PRO G 253 9.40 33.10 -22.83
C PRO G 253 10.20 33.71 -21.71
N SER G 254 11.40 33.18 -21.45
CA SER G 254 12.17 33.65 -20.32
C SER G 254 12.58 35.09 -20.56
N GLY G 255 12.40 35.92 -19.55
CA GLY G 255 12.51 37.36 -19.71
C GLY G 255 11.17 38.02 -19.51
N GLU G 256 10.18 37.61 -20.30
CA GLU G 256 8.84 38.14 -20.25
C GLU G 256 7.99 37.45 -19.17
N GLU G 257 8.51 37.36 -17.96
CA GLU G 257 7.78 36.72 -16.87
C GLU G 257 6.52 37.52 -16.52
N GLN G 258 6.67 38.81 -16.24
CA GLN G 258 5.57 39.63 -15.76
C GLN G 258 4.64 40.14 -16.87
N ARG G 259 4.77 39.64 -18.11
CA ARG G 259 3.70 39.93 -19.06
C ARG G 259 2.46 39.09 -18.80
N TYR G 260 2.54 38.16 -17.84
CA TYR G 260 1.52 37.18 -17.54
C TYR G 260 0.92 37.47 -16.18
N THR G 261 -0.40 37.32 -16.06
CA THR G 261 -1.07 37.47 -14.78
C THR G 261 -2.07 36.33 -14.57
N CYS G 262 -2.16 35.84 -13.33
CA CYS G 262 -3.05 34.75 -12.96
C CYS G 262 -4.28 35.31 -12.29
N HIS G 263 -5.46 34.83 -12.70
CA HIS G 263 -6.73 35.42 -12.30
C HIS G 263 -7.58 34.36 -11.58
N VAL G 264 -7.76 34.56 -10.28
CA VAL G 264 -8.43 33.62 -9.39
C VAL G 264 -9.85 34.08 -9.14
N GLN G 265 -10.80 33.15 -9.19
CA GLN G 265 -12.18 33.49 -8.85
C GLN G 265 -12.79 32.39 -7.99
N HIS G 266 -13.02 32.71 -6.73
CA HIS G 266 -13.77 31.88 -5.82
C HIS G 266 -15.02 32.65 -5.42
N GLU G 267 -16.02 31.92 -4.91
CA GLU G 267 -17.14 32.61 -4.28
C GLU G 267 -16.73 33.18 -2.93
N GLY G 268 -15.75 32.55 -2.27
CA GLY G 268 -15.27 33.09 -1.02
C GLY G 268 -14.49 34.38 -1.16
N LEU G 269 -14.15 34.81 -2.42
CA LEU G 269 -13.42 36.05 -2.56
C LEU G 269 -14.37 37.24 -2.67
N PRO G 270 -13.98 38.40 -2.13
CA PRO G 270 -14.79 39.60 -2.36
C PRO G 270 -14.91 39.87 -3.86
N LYS G 271 -13.82 40.42 -4.40
CA LYS G 271 -13.68 40.64 -5.86
C LYS G 271 -12.59 39.67 -6.31
N PRO G 272 -12.44 39.35 -7.60
CA PRO G 272 -11.37 38.45 -8.08
C PRO G 272 -9.96 38.88 -7.65
N LEU G 273 -8.97 38.07 -8.00
CA LEU G 273 -7.57 38.40 -7.78
C LEU G 273 -6.85 38.50 -9.11
N THR G 274 -5.61 38.96 -9.02
CA THR G 274 -4.67 38.95 -10.13
C THR G 274 -3.31 38.69 -9.49
N LEU G 275 -2.51 37.86 -10.13
CA LEU G 275 -1.24 37.45 -9.55
C LEU G 275 -0.17 37.56 -10.63
N ARG G 276 0.89 38.32 -10.33
CA ARG G 276 2.02 38.48 -11.22
C ARG G 276 3.27 37.99 -10.50
N TRP G 277 4.33 37.72 -11.25
CA TRP G 277 5.43 37.00 -10.63
C TRP G 277 6.17 37.87 -9.62
N GLU G 278 7.05 38.76 -10.10
CA GLU G 278 7.91 39.67 -9.27
C GLU G 278 8.71 38.93 -8.17
N PRO G 279 10.04 38.72 -8.36
CA PRO G 279 10.84 37.96 -7.39
C PRO G 279 10.92 38.58 -6.01
N MET H 1 -19.53 -3.50 -20.52
CA MET H 1 -19.81 -2.42 -19.59
C MET H 1 -19.01 -1.22 -19.98
N ILE H 2 -19.38 -0.06 -19.43
CA ILE H 2 -18.73 1.18 -19.89
C ILE H 2 -17.25 1.21 -19.48
N GLN H 3 -16.91 1.02 -18.20
CA GLN H 3 -15.50 0.96 -17.71
C GLN H 3 -14.68 2.23 -17.98
N ARG H 4 -14.19 2.86 -16.91
CA ARG H 4 -13.43 4.13 -17.03
C ARG H 4 -12.07 3.98 -16.31
N THR H 5 -11.06 4.78 -16.67
CA THR H 5 -9.67 4.61 -16.16
C THR H 5 -9.36 5.54 -14.98
N PRO H 6 -8.71 5.05 -13.91
CA PRO H 6 -8.32 5.89 -12.79
C PRO H 6 -7.39 7.03 -13.20
N LYS H 7 -7.72 8.23 -12.77
CA LYS H 7 -6.82 9.39 -12.99
C LYS H 7 -6.17 9.60 -11.62
N ILE H 8 -4.89 9.93 -11.56
CA ILE H 8 -4.18 9.96 -10.24
C ILE H 8 -3.41 11.27 -9.99
N GLN H 9 -3.53 11.81 -8.79
CA GLN H 9 -2.75 12.95 -8.33
C GLN H 9 -2.05 12.62 -7.02
N VAL H 10 -0.75 12.85 -6.97
CA VAL H 10 0.04 12.71 -5.76
C VAL H 10 0.53 14.10 -5.37
N TYR H 11 -0.13 14.67 -4.37
CA TYR H 11 0.19 15.97 -3.83
C TYR H 11 0.21 15.82 -2.31
N SER H 12 0.46 16.91 -1.59
CA SER H 12 0.50 16.89 -0.14
C SER H 12 -0.48 17.92 0.41
N ARG H 13 -0.96 17.69 1.64
CA ARG H 13 -2.01 18.52 2.21
C ARG H 13 -1.59 19.98 2.23
N HIS H 14 -0.38 20.26 2.68
CA HIS H 14 0.16 21.60 2.85
C HIS H 14 1.46 21.77 2.09
N PRO H 15 1.92 23.04 1.86
CA PRO H 15 3.21 23.26 1.19
C PRO H 15 4.30 22.41 1.81
N ALA H 16 4.93 21.56 1.03
CA ALA H 16 5.92 20.65 1.59
C ALA H 16 7.11 21.44 2.10
N GLU H 17 7.40 21.31 3.38
CA GLU H 17 8.63 21.88 3.92
C GLU H 17 9.40 20.77 4.60
N ASN H 18 10.67 20.61 4.21
CA ASN H 18 11.48 19.48 4.66
C ASN H 18 11.62 19.50 6.18
N GLY H 19 11.26 18.39 6.82
CA GLY H 19 11.34 18.27 8.25
C GLY H 19 10.12 18.77 8.98
N LYS H 20 9.10 19.21 8.25
CA LYS H 20 7.88 19.73 8.83
C LYS H 20 6.79 18.70 8.59
N SER H 21 6.17 18.20 9.66
CA SER H 21 5.10 17.21 9.53
C SER H 21 4.03 17.68 8.54
N ASN H 22 3.51 16.73 7.76
CA ASN H 22 2.62 17.02 6.64
C ASN H 22 1.67 15.84 6.44
N PHE H 23 0.94 15.82 5.33
CA PHE H 23 0.07 14.70 4.97
C PHE H 23 0.25 14.41 3.49
N LEU H 24 0.35 13.13 3.14
CA LEU H 24 0.57 12.71 1.75
C LEU H 24 -0.73 12.15 1.19
N ASN H 25 -1.26 12.79 0.15
CA ASN H 25 -2.52 12.40 -0.42
C ASN H 25 -2.27 11.78 -1.79
N CYS H 26 -3.00 10.70 -2.07
CA CYS H 26 -3.17 10.18 -3.42
C CYS H 26 -4.65 10.28 -3.76
N TYR H 27 -4.96 11.01 -4.83
CA TYR H 27 -6.35 11.31 -5.17
C TYR H 27 -6.68 10.64 -6.50
N VAL H 28 -7.50 9.59 -6.46
CA VAL H 28 -7.93 8.87 -7.66
C VAL H 28 -9.37 9.26 -7.98
N SER H 29 -9.58 9.75 -9.20
CA SER H 29 -10.88 10.22 -9.62
C SER H 29 -11.22 9.63 -10.98
N GLY H 30 -12.53 9.54 -11.25
CA GLY H 30 -13.03 9.16 -12.55
C GLY H 30 -12.63 7.78 -13.02
N PHE H 31 -13.14 6.79 -12.29
CA PHE H 31 -12.88 5.37 -12.62
C PHE H 31 -14.15 4.56 -12.47
N HIS H 32 -14.33 3.58 -13.33
CA HIS H 32 -15.45 2.62 -13.23
C HIS H 32 -14.89 1.30 -13.75
N PRO H 33 -14.99 0.17 -13.03
CA PRO H 33 -15.70 0.10 -11.75
C PRO H 33 -14.99 0.61 -10.49
N SER H 34 -15.51 0.27 -9.31
CA SER H 34 -15.02 0.86 -8.03
C SER H 34 -13.81 0.14 -7.45
N ASP H 35 -13.69 -1.16 -7.69
CA ASP H 35 -12.59 -1.91 -7.04
C ASP H 35 -11.25 -1.35 -7.51
N ILE H 36 -10.58 -0.59 -6.64
CA ILE H 36 -9.25 -0.01 -6.98
C ILE H 36 -8.26 -0.42 -5.90
N GLU H 37 -6.97 -0.41 -6.22
CA GLU H 37 -5.92 -0.69 -5.21
C GLU H 37 -4.96 0.50 -5.21
N VAL H 38 -4.85 1.18 -4.07
CA VAL H 38 -3.99 2.40 -3.99
C VAL H 38 -3.01 2.27 -2.82
N ASP H 39 -1.72 2.18 -3.12
CA ASP H 39 -0.67 2.11 -2.12
C ASP H 39 0.14 3.40 -2.13
N LEU H 40 0.51 3.84 -0.93
CA LEU H 40 1.43 4.99 -0.85
C LEU H 40 2.81 4.37 -0.64
N LEU H 41 3.79 4.82 -1.41
CA LEU H 41 5.13 4.19 -1.35
C LEU H 41 6.17 5.18 -0.82
N LYS H 42 7.30 4.67 -0.36
CA LYS H 42 8.35 5.48 0.27
C LYS H 42 9.64 4.70 0.13
N ASN H 43 10.45 5.12 -0.83
CA ASN H 43 11.73 4.42 -1.09
C ASN H 43 11.39 3.00 -1.55
N GLY H 44 10.35 2.84 -2.37
CA GLY H 44 10.10 1.54 -2.94
C GLY H 44 9.11 0.83 -2.06
N GLU H 45 9.15 1.13 -0.77
CA GLU H 45 8.43 0.35 0.20
C GLU H 45 6.99 0.82 0.30
N ARG H 46 6.11 -0.12 0.59
CA ARG H 46 4.72 0.18 0.84
C ARG H 46 4.59 0.87 2.18
N ILE H 47 3.65 1.80 2.29
CA ILE H 47 3.35 2.51 3.53
C ILE H 47 2.11 1.89 4.14
N GLU H 48 2.21 1.40 5.38
CA GLU H 48 1.14 0.58 5.92
C GLU H 48 0.16 1.38 6.74
N LYS H 49 0.47 2.64 7.07
CA LYS H 49 -0.46 3.51 7.79
C LYS H 49 -1.13 4.47 6.81
N VAL H 50 -2.00 3.90 5.98
CA VAL H 50 -2.73 4.65 4.97
C VAL H 50 -4.19 4.56 5.35
N GLU H 51 -4.91 5.66 5.13
CA GLU H 51 -6.38 5.64 5.30
C GLU H 51 -6.94 6.26 4.03
N HIS H 52 -8.25 6.19 3.83
CA HIS H 52 -8.85 6.71 2.63
C HIS H 52 -10.29 7.13 2.86
N SER H 53 -10.78 7.93 1.91
CA SER H 53 -12.13 8.43 1.92
C SER H 53 -13.14 7.29 1.78
N ASP H 54 -14.40 7.65 1.97
CA ASP H 54 -15.51 6.76 1.70
C ASP H 54 -15.84 6.79 0.22
N LEU H 55 -16.33 5.66 -0.28
CA LEU H 55 -16.61 5.55 -1.74
C LEU H 55 -17.73 6.51 -2.14
N SER H 56 -17.33 7.53 -2.89
CA SER H 56 -18.28 8.49 -3.43
C SER H 56 -18.03 8.61 -4.93
N PHE H 57 -18.94 9.31 -5.63
CA PHE H 57 -18.85 9.45 -7.09
C PHE H 57 -19.33 10.82 -7.56
N SER H 58 -18.93 11.15 -8.80
CA SER H 58 -19.14 12.41 -9.47
C SER H 58 -20.46 12.42 -10.22
N LYS H 59 -20.89 13.61 -10.61
CA LYS H 59 -22.11 13.73 -11.41
C LYS H 59 -22.25 12.67 -12.50
N ASP H 60 -21.14 12.19 -13.05
CA ASP H 60 -21.11 11.25 -14.17
C ASP H 60 -20.93 9.80 -13.74
N TRP H 61 -21.28 9.45 -12.50
CA TRP H 61 -21.17 8.11 -11.90
C TRP H 61 -19.73 7.60 -11.76
N SER H 62 -18.72 8.38 -12.14
CA SER H 62 -17.35 7.92 -11.96
C SER H 62 -16.86 8.17 -10.52
N PHE H 63 -16.17 7.18 -9.93
CA PHE H 63 -15.84 7.14 -8.52
C PHE H 63 -14.61 7.98 -8.18
N TYR H 64 -14.54 8.42 -6.90
CA TYR H 64 -13.32 9.06 -6.39
C TYR H 64 -12.98 8.64 -4.96
N LEU H 65 -11.69 8.43 -4.73
CA LEU H 65 -11.15 8.13 -3.41
C LEU H 65 -9.97 9.06 -3.12
N LEU H 66 -9.72 9.30 -1.83
CA LEU H 66 -8.58 10.07 -1.36
C LEU H 66 -7.84 9.22 -0.35
N TYR H 67 -6.72 8.66 -0.77
CA TYR H 67 -5.84 7.95 0.14
C TYR H 67 -4.86 8.93 0.76
N TYR H 68 -4.70 8.88 2.07
CA TYR H 68 -3.74 9.77 2.71
C TYR H 68 -2.98 9.04 3.81
N THR H 69 -1.82 9.62 4.14
CA THR H 69 -0.96 9.18 5.22
C THR H 69 -0.11 10.36 5.64
N GLU H 70 0.16 10.46 6.94
CA GLU H 70 1.01 11.50 7.46
C GLU H 70 2.46 11.15 7.17
N PHE H 71 3.24 12.18 6.86
CA PHE H 71 4.64 11.97 6.57
C PHE H 71 5.39 13.25 6.91
N THR H 72 6.70 13.10 7.10
CA THR H 72 7.57 14.26 7.09
C THR H 72 8.44 14.18 5.85
N PRO H 73 8.29 15.10 4.91
CA PRO H 73 9.17 15.09 3.75
C PRO H 73 10.59 15.44 4.15
N THR H 74 11.53 14.83 3.45
CA THR H 74 12.93 15.19 3.55
C THR H 74 13.43 15.43 2.14
N GLU H 75 14.59 16.06 2.03
CA GLU H 75 15.10 16.45 0.72
C GLU H 75 15.33 15.24 -0.18
N LYS H 76 15.61 14.07 0.38
CA LYS H 76 16.02 12.92 -0.47
C LYS H 76 14.97 11.81 -0.58
N ASP H 77 14.13 11.62 0.43
CA ASP H 77 13.14 10.53 0.40
C ASP H 77 12.26 10.62 -0.85
N GLU H 78 11.74 9.47 -1.28
CA GLU H 78 10.94 9.40 -2.50
C GLU H 78 9.63 8.73 -2.20
N TYR H 79 8.52 9.43 -2.47
CA TYR H 79 7.18 8.91 -2.23
C TYR H 79 6.44 8.78 -3.56
N ALA H 80 5.60 7.75 -3.67
CA ALA H 80 4.87 7.46 -4.90
C ALA H 80 3.49 6.92 -4.55
N CYS H 81 2.61 6.90 -5.54
CA CYS H 81 1.29 6.31 -5.39
C CYS H 81 1.13 5.19 -6.41
N ARG H 82 0.85 3.97 -5.93
CA ARG H 82 0.68 2.79 -6.81
C ARG H 82 -0.80 2.45 -6.94
N VAL H 83 -1.37 2.69 -8.12
CA VAL H 83 -2.78 2.48 -8.39
C VAL H 83 -2.92 1.30 -9.33
N ASN H 84 -3.92 0.46 -9.06
CA ASN H 84 -4.21 -0.72 -9.91
C ASN H 84 -5.71 -0.79 -10.11
N HIS H 85 -6.15 -1.29 -11.24
CA HIS H 85 -7.53 -1.25 -11.62
C HIS H 85 -7.66 -2.25 -12.76
N VAL H 86 -8.90 -2.67 -13.05
CA VAL H 86 -9.12 -3.56 -14.19
C VAL H 86 -8.72 -2.88 -15.49
N THR H 87 -8.93 -1.56 -15.57
CA THR H 87 -8.61 -0.82 -16.77
C THR H 87 -7.12 -0.75 -17.05
N LEU H 88 -6.29 -1.14 -16.10
CA LEU H 88 -4.84 -1.01 -16.19
C LEU H 88 -4.21 -2.39 -16.33
N SER H 89 -3.46 -2.55 -17.41
CA SER H 89 -2.79 -3.80 -17.75
C SER H 89 -1.69 -4.16 -16.79
N GLN H 90 -1.21 -3.19 -16.03
CA GLN H 90 -0.17 -3.34 -15.04
C GLN H 90 -0.23 -2.12 -14.15
N PRO H 91 0.02 -2.24 -12.82
CA PRO H 91 -0.09 -1.10 -11.93
C PRO H 91 0.62 0.16 -12.41
N LYS H 92 0.02 1.33 -12.16
CA LYS H 92 0.63 2.62 -12.53
C LYS H 92 1.29 3.23 -11.29
N ILE H 93 2.50 3.77 -11.42
CA ILE H 93 3.11 4.48 -10.28
C ILE H 93 3.31 5.95 -10.63
N VAL H 94 2.75 6.84 -9.82
CA VAL H 94 2.86 8.28 -9.98
C VAL H 94 3.69 8.81 -8.80
N LYS H 95 4.91 9.23 -9.07
CA LYS H 95 5.79 9.77 -8.04
C LYS H 95 5.29 11.11 -7.56
N TRP H 96 5.35 11.32 -6.24
CA TRP H 96 5.09 12.63 -5.68
C TRP H 96 6.09 13.66 -6.21
N ASP H 97 5.57 14.77 -6.73
CA ASP H 97 6.41 15.92 -7.06
C ASP H 97 6.04 17.08 -6.15
N ARG H 98 7.08 17.79 -5.70
CA ARG H 98 6.96 18.77 -4.64
C ARG H 98 6.16 19.99 -5.07
N ASP H 99 6.29 20.41 -6.33
CA ASP H 99 5.57 21.55 -6.88
C ASP H 99 4.38 21.16 -7.76
N MET H 100 3.72 20.06 -7.43
CA MET H 100 2.52 19.64 -8.15
C MET H 100 1.61 18.86 -7.22
N LEU I 1 -30.95 13.29 5.58
CA LEU I 1 -32.21 12.62 5.77
C LEU I 1 -32.46 11.65 4.63
N TYR I 2 -32.18 10.37 4.90
CA TYR I 2 -32.12 9.36 3.86
C TYR I 2 -33.51 9.11 3.26
N LEU I 3 -33.53 8.69 2.00
CA LEU I 3 -34.81 8.58 1.30
C LEU I 3 -35.57 7.34 1.77
N PRO I 4 -36.83 7.50 2.21
CA PRO I 4 -37.57 6.34 2.70
C PRO I 4 -37.92 5.37 1.59
N VAL I 5 -38.44 5.86 0.45
CA VAL I 5 -39.07 4.97 -0.52
C VAL I 5 -38.06 3.90 -0.94
N ARG I 6 -38.56 2.69 -1.26
CA ARG I 6 -37.72 1.54 -1.63
C ARG I 6 -38.46 0.68 -2.67
N VAL I 7 -38.61 1.25 -3.86
CA VAL I 7 -39.30 0.55 -4.97
C VAL I 7 -38.28 -0.30 -5.73
N LEU I 8 -38.75 -1.14 -6.64
CA LEU I 8 -37.85 -2.10 -7.32
C LEU I 8 -37.89 -1.83 -8.82
N ILE I 9 -36.79 -2.09 -9.53
CA ILE I 9 -36.69 -1.76 -10.97
C ILE I 9 -37.61 -2.69 -11.75
N GLY J 4 12.49 26.62 50.38
CA GLY J 4 12.58 27.71 49.43
C GLY J 4 12.23 29.06 50.02
N SER J 5 12.86 30.11 49.49
CA SER J 5 12.56 31.50 49.88
C SER J 5 11.46 32.05 48.99
N HIS J 6 10.87 33.15 49.44
CA HIS J 6 9.74 33.76 48.79
C HIS J 6 10.00 35.25 48.64
N SER J 7 9.17 35.88 47.82
CA SER J 7 9.41 37.27 47.47
C SER J 7 8.12 37.94 47.03
N MET J 8 8.15 39.27 47.05
CA MET J 8 7.05 40.11 46.62
C MET J 8 7.61 41.32 45.88
N ARG J 9 6.99 41.64 44.76
CA ARG J 9 7.48 42.66 43.84
C ARG J 9 6.30 43.49 43.35
N TYR J 10 6.61 44.71 42.90
CA TYR J 10 5.64 45.67 42.37
C TYR J 10 6.28 46.33 41.17
N PHE J 11 5.55 46.42 40.06
CA PHE J 11 6.13 46.84 38.79
C PHE J 11 5.32 47.99 38.20
N SER J 12 5.92 49.18 38.11
CA SER J 12 5.20 50.38 37.68
C SER J 12 5.84 50.99 36.44
N THR J 13 5.05 51.13 35.36
CA THR J 13 5.47 51.86 34.16
C THR J 13 4.68 53.16 34.04
N SER J 14 5.32 54.21 33.49
CA SER J 14 4.75 55.55 33.44
C SER J 14 5.07 56.13 32.05
N VAL J 15 4.26 55.77 31.06
CA VAL J 15 4.58 56.19 29.65
C VAL J 15 3.90 57.52 29.34
N SER J 16 4.69 58.56 29.09
CA SER J 16 4.16 59.90 28.77
C SER J 16 3.37 59.85 27.47
N ARG J 17 2.35 60.68 27.36
CA ARG J 17 1.61 60.78 26.08
C ARG J 17 1.71 62.25 25.72
N PRO J 18 2.88 62.72 25.24
CA PRO J 18 3.07 64.14 25.00
C PRO J 18 1.97 64.71 24.12
N GLY J 19 1.36 65.82 24.55
CA GLY J 19 0.25 66.36 23.78
C GLY J 19 -1.02 65.57 23.98
N ARG J 20 -1.01 64.30 23.49
CA ARG J 20 -2.16 63.42 23.61
C ARG J 20 -2.76 63.49 25.01
N GLY J 21 -1.98 63.14 26.02
CA GLY J 21 -2.51 63.34 27.35
C GLY J 21 -1.50 63.46 28.48
N GLU J 22 -1.98 63.27 29.69
CA GLU J 22 -1.12 63.17 30.85
C GLU J 22 -0.58 61.75 30.91
N PRO J 23 0.54 61.53 31.60
CA PRO J 23 1.20 60.21 31.55
C PRO J 23 0.23 59.10 31.89
N ARG J 24 0.32 57.98 31.17
CA ARG J 24 -0.38 56.78 31.59
C ARG J 24 0.50 56.00 32.55
N PHE J 25 -0.11 55.51 33.62
CA PHE J 25 0.56 54.79 34.69
C PHE J 25 -0.11 53.43 34.81
N ILE J 26 0.70 52.37 34.77
CA ILE J 26 0.22 51.00 35.00
C ILE J 26 1.09 50.39 36.08
N ALA J 27 0.44 49.84 37.10
CA ALA J 27 1.12 49.19 38.20
C ALA J 27 0.55 47.78 38.40
N VAL J 28 1.44 46.82 38.62
CA VAL J 28 1.08 45.43 38.88
C VAL J 28 1.86 44.98 40.12
N GLY J 29 1.33 43.97 40.79
CA GLY J 29 1.98 43.50 41.98
C GLY J 29 2.07 42.00 41.98
N TYR J 30 3.19 41.49 42.47
CA TYR J 30 3.41 40.05 42.36
C TYR J 30 4.01 39.44 43.62
N VAL J 31 3.36 38.40 44.12
CA VAL J 31 3.97 37.57 45.13
C VAL J 31 4.53 36.37 44.38
N ASP J 32 5.83 36.11 44.54
CA ASP J 32 6.49 35.08 43.76
C ASP J 32 6.20 35.29 42.28
N ASP J 33 5.46 34.36 41.69
CA ASP J 33 5.11 34.43 40.28
C ASP J 33 3.61 34.62 40.10
N THR J 34 2.85 34.85 41.17
CA THR J 34 1.41 35.04 41.07
C THR J 34 1.07 36.52 41.16
N GLN J 35 0.50 37.06 40.08
CA GLN J 35 0.00 38.42 40.11
C GLN J 35 -1.17 38.51 41.09
N PHE J 36 -1.21 39.61 41.87
CA PHE J 36 -2.33 39.73 42.80
C PHE J 36 -3.04 41.09 42.78
N VAL J 37 -2.36 42.18 42.40
CA VAL J 37 -3.09 43.43 42.18
C VAL J 37 -2.71 44.04 40.85
N ARG J 38 -3.53 44.99 40.41
CA ARG J 38 -3.18 45.79 39.26
C ARG J 38 -3.90 47.11 39.39
N PHE J 39 -3.24 48.17 38.90
CA PHE J 39 -3.83 49.50 38.77
C PHE J 39 -3.47 50.11 37.42
N ASP J 40 -4.49 50.54 36.72
CA ASP J 40 -4.34 51.23 35.44
C ASP J 40 -5.03 52.57 35.55
N SER J 41 -4.25 53.64 35.55
CA SER J 41 -4.75 55.01 35.65
C SER J 41 -5.66 55.40 34.49
N ASP J 42 -5.90 54.50 33.55
CA ASP J 42 -6.87 54.74 32.49
C ASP J 42 -8.25 54.15 32.78
N ALA J 43 -8.31 52.94 33.35
CA ALA J 43 -9.54 52.20 33.63
C ALA J 43 -10.60 53.06 34.30
N ALA J 44 -11.87 52.67 34.19
CA ALA J 44 -12.90 53.45 34.86
C ALA J 44 -12.81 53.29 36.38
N SER J 45 -12.30 52.16 36.86
CA SER J 45 -12.33 51.91 38.30
C SER J 45 -11.55 52.96 39.09
N GLN J 46 -10.49 53.54 38.51
CA GLN J 46 -9.61 54.47 39.22
C GLN J 46 -9.20 53.94 40.60
N ARG J 47 -9.17 52.62 40.70
CA ARG J 47 -8.86 51.97 42.01
C ARG J 47 -7.96 50.76 41.82
N MET J 48 -7.19 50.41 42.84
CA MET J 48 -6.47 49.15 42.83
C MET J 48 -7.47 48.01 42.64
N GLU J 49 -7.05 46.93 41.97
CA GLU J 49 -7.99 45.86 41.68
C GLU J 49 -7.40 44.48 41.98
N PRO J 50 -8.21 43.56 42.51
CA PRO J 50 -7.70 42.22 42.80
C PRO J 50 -7.54 41.41 41.53
N ARG J 51 -6.53 40.55 41.53
CA ARG J 51 -6.17 39.69 40.41
C ARG J 51 -5.85 38.27 40.87
N ALA J 52 -6.57 37.77 41.87
CA ALA J 52 -6.29 36.53 42.57
C ALA J 52 -7.38 36.25 43.60
N PRO J 53 -7.74 34.99 43.85
CA PRO J 53 -8.78 34.73 44.86
C PRO J 53 -8.35 35.09 46.29
N TRP J 54 -7.07 34.98 46.58
CA TRP J 54 -6.63 35.07 47.96
C TRP J 54 -6.39 36.49 48.44
N ILE J 55 -6.44 37.48 47.55
CA ILE J 55 -6.39 38.86 48.00
C ILE J 55 -7.77 39.47 48.12
N GLU J 56 -8.77 38.96 47.40
CA GLU J 56 -10.11 39.53 47.51
C GLU J 56 -10.58 39.57 48.95
N GLN J 57 -10.21 38.55 49.72
CA GLN J 57 -10.53 38.41 51.13
C GLN J 57 -9.73 39.38 51.99
N GLU J 58 -9.54 40.61 51.50
CA GLU J 58 -8.88 41.70 52.22
C GLU J 58 -9.92 42.80 52.37
N GLY J 59 -9.95 43.43 53.54
CA GLY J 59 -11.00 44.35 53.91
C GLY J 59 -11.09 45.58 53.01
N PRO J 60 -12.29 46.17 52.90
CA PRO J 60 -12.45 47.38 52.09
C PRO J 60 -11.45 48.48 52.45
N GLU J 61 -11.09 48.60 53.73
CA GLU J 61 -10.07 49.57 54.11
C GLU J 61 -8.76 49.32 53.38
N TYR J 62 -8.39 48.04 53.21
CA TYR J 62 -7.19 47.67 52.46
C TYR J 62 -7.15 48.36 51.10
N TRP J 63 -8.11 48.07 50.25
CA TRP J 63 -8.17 48.64 48.89
C TRP J 63 -8.14 50.16 48.90
N ASP J 64 -8.49 50.82 49.98
CA ASP J 64 -8.41 52.30 49.96
C ASP J 64 -6.95 52.64 50.20
N GLU J 65 -6.41 52.27 51.35
CA GLU J 65 -4.98 52.40 51.58
C GLU J 65 -4.21 52.15 50.29
N GLU J 66 -4.46 51.00 49.65
CA GLU J 66 -3.67 50.57 48.50
C GLU J 66 -3.96 51.40 47.27
N THR J 67 -5.19 51.87 47.12
CA THR J 67 -5.53 52.72 45.98
C THR J 67 -4.96 54.12 46.17
N GLY J 68 -4.99 54.63 47.40
CA GLY J 68 -4.44 55.95 47.65
C GLY J 68 -2.95 56.01 47.42
N LYS J 69 -2.24 54.91 47.70
CA LYS J 69 -0.79 54.91 47.54
C LYS J 69 -0.38 54.63 46.11
N VAL J 70 -1.23 53.96 45.34
CA VAL J 70 -0.90 53.75 43.93
C VAL J 70 -1.24 55.00 43.15
N LYS J 71 -2.39 55.62 43.44
CA LYS J 71 -2.69 56.91 42.84
C LYS J 71 -1.65 57.94 43.27
N ALA J 72 -1.17 57.84 44.51
CA ALA J 72 -0.05 58.66 44.94
C ALA J 72 1.14 58.46 44.02
N HIS J 73 1.63 57.22 43.94
CA HIS J 73 2.76 56.91 43.06
C HIS J 73 2.54 57.51 41.70
N SER J 74 1.40 57.18 41.09
CA SER J 74 0.92 57.77 39.86
C SER J 74 1.37 59.22 39.72
N GLN J 75 0.95 60.07 40.67
CA GLN J 75 1.22 61.50 40.58
C GLN J 75 2.72 61.79 40.69
N THR J 76 3.41 61.08 41.58
CA THR J 76 4.83 61.33 41.78
C THR J 76 5.63 61.11 40.50
N ASP J 77 5.36 60.00 39.80
CA ASP J 77 6.04 59.69 38.55
C ASP J 77 5.53 60.53 37.38
N ARG J 78 4.37 61.19 37.52
CA ARG J 78 4.01 62.24 36.56
C ARG J 78 5.03 63.34 36.57
N GLU J 79 5.38 63.83 37.77
CA GLU J 79 6.35 64.88 37.84
C GLU J 79 7.75 64.35 37.73
N ASN J 80 7.98 63.10 38.16
CA ASN J 80 9.29 62.49 37.92
C ASN J 80 9.65 62.51 36.44
N LEU J 81 8.69 62.19 35.56
CA LEU J 81 8.93 62.22 34.12
C LEU J 81 9.35 63.61 33.65
N ARG J 82 8.67 64.66 34.14
CA ARG J 82 9.02 66.05 33.81
C ARG J 82 10.45 66.36 34.22
N ILE J 83 10.76 66.10 35.49
CA ILE J 83 12.11 66.30 36.01
C ILE J 83 13.14 65.67 35.08
N ALA J 84 12.87 64.45 34.63
CA ALA J 84 13.82 63.70 33.79
C ALA J 84 14.11 64.43 32.49
N LEU J 85 13.07 64.99 31.86
CA LEU J 85 13.28 65.72 30.61
C LEU J 85 14.21 66.92 30.79
N ARG J 86 14.21 67.55 31.97
CA ARG J 86 15.06 68.74 32.18
C ARG J 86 16.50 68.29 32.36
N TYR J 87 16.69 67.35 33.27
CA TYR J 87 18.03 66.82 33.50
C TYR J 87 18.72 66.54 32.16
N TYR J 88 17.94 66.10 31.17
CA TYR J 88 18.46 65.58 29.92
C TYR J 88 18.24 66.51 28.73
N ASN J 89 17.92 67.78 28.97
CA ASN J 89 17.47 68.71 27.93
C ASN J 89 16.83 68.03 26.72
N GLN J 90 15.92 67.08 26.99
CA GLN J 90 15.00 66.48 26.02
C GLN J 90 13.76 67.36 25.88
N SER J 91 13.04 67.17 24.78
CA SER J 91 11.87 67.99 24.50
C SER J 91 10.58 67.31 24.90
N GLU J 92 9.58 68.13 25.21
CA GLU J 92 8.22 67.73 25.51
C GLU J 92 7.49 67.18 24.29
N ALA J 93 8.23 66.81 23.26
CA ALA J 93 7.62 66.23 22.07
C ALA J 93 7.65 64.71 22.11
N GLY J 94 8.80 64.14 22.43
CA GLY J 94 8.93 62.68 22.41
C GLY J 94 8.31 62.01 23.62
N SER J 95 7.91 60.75 23.47
CA SER J 95 7.35 59.98 24.60
C SER J 95 8.49 59.27 25.33
N HIS J 96 8.37 59.20 26.65
CA HIS J 96 9.44 58.60 27.49
C HIS J 96 8.79 57.68 28.49
N THR J 97 9.59 56.78 29.08
CA THR J 97 9.03 55.76 29.99
C THR J 97 9.83 55.73 31.28
N LEU J 98 9.15 55.84 32.43
CA LEU J 98 9.82 55.70 33.75
C LEU J 98 9.29 54.42 34.40
N GLN J 99 10.18 53.49 34.71
CA GLN J 99 9.81 52.25 35.40
C GLN J 99 10.43 52.21 36.79
N MET J 100 9.63 51.74 37.74
CA MET J 100 10.10 51.56 39.14
C MET J 100 9.71 50.18 39.64
N MET J 101 10.68 49.45 40.17
CA MET J 101 10.44 48.16 40.79
C MET J 101 10.87 48.24 42.24
N PHE J 102 10.03 47.70 43.11
CA PHE J 102 10.36 47.63 44.53
C PHE J 102 9.67 46.43 45.15
N GLY J 103 10.32 45.84 46.14
CA GLY J 103 9.76 44.71 46.84
C GLY J 103 10.77 44.18 47.83
N CYS J 104 10.53 42.97 48.31
CA CYS J 104 11.46 42.41 49.26
C CYS J 104 11.48 40.90 49.13
N ASP J 105 12.58 40.31 49.59
CA ASP J 105 12.73 38.86 49.69
C ASP J 105 12.78 38.46 51.16
N VAL J 106 12.15 37.33 51.48
CA VAL J 106 12.36 36.65 52.75
C VAL J 106 12.87 35.24 52.47
N GLY J 107 13.57 34.69 53.47
CA GLY J 107 13.96 33.30 53.48
C GLY J 107 12.80 32.44 53.90
N SER J 108 13.07 31.13 54.01
CA SER J 108 11.98 30.21 54.32
C SER J 108 11.50 30.33 55.76
N ASP J 109 12.26 31.05 56.59
CA ASP J 109 11.87 31.44 57.95
C ASP J 109 11.11 32.76 57.98
N GLY J 110 10.91 33.41 56.84
CA GLY J 110 10.11 34.62 56.83
C GLY J 110 10.79 35.85 57.36
N ARG J 111 12.10 35.77 57.50
CA ARG J 111 12.86 36.96 57.93
C ARG J 111 13.40 37.68 56.69
N PHE J 112 13.59 38.98 56.79
CA PHE J 112 14.07 39.76 55.66
C PHE J 112 15.36 39.19 55.08
N LEU J 113 15.42 39.01 53.77
CA LEU J 113 16.65 38.65 53.08
C LEU J 113 17.23 39.82 52.31
N ARG J 114 16.45 40.41 51.41
CA ARG J 114 16.89 41.49 50.54
C ARG J 114 15.66 42.30 50.12
N GLY J 115 15.83 43.61 49.99
CA GLY J 115 14.76 44.47 49.52
C GLY J 115 15.23 45.38 48.40
N TYR J 116 14.28 45.80 47.57
CA TYR J 116 14.61 46.49 46.32
C TYR J 116 13.92 47.83 46.23
N HIS J 117 14.65 48.78 45.67
CA HIS J 117 14.08 50.07 45.31
C HIS J 117 14.92 50.56 44.14
N GLN J 118 14.34 50.57 42.95
CA GLN J 118 15.09 50.95 41.77
C GLN J 118 14.18 51.53 40.71
N TYR J 119 14.80 52.34 39.84
CA TYR J 119 14.05 53.03 38.77
C TYR J 119 14.83 52.91 37.47
N ALA J 120 14.15 53.01 36.34
CA ALA J 120 14.79 53.06 35.03
C ALA J 120 14.06 53.98 34.07
N TYR J 121 14.83 54.89 33.43
CA TYR J 121 14.33 55.80 32.41
C TYR J 121 14.70 55.32 31.01
N ASP J 122 13.70 55.23 30.16
CA ASP J 122 13.86 54.86 28.75
C ASP J 122 14.80 53.66 28.60
N GLY J 123 14.46 52.61 29.35
CA GLY J 123 15.06 51.32 29.23
C GLY J 123 16.28 51.12 30.08
N LYS J 124 16.96 52.20 30.48
CA LYS J 124 18.25 52.13 31.15
C LYS J 124 18.09 52.40 32.64
N ASP J 125 18.86 51.66 33.46
CA ASP J 125 18.84 51.84 34.90
C ASP J 125 19.08 53.32 35.23
N TYR J 126 18.23 53.90 36.07
CA TYR J 126 18.43 55.29 36.50
C TYR J 126 19.23 55.32 37.81
N ILE J 127 18.57 54.98 38.91
CA ILE J 127 19.20 54.82 40.22
C ILE J 127 18.63 53.58 40.90
N ALA J 128 19.44 52.95 41.75
CA ALA J 128 18.95 51.79 42.48
C ALA J 128 19.57 51.72 43.88
N LEU J 129 18.69 51.56 44.87
CA LEU J 129 19.14 51.31 46.24
C LEU J 129 20.05 50.09 46.27
N LYS J 130 21.20 50.24 46.92
CA LYS J 130 22.14 49.14 46.98
C LYS J 130 21.66 48.13 48.04
N GLU J 131 22.19 46.91 47.94
CA GLU J 131 21.76 45.80 48.79
C GLU J 131 21.89 46.14 50.27
N ASP J 132 22.80 47.04 50.62
CA ASP J 132 22.92 47.47 52.01
C ASP J 132 21.78 48.38 52.47
N LEU J 133 20.93 48.87 51.55
CA LEU J 133 19.80 49.73 51.91
C LEU J 133 20.28 51.06 52.52
N ARG J 134 21.45 51.52 52.12
CA ARG J 134 22.04 52.69 52.77
C ARG J 134 22.77 53.55 51.77
N SER J 135 22.68 53.24 50.48
CA SER J 135 23.51 53.86 49.46
C SER J 135 22.85 53.64 48.11
N TRP J 136 23.23 54.50 47.17
CA TRP J 136 22.56 54.50 45.85
C TRP J 136 23.54 54.35 44.69
N THR J 137 23.35 53.33 43.86
CA THR J 137 24.07 53.17 42.60
C THR J 137 23.40 53.99 41.52
N ALA J 138 23.94 55.20 41.30
CA ALA J 138 23.45 56.10 40.28
C ALA J 138 24.14 55.78 38.98
N ALA J 139 23.38 55.69 37.90
CA ALA J 139 23.92 55.25 36.63
C ALA J 139 24.78 56.34 35.99
N ASP J 140 24.16 57.42 35.56
CA ASP J 140 24.82 58.41 34.74
C ASP J 140 24.83 59.76 35.46
N MET J 141 25.22 60.79 34.71
CA MET J 141 25.37 62.13 35.26
C MET J 141 24.10 62.55 35.99
N ALA J 142 22.98 62.53 35.27
CA ALA J 142 21.72 63.00 35.83
C ALA J 142 21.32 62.21 37.07
N ALA J 143 21.45 60.88 37.01
CA ALA J 143 21.06 60.08 38.17
C ALA J 143 21.95 60.35 39.37
N GLN J 144 23.14 60.91 39.16
CA GLN J 144 23.96 61.28 40.30
C GLN J 144 23.50 62.59 40.94
N ILE J 145 22.77 63.43 40.21
CA ILE J 145 22.03 64.53 40.85
C ILE J 145 21.03 63.99 41.86
N THR J 146 20.17 63.07 41.41
CA THR J 146 19.25 62.39 42.32
C THR J 146 20.00 61.69 43.44
N LYS J 147 21.10 61.03 43.14
CA LYS J 147 21.80 60.26 44.20
C LYS J 147 22.11 61.17 45.38
N ARG J 148 22.54 62.41 45.12
CA ARG J 148 23.00 63.32 46.19
C ARG J 148 21.86 64.04 46.90
N LYS J 149 20.69 64.16 46.28
CA LYS J 149 19.53 64.77 46.97
C LYS J 149 18.87 63.70 47.84
N TRP J 150 18.96 62.43 47.42
CA TRP J 150 18.36 61.29 48.16
C TRP J 150 19.31 60.89 49.28
N GLU J 151 20.47 61.52 49.34
CA GLU J 151 21.45 61.24 50.42
C GLU J 151 21.29 62.33 51.49
N ALA J 152 20.99 63.55 51.08
CA ALA J 152 20.77 64.67 52.02
C ALA J 152 19.40 64.54 52.68
N ALA J 153 18.48 63.89 51.98
CA ALA J 153 17.09 63.80 52.46
C ALA J 153 16.86 62.48 53.20
N HIS J 154 17.88 61.63 53.25
CA HIS J 154 17.79 60.34 53.99
C HIS J 154 16.65 59.52 53.40
N VAL J 155 16.65 59.37 52.09
CA VAL J 155 15.54 58.65 51.41
C VAL J 155 15.75 57.16 51.61
N ALA J 156 17.00 56.70 51.57
CA ALA J 156 17.32 55.27 51.70
C ALA J 156 16.76 54.71 53.00
N GLU J 157 16.52 55.57 53.96
CA GLU J 157 16.04 55.14 55.30
C GLU J 157 14.53 55.05 55.24
N GLN J 158 13.89 56.09 54.73
CA GLN J 158 12.43 56.02 54.56
C GLN J 158 12.13 54.69 53.88
N GLN J 159 12.89 54.34 52.85
CA GLN J 159 12.57 53.10 52.14
C GLN J 159 12.90 51.91 52.99
N ARG J 160 14.04 51.95 53.67
CA ARG J 160 14.51 50.79 54.41
C ARG J 160 13.50 50.41 55.48
N ALA J 161 12.85 51.42 56.08
CA ALA J 161 11.70 51.18 56.96
C ALA J 161 10.65 50.30 56.29
N TYR J 162 10.23 50.67 55.08
CA TYR J 162 9.24 49.87 54.36
C TYR J 162 9.82 48.52 53.96
N LEU J 163 11.05 48.53 53.42
CA LEU J 163 11.60 47.34 52.80
C LEU J 163 11.85 46.25 53.85
N GLU J 164 12.38 46.61 55.01
CA GLU J 164 12.58 45.64 56.09
C GLU J 164 11.35 45.47 56.99
N GLY J 165 10.39 46.37 56.94
CA GLY J 165 9.27 46.24 57.83
C GLY J 165 7.92 46.06 57.17
N THR J 166 7.39 47.14 56.60
CA THR J 166 6.07 47.11 56.01
C THR J 166 5.97 46.02 54.96
N CYS J 167 7.02 45.85 54.18
CA CYS J 167 7.05 44.79 53.19
C CYS J 167 6.96 43.45 53.88
N VAL J 168 8.06 43.00 54.47
CA VAL J 168 8.19 41.69 55.11
C VAL J 168 6.90 41.27 55.79
N ASP J 169 6.22 42.19 56.47
CA ASP J 169 4.96 41.81 57.12
C ASP J 169 3.89 41.43 56.11
N GLY J 170 3.77 42.20 55.02
CA GLY J 170 2.76 41.91 54.03
C GLY J 170 3.05 40.63 53.27
N LEU J 171 4.33 40.38 52.95
CA LEU J 171 4.67 39.14 52.26
C LEU J 171 4.23 37.95 53.07
N ARG J 172 4.49 37.95 54.39
CA ARG J 172 4.02 36.85 55.24
C ARG J 172 2.49 36.78 55.27
N ARG J 173 1.82 37.89 55.56
CA ARG J 173 0.36 37.92 55.49
C ARG J 173 -0.15 37.29 54.22
N TYR J 174 0.26 37.84 53.08
CA TYR J 174 -0.16 37.31 51.78
C TYR J 174 0.12 35.82 51.69
N LEU J 175 1.30 35.38 52.12
CA LEU J 175 1.72 33.95 52.02
C LEU J 175 0.84 33.07 52.90
N GLU J 176 0.34 33.60 54.01
CA GLU J 176 -0.63 32.87 54.83
C GLU J 176 -2.00 32.80 54.17
N ASN J 177 -2.64 33.96 53.97
CA ASN J 177 -4.01 34.02 53.47
C ASN J 177 -4.20 33.28 52.15
N GLY J 178 -3.14 33.06 51.40
CA GLY J 178 -3.27 32.22 50.23
C GLY J 178 -2.24 31.12 50.25
N LYS J 179 -2.19 30.33 51.32
CA LYS J 179 -1.11 29.35 51.48
C LYS J 179 -1.18 28.25 50.42
N GLU J 180 -2.36 27.70 50.13
CA GLU J 180 -2.41 26.63 49.14
C GLU J 180 -2.28 27.13 47.71
N THR J 181 -2.34 28.45 47.48
CA THR J 181 -2.06 29.01 46.17
C THR J 181 -0.58 29.25 45.97
N LEU J 182 0.03 29.95 46.92
CA LEU J 182 1.35 30.53 46.76
C LEU J 182 2.47 29.59 47.16
N GLN J 183 2.21 28.67 48.10
CA GLN J 183 3.17 27.68 48.54
C GLN J 183 2.84 26.29 48.02
N ARG J 184 1.91 26.17 47.06
CA ARG J 184 1.80 24.97 46.25
C ARG J 184 2.92 24.97 45.23
N THR J 185 3.34 23.78 44.80
CA THR J 185 4.33 23.62 43.73
C THR J 185 3.86 22.53 42.79
N ASP J 186 3.32 22.90 41.64
CA ASP J 186 2.90 21.89 40.68
C ASP J 186 4.10 21.33 39.95
N PRO J 187 4.41 20.04 40.07
CA PRO J 187 5.46 19.45 39.26
C PRO J 187 5.08 19.46 37.80
N PRO J 188 6.05 19.53 36.89
CA PRO J 188 5.75 19.58 35.47
C PRO J 188 5.34 18.23 34.90
N LYS J 189 4.50 18.28 33.87
CA LYS J 189 4.18 17.09 33.10
C LYS J 189 5.08 17.08 31.87
N THR J 190 5.82 16.00 31.72
CA THR J 190 6.88 15.90 30.73
C THR J 190 6.54 14.82 29.72
N HIS J 191 7.21 14.88 28.57
CA HIS J 191 7.13 13.86 27.52
C HIS J 191 8.03 14.27 26.36
N MET J 192 8.27 13.32 25.47
CA MET J 192 9.13 13.53 24.32
C MET J 192 8.36 13.29 23.04
N THR J 193 8.57 14.17 22.08
CA THR J 193 8.15 13.93 20.72
C THR J 193 9.38 13.62 19.89
N HIS J 194 9.19 13.11 18.67
CA HIS J 194 10.33 12.64 17.87
C HIS J 194 9.99 12.79 16.39
N HIS J 195 10.42 13.92 15.80
CA HIS J 195 10.21 14.20 14.39
C HIS J 195 11.48 13.85 13.61
N PRO J 196 11.46 12.93 12.65
CA PRO J 196 12.60 12.83 11.73
C PRO J 196 12.62 14.03 10.79
N ILE J 197 13.83 14.42 10.38
CA ILE J 197 13.95 15.61 9.54
C ILE J 197 14.78 15.40 8.28
N SER J 198 15.61 14.36 8.20
CA SER J 198 16.24 13.92 6.94
C SER J 198 16.62 12.46 7.14
N ASP J 199 17.50 11.92 6.30
CA ASP J 199 17.81 10.50 6.39
C ASP J 199 19.02 10.23 7.26
N HIS J 200 19.50 11.26 7.95
CA HIS J 200 20.60 11.10 8.87
C HIS J 200 20.28 11.76 10.20
N GLU J 201 19.06 12.29 10.37
CA GLU J 201 18.75 13.24 11.43
C GLU J 201 17.33 13.02 11.97
N ALA J 202 17.22 13.05 13.30
CA ALA J 202 15.93 13.08 13.97
C ALA J 202 15.94 14.24 14.97
N THR J 203 14.76 14.61 15.50
CA THR J 203 14.68 15.61 16.57
C THR J 203 13.91 15.04 17.77
N LEU J 204 14.49 15.22 18.97
CA LEU J 204 13.86 14.92 20.24
C LEU J 204 13.48 16.22 20.90
N ARG J 205 12.22 16.36 21.31
CA ARG J 205 11.76 17.59 21.95
C ARG J 205 11.17 17.27 23.31
N CYS J 206 11.96 17.53 24.35
CA CYS J 206 11.54 17.32 25.75
C CYS J 206 10.56 18.41 26.17
N TRP J 207 9.35 18.02 26.50
CA TRP J 207 8.32 18.94 26.94
C TRP J 207 8.20 18.86 28.45
N ALA J 208 8.03 20.01 29.11
CA ALA J 208 7.62 20.12 30.51
C ALA J 208 6.42 21.04 30.57
N LEU J 209 5.36 20.62 31.24
CA LEU J 209 4.14 21.45 31.14
C LEU J 209 3.36 21.60 32.45
N GLY J 210 2.91 22.81 32.71
CA GLY J 210 1.99 23.14 33.78
C GLY J 210 2.63 23.23 35.15
N PHE J 211 3.79 23.85 35.20
CA PHE J 211 4.52 23.91 36.48
C PHE J 211 4.43 25.28 37.16
N TYR J 212 4.28 25.29 38.48
CA TYR J 212 4.37 26.54 39.27
C TYR J 212 5.27 26.19 40.46
N PRO J 213 6.42 26.88 40.68
CA PRO J 213 6.75 28.11 39.98
C PRO J 213 7.39 27.97 38.61
N ALA J 214 7.93 29.05 38.07
CA ALA J 214 8.47 29.04 36.69
C ALA J 214 9.88 28.46 36.66
N GLU J 215 10.58 28.50 37.78
CA GLU J 215 11.98 28.06 37.72
C GLU J 215 12.09 26.58 37.38
N ILE J 216 12.94 26.27 36.39
CA ILE J 216 13.05 24.91 35.85
C ILE J 216 14.40 24.83 35.14
N THR J 217 14.84 23.61 34.84
CA THR J 217 16.10 23.43 34.12
C THR J 217 16.02 22.17 33.26
N LEU J 218 15.70 22.36 31.98
CA LEU J 218 15.75 21.31 30.97
C LEU J 218 17.17 21.20 30.41
N THR J 219 17.83 20.06 30.58
CA THR J 219 19.19 19.91 30.06
C THR J 219 19.31 18.57 29.35
N TRP J 220 19.83 18.60 28.12
CA TRP J 220 20.04 17.35 27.33
C TRP J 220 21.39 16.72 27.67
N GLN J 221 21.55 15.42 27.41
CA GLN J 221 22.74 14.64 27.78
C GLN J 221 22.98 13.48 26.80
N ARG J 222 24.03 13.58 25.98
CA ARG J 222 24.48 12.46 25.13
C ARG J 222 25.36 11.53 25.96
N ASP J 223 24.84 10.35 26.26
CA ASP J 223 25.54 9.34 27.05
C ASP J 223 25.93 9.83 28.44
N GLY J 224 25.28 10.86 28.98
CA GLY J 224 25.53 11.34 30.33
C GLY J 224 26.21 12.70 30.43
N GLU J 225 26.73 13.24 29.32
CA GLU J 225 27.42 14.51 29.32
C GLU J 225 26.51 15.61 28.77
N ASP J 226 26.31 16.66 29.58
CA ASP J 226 25.48 17.82 29.27
C ASP J 226 25.58 18.28 27.81
N GLN J 227 24.96 17.58 26.87
CA GLN J 227 25.11 18.00 25.48
C GLN J 227 24.36 19.29 25.23
N THR J 228 25.08 20.37 24.94
CA THR J 228 24.45 21.61 24.51
C THR J 228 24.50 21.82 23.01
N GLN J 229 25.35 21.11 22.30
CA GLN J 229 25.60 21.34 20.85
C GLN J 229 24.38 21.71 20.01
N ASP J 230 23.70 20.72 19.41
CA ASP J 230 22.61 21.07 18.48
C ASP J 230 21.28 21.10 19.22
N THR J 231 21.04 22.20 19.94
CA THR J 231 20.03 22.31 21.00
C THR J 231 19.17 23.58 20.83
N GLU J 232 17.92 23.49 21.27
CA GLU J 232 17.04 24.65 21.25
C GLU J 232 16.21 24.68 22.53
N LEU J 233 16.07 25.86 23.14
CA LEU J 233 15.43 25.97 24.45
C LEU J 233 14.63 27.26 24.55
N VAL J 234 13.32 27.18 24.25
CA VAL J 234 12.44 28.35 24.28
C VAL J 234 12.26 28.86 25.71
N GLU J 235 12.48 30.17 25.89
CA GLU J 235 12.15 30.87 27.14
C GLU J 235 10.84 30.35 27.73
N THR J 236 10.78 30.30 29.05
CA THR J 236 9.56 29.78 29.71
C THR J 236 8.35 30.62 29.29
N ARG J 237 7.22 29.98 29.02
CA ARG J 237 6.02 30.68 28.51
C ARG J 237 4.87 30.57 29.52
N PRO J 238 4.03 31.60 29.62
CA PRO J 238 2.93 31.64 30.59
C PRO J 238 1.70 30.73 30.55
N ALA J 239 1.30 30.15 29.42
CA ALA J 239 0.15 29.20 29.39
C ALA J 239 -1.20 29.84 29.67
N GLY J 240 -1.35 30.68 30.69
CA GLY J 240 -2.60 31.43 30.94
C GLY J 240 -3.31 31.01 32.21
N ASP J 241 -2.96 29.86 32.75
CA ASP J 241 -3.67 29.30 33.92
C ASP J 241 -2.85 29.51 35.19
N GLY J 242 -1.81 30.33 35.13
CA GLY J 242 -0.91 30.54 36.28
C GLY J 242 0.21 29.53 36.22
N THR J 243 0.10 28.60 35.28
CA THR J 243 1.09 27.51 35.13
C THR J 243 2.03 27.92 34.00
N PHE J 244 3.17 27.27 33.85
CA PHE J 244 4.20 27.65 32.88
C PHE J 244 4.69 26.46 32.07
N GLN J 245 5.07 26.74 30.81
CA GLN J 245 5.51 25.69 29.87
C GLN J 245 6.91 25.98 29.32
N LYS J 246 7.59 24.96 28.82
CA LYS J 246 8.96 25.06 28.29
C LYS J 246 9.31 23.78 27.58
N TRP J 247 10.14 23.94 26.54
CA TRP J 247 10.61 22.75 25.80
C TRP J 247 12.08 22.86 25.41
N ALA J 248 12.79 21.74 25.48
CA ALA J 248 14.15 21.61 25.02
C ALA J 248 14.17 20.73 23.77
N ALA J 249 15.26 20.78 23.00
CA ALA J 249 15.33 19.91 21.82
C ALA J 249 16.77 19.66 21.37
N VAL J 250 17.01 18.48 20.78
CA VAL J 250 18.25 18.17 20.07
C VAL J 250 17.95 17.48 18.74
N VAL J 251 18.80 17.73 17.74
CA VAL J 251 18.82 16.97 16.49
C VAL J 251 19.94 15.94 16.58
N VAL J 252 19.58 14.67 16.46
CA VAL J 252 20.46 13.55 16.82
C VAL J 252 20.75 12.75 15.56
N PRO J 253 21.87 12.02 15.55
CA PRO J 253 22.12 11.10 14.44
C PRO J 253 20.99 10.10 14.36
N SER J 254 20.38 10.01 13.17
CA SER J 254 19.24 9.14 12.99
C SER J 254 19.60 7.72 13.40
N GLY J 255 19.11 7.28 14.55
CA GLY J 255 19.43 5.94 14.98
C GLY J 255 20.13 5.89 16.32
N GLU J 256 20.61 7.02 16.82
CA GLU J 256 21.26 7.07 18.13
C GLU J 256 20.37 7.73 19.18
N GLU J 257 19.05 7.65 18.99
CA GLU J 257 18.11 8.31 19.88
C GLU J 257 18.33 7.86 21.32
N GLN J 258 18.79 6.63 21.54
CA GLN J 258 18.90 6.08 22.88
C GLN J 258 20.02 6.73 23.66
N ARG J 259 20.94 7.40 22.97
CA ARG J 259 22.09 8.03 23.59
C ARG J 259 21.70 9.32 24.31
N TYR J 260 20.61 9.94 23.88
CA TYR J 260 20.21 11.24 24.37
C TYR J 260 19.14 11.04 25.43
N THR J 261 19.32 11.73 26.55
CA THR J 261 18.34 11.73 27.62
C THR J 261 18.18 13.17 28.10
N CYS J 262 17.00 13.47 28.60
CA CYS J 262 16.59 14.80 28.98
C CYS J 262 16.38 14.88 30.48
N HIS J 263 16.79 15.99 31.09
CA HIS J 263 16.80 16.08 32.54
C HIS J 263 16.06 17.33 32.99
N VAL J 264 15.04 17.12 33.82
CA VAL J 264 14.11 18.13 34.29
C VAL J 264 14.36 18.32 35.77
N GLN J 265 14.82 19.53 36.12
CA GLN J 265 15.03 19.88 37.54
C GLN J 265 14.02 20.97 37.91
N HIS J 266 12.98 20.62 38.67
CA HIS J 266 11.99 21.61 39.18
C HIS J 266 11.90 21.37 40.69
N GLU J 267 11.34 22.33 41.42
CA GLU J 267 11.23 22.21 42.90
C GLU J 267 9.99 21.38 43.25
N GLY J 268 9.10 21.15 42.29
CA GLY J 268 7.91 20.33 42.54
C GLY J 268 8.27 18.88 42.39
N LEU J 269 9.40 18.61 41.75
CA LEU J 269 9.85 17.22 41.54
C LEU J 269 10.75 16.79 42.70
N PRO J 270 10.49 15.61 43.31
CA PRO J 270 11.30 15.11 44.42
C PRO J 270 12.75 14.85 44.04
N LYS J 271 12.96 14.15 42.93
CA LYS J 271 14.32 13.89 42.43
C LYS J 271 14.34 14.30 40.96
N PRO J 272 15.45 14.86 40.45
CA PRO J 272 15.54 15.24 39.06
C PRO J 272 15.08 14.10 38.14
N LEU J 273 14.32 14.44 37.10
CA LEU J 273 13.77 13.42 36.18
C LEU J 273 14.68 13.23 34.97
N THR J 274 14.83 12.00 34.50
CA THR J 274 15.64 11.67 33.33
C THR J 274 14.75 10.95 32.33
N LEU J 275 14.47 11.62 31.23
CA LEU J 275 13.52 11.08 30.22
C LEU J 275 14.27 10.68 28.95
N ARG J 276 14.05 9.46 28.47
CA ARG J 276 14.64 8.95 27.24
C ARG J 276 13.50 8.65 26.28
N TRP J 277 13.82 8.48 25.00
CA TRP J 277 12.77 8.41 23.98
C TRP J 277 11.81 7.23 24.14
N GLU J 278 12.10 6.08 23.50
CA GLU J 278 11.18 4.94 23.37
C GLU J 278 9.93 5.24 22.52
N PRO J 279 9.54 4.33 21.60
CA PRO J 279 8.32 4.52 20.80
C PRO J 279 7.06 3.90 21.44
N MET K 1 17.02 56.92 23.68
CA MET K 1 16.55 55.84 24.54
C MET K 1 16.97 54.50 23.99
N ILE K 2 17.38 53.59 24.87
CA ILE K 2 17.63 52.22 24.43
C ILE K 2 16.30 51.56 24.09
N GLN K 3 16.25 50.88 22.95
CA GLN K 3 15.07 50.08 22.63
C GLN K 3 15.46 48.62 22.51
N ARG K 4 14.47 47.75 22.67
CA ARG K 4 14.64 46.30 22.57
C ARG K 4 13.56 45.71 21.68
N THR K 5 13.90 44.60 20.96
CA THR K 5 12.98 44.01 20.00
C THR K 5 12.11 42.96 20.69
N PRO K 6 10.85 42.75 20.27
CA PRO K 6 10.05 41.70 20.91
C PRO K 6 10.47 40.30 20.50
N LYS K 7 10.31 39.37 21.44
CA LYS K 7 10.39 37.95 21.19
C LYS K 7 8.97 37.39 21.21
N ILE K 8 8.59 36.74 20.11
CA ILE K 8 7.18 36.30 19.98
C ILE K 8 7.13 34.79 19.97
N GLN K 9 6.23 34.22 20.77
CA GLN K 9 6.02 32.75 20.79
C GLN K 9 4.51 32.56 20.62
N VAL K 10 4.09 31.80 19.63
CA VAL K 10 2.65 31.49 19.48
C VAL K 10 2.45 30.03 19.87
N TYR K 11 1.52 29.76 20.78
CA TYR K 11 1.35 28.40 21.30
C TYR K 11 -0.08 28.19 21.82
N SER K 12 -0.30 27.10 22.57
CA SER K 12 -1.63 26.77 23.09
C SER K 12 -1.49 26.45 24.58
N ARG K 13 -2.55 26.65 25.36
CA ARG K 13 -2.51 26.31 26.79
C ARG K 13 -2.38 24.80 26.90
N HIS K 14 -3.37 24.10 26.36
CA HIS K 14 -3.34 22.67 26.39
C HIS K 14 -3.00 22.14 25.01
N PRO K 15 -2.24 21.02 24.97
CA PRO K 15 -1.93 20.37 23.69
C PRO K 15 -3.13 20.39 22.75
N ALA K 16 -2.90 20.91 21.54
CA ALA K 16 -4.00 21.08 20.59
C ALA K 16 -4.72 19.77 20.36
N GLU K 17 -6.03 19.84 20.25
CA GLU K 17 -6.84 18.67 19.90
C GLU K 17 -8.02 19.14 19.08
N ASN K 18 -8.15 18.62 17.86
CA ASN K 18 -9.18 19.09 16.95
C ASN K 18 -10.56 19.09 17.59
N GLY K 19 -11.33 20.14 17.31
CA GLY K 19 -12.70 20.22 17.81
C GLY K 19 -12.84 20.12 19.31
N LYS K 20 -11.86 20.65 20.06
CA LYS K 20 -11.96 20.53 21.51
C LYS K 20 -11.38 21.81 22.10
N SER K 21 -12.15 22.45 22.96
CA SER K 21 -11.92 23.86 23.26
C SER K 21 -10.62 24.09 24.04
N ASN K 22 -9.92 25.15 23.65
CA ASN K 22 -8.57 25.46 24.13
C ASN K 22 -8.42 26.98 24.18
N PHE K 23 -7.20 27.42 24.46
CA PHE K 23 -6.87 28.86 24.47
C PHE K 23 -5.60 29.06 23.66
N LEU K 24 -5.69 29.89 22.61
CA LEU K 24 -4.51 30.23 21.79
C LEU K 24 -3.82 31.41 22.44
N ASN K 25 -2.57 31.21 22.83
CA ASN K 25 -1.78 32.29 23.41
C ASN K 25 -0.75 32.81 22.40
N CYS K 26 -0.44 34.11 22.50
CA CYS K 26 0.72 34.72 21.86
C CYS K 26 1.46 35.49 22.93
N TYR K 27 2.78 35.29 23.03
CA TYR K 27 3.54 35.76 24.19
C TYR K 27 4.69 36.65 23.76
N VAL K 28 4.48 37.95 23.81
CA VAL K 28 5.52 38.90 23.43
C VAL K 28 6.32 39.29 24.66
N SER K 29 7.63 39.10 24.60
CA SER K 29 8.50 39.30 25.73
C SER K 29 9.79 39.92 25.26
N GLY K 30 10.38 40.74 26.13
CA GLY K 30 11.69 41.29 25.89
C GLY K 30 11.74 42.57 25.09
N PHE K 31 10.59 43.24 25.03
CA PHE K 31 10.49 44.49 24.23
C PHE K 31 10.55 45.73 25.09
N HIS K 32 11.05 46.80 24.48
CA HIS K 32 11.08 48.14 25.12
C HIS K 32 11.27 49.10 23.94
N PRO K 33 10.38 50.06 23.67
CA PRO K 33 9.43 50.54 24.66
C PRO K 33 8.15 49.69 24.83
N SER K 34 7.24 50.15 25.67
CA SER K 34 6.02 49.37 26.00
C SER K 34 5.01 49.40 24.86
N ASP K 35 4.97 50.47 24.10
CA ASP K 35 3.88 50.57 23.08
C ASP K 35 4.00 49.42 22.09
N ILE K 36 3.10 48.45 22.20
CA ILE K 36 3.15 47.29 21.31
C ILE K 36 1.75 47.02 20.74
N GLU K 37 1.71 46.65 19.45
CA GLU K 37 0.51 46.18 18.79
C GLU K 37 0.62 44.67 18.68
N VAL K 38 -0.43 43.96 19.05
CA VAL K 38 -0.46 42.52 18.91
C VAL K 38 -1.84 42.12 18.44
N ASP K 39 -1.90 41.21 17.48
CA ASP K 39 -3.20 40.73 17.05
C ASP K 39 -3.13 39.25 16.64
N LEU K 40 -4.09 38.47 17.11
CA LEU K 40 -4.12 37.06 16.82
C LEU K 40 -5.04 36.87 15.61
N LEU K 41 -4.61 36.07 14.63
CA LEU K 41 -5.33 35.95 13.36
C LEU K 41 -5.68 34.50 13.07
N LYS K 42 -6.93 34.24 12.74
CA LYS K 42 -7.37 32.97 12.19
C LYS K 42 -7.44 33.11 10.69
N ASN K 43 -6.71 32.25 9.98
CA ASN K 43 -6.71 32.21 8.52
C ASN K 43 -6.71 33.61 7.94
N GLY K 44 -5.73 34.40 8.37
CA GLY K 44 -5.46 35.70 7.81
C GLY K 44 -6.16 36.86 8.49
N GLU K 45 -7.31 36.57 9.09
CA GLU K 45 -8.17 37.66 9.60
C GLU K 45 -8.03 37.88 11.09
N ARG K 46 -8.33 39.10 11.51
CA ARG K 46 -8.15 39.50 12.90
C ARG K 46 -9.24 38.88 13.80
N ILE K 47 -8.82 38.03 14.75
CA ILE K 47 -9.71 37.58 15.83
C ILE K 47 -10.01 38.77 16.74
N GLU K 48 -11.22 38.82 17.26
CA GLU K 48 -11.68 40.01 17.96
C GLU K 48 -11.70 39.86 19.46
N LYS K 49 -12.17 38.74 19.98
CA LYS K 49 -12.28 38.58 21.43
C LYS K 49 -10.92 38.31 22.08
N VAL K 50 -9.85 38.93 21.59
CA VAL K 50 -8.54 38.77 22.19
C VAL K 50 -8.48 39.62 23.45
N GLU K 51 -7.87 39.06 24.50
CA GLU K 51 -7.62 39.76 25.75
C GLU K 51 -6.13 39.66 26.06
N HIS K 52 -5.61 40.62 26.82
CA HIS K 52 -4.19 40.63 27.11
C HIS K 52 -3.98 40.69 28.62
N SER K 53 -2.80 40.26 29.05
CA SER K 53 -2.41 40.39 30.44
C SER K 53 -2.18 41.86 30.79
N ASP K 54 -1.81 42.12 32.04
CA ASP K 54 -1.40 43.46 32.44
C ASP K 54 0.08 43.66 32.20
N LEU K 55 0.45 44.91 31.92
CA LEU K 55 1.82 45.23 31.55
C LEU K 55 2.75 45.06 32.73
N SER K 56 3.65 44.09 32.64
CA SER K 56 4.69 43.91 33.62
C SER K 56 6.04 43.86 32.91
N PHE K 57 7.12 43.84 33.68
CA PHE K 57 8.45 43.75 33.10
C PHE K 57 9.33 42.85 33.93
N SER K 58 10.50 42.55 33.36
CA SER K 58 11.46 41.58 33.85
C SER K 58 12.67 42.33 34.36
N LYS K 59 13.62 41.56 34.89
CA LYS K 59 14.81 42.13 35.50
C LYS K 59 15.40 43.31 34.71
N ASP K 60 15.61 43.13 33.39
CA ASP K 60 16.40 44.05 32.59
C ASP K 60 15.62 45.29 32.15
N TRP K 61 14.36 45.40 32.60
CA TRP K 61 13.43 46.50 32.38
C TRP K 61 12.62 46.31 31.10
N SER K 62 12.73 45.13 30.50
CA SER K 62 12.05 44.83 29.24
C SER K 62 10.66 44.23 29.47
N PHE K 63 9.68 44.73 28.71
CA PHE K 63 8.28 44.45 28.94
C PHE K 63 7.88 43.05 28.44
N TYR K 64 6.80 42.51 29.01
CA TYR K 64 6.25 41.23 28.55
C TYR K 64 4.73 41.24 28.70
N LEU K 65 4.05 40.59 27.76
CA LEU K 65 2.60 40.51 27.74
C LEU K 65 2.15 39.15 27.25
N LEU K 66 0.94 38.76 27.62
CA LEU K 66 0.33 37.55 27.08
C LEU K 66 -0.98 37.94 26.46
N TYR K 67 -1.10 37.72 25.17
CA TYR K 67 -2.36 37.90 24.46
C TYR K 67 -2.96 36.53 24.26
N TYR K 68 -4.25 36.40 24.51
CA TYR K 68 -4.89 35.08 24.49
C TYR K 68 -6.32 35.21 24.02
N THR K 69 -6.86 34.11 23.52
CA THR K 69 -8.24 34.03 23.07
C THR K 69 -8.59 32.56 22.97
N GLU K 70 -9.79 32.24 23.44
CA GLU K 70 -10.28 30.88 23.44
C GLU K 70 -10.68 30.48 22.02
N PHE K 71 -10.39 29.23 21.68
CA PHE K 71 -10.63 28.76 20.33
C PHE K 71 -10.74 27.25 20.40
N THR K 72 -11.60 26.72 19.52
CA THR K 72 -11.62 25.29 19.25
C THR K 72 -10.82 25.04 17.99
N PRO K 73 -9.64 24.41 18.09
CA PRO K 73 -8.87 24.10 16.87
C PRO K 73 -9.51 22.98 16.05
N THR K 74 -9.31 23.11 14.74
CA THR K 74 -9.54 22.07 13.76
C THR K 74 -8.26 21.85 12.99
N GLU K 75 -8.33 21.03 11.94
CA GLU K 75 -7.17 20.86 11.07
C GLU K 75 -7.22 21.72 9.82
N LYS K 76 -8.40 22.07 9.31
CA LYS K 76 -8.43 23.00 8.19
C LYS K 76 -7.83 24.34 8.55
N ASP K 77 -8.13 24.80 9.77
CA ASP K 77 -7.79 26.19 10.19
C ASP K 77 -6.31 26.45 10.47
N GLU K 78 -5.91 27.71 10.44
CA GLU K 78 -4.53 28.15 10.59
C GLU K 78 -4.52 29.48 11.33
N TYR K 79 -3.68 29.59 12.37
CA TYR K 79 -3.67 30.76 13.25
C TYR K 79 -2.28 31.37 13.34
N ALA K 80 -2.23 32.65 13.70
CA ALA K 80 -0.95 33.33 13.80
C ALA K 80 -1.09 34.60 14.63
N CYS K 81 0.05 35.19 14.97
CA CYS K 81 0.12 36.35 15.84
C CYS K 81 0.88 37.45 15.12
N ARG K 82 0.20 38.54 14.83
CA ARG K 82 0.76 39.69 14.12
C ARG K 82 1.21 40.73 15.14
N VAL K 83 2.51 40.99 15.22
CA VAL K 83 3.07 41.88 16.24
C VAL K 83 3.73 43.06 15.55
N ASN K 84 3.32 44.25 15.92
CA ASN K 84 3.98 45.47 15.44
C ASN K 84 4.58 46.21 16.63
N HIS K 85 5.77 46.74 16.43
CA HIS K 85 6.50 47.46 17.48
C HIS K 85 7.40 48.49 16.82
N VAL K 86 7.77 49.51 17.59
CA VAL K 86 8.56 50.57 16.99
C VAL K 86 9.94 50.07 16.56
N THR K 87 10.43 48.94 17.08
CA THR K 87 11.74 48.49 16.64
C THR K 87 11.67 47.68 15.34
N LEU K 88 10.47 47.25 14.95
CA LEU K 88 10.32 46.43 13.72
C LEU K 88 10.00 47.36 12.53
N SER K 89 10.70 47.20 11.41
CA SER K 89 10.44 48.01 10.23
C SER K 89 9.11 47.71 9.56
N GLN K 90 8.54 46.53 9.78
CA GLN K 90 7.20 46.22 9.32
C GLN K 90 6.61 45.21 10.27
N PRO K 91 5.29 45.12 10.36
CA PRO K 91 4.69 44.17 11.31
C PRO K 91 5.11 42.75 10.96
N LYS K 92 5.55 42.03 12.00
CA LYS K 92 5.94 40.64 11.94
C LYS K 92 4.77 39.72 12.32
N ILE K 93 4.63 38.62 11.56
CA ILE K 93 3.55 37.65 11.76
C ILE K 93 4.16 36.26 11.98
N VAL K 94 3.84 35.66 13.13
CA VAL K 94 4.34 34.34 13.49
C VAL K 94 3.18 33.37 13.42
N LYS K 95 3.33 32.34 12.58
CA LYS K 95 2.37 31.25 12.45
C LYS K 95 2.41 30.34 13.68
N TRP K 96 1.25 29.78 14.02
CA TRP K 96 1.15 28.90 15.19
C TRP K 96 1.51 27.49 14.75
N ASP K 97 2.55 26.91 15.37
CA ASP K 97 2.92 25.50 15.10
C ASP K 97 2.32 24.65 16.21
N ARG K 98 1.51 23.67 15.84
CA ARG K 98 0.77 22.86 16.83
C ARG K 98 1.70 21.88 17.53
N ASP K 99 3.01 21.97 17.30
CA ASP K 99 3.98 21.01 17.89
C ASP K 99 5.14 21.79 18.52
N MET K 100 5.06 23.11 18.56
CA MET K 100 6.17 23.94 19.08
C MET K 100 5.59 25.13 19.86
N LEU L 1 1.25 45.19 49.88
CA LEU L 1 1.42 46.54 50.48
C LEU L 1 2.33 47.35 49.56
N TYR L 2 1.96 48.60 49.28
CA TYR L 2 2.69 49.43 48.30
C TYR L 2 3.66 50.34 49.03
N LEU L 3 4.63 50.89 48.31
CA LEU L 3 5.64 51.77 48.96
C LEU L 3 4.88 52.97 49.46
N PRO L 4 4.87 53.21 50.78
CA PRO L 4 4.10 54.30 51.32
C PRO L 4 4.88 55.59 51.10
N VAL L 5 6.07 55.45 50.50
CA VAL L 5 6.95 56.64 50.34
C VAL L 5 6.85 57.14 48.90
N ARG L 6 6.94 58.46 48.70
CA ARG L 6 6.75 59.06 47.36
C ARG L 6 7.75 60.19 47.20
N VAL L 7 8.98 59.85 46.81
CA VAL L 7 10.08 60.84 46.68
C VAL L 7 10.21 61.27 45.23
N LEU L 8 11.11 62.20 44.96
CA LEU L 8 11.21 62.75 43.59
C LEU L 8 12.66 62.67 43.12
N ILE L 9 12.87 62.27 41.86
CA ILE L 9 14.22 62.21 41.27
C ILE L 9 14.81 63.61 41.19
#